data_2LOE
#
_entry.id   2LOE
#
_entity_poly.entity_id   1
_entity_poly.type   'polypeptide(L)'
_entity_poly.pdbx_seq_one_letter_code
;EKVKGCDFTTSESTIFSKGYSINEISNKSSNNQQDIVCTVKAHANDLIGFKCPSNYSVEPHDCFVSAFNLSGKNENLENK
LKLTNIIMDHYNNTFYSRLPSLISDNWKFFCVCSKDNEKKLVFTVEA
;
_entity_poly.pdbx_strand_id   A
#
# COMPACT_ATOMS: atom_id res chain seq x y z
N GLU A 1 -4.47 11.91 13.72
CA GLU A 1 -3.72 12.64 12.65
C GLU A 1 -3.99 11.98 11.30
N LYS A 2 -3.30 12.39 10.27
CA LYS A 2 -3.52 11.78 8.94
C LYS A 2 -2.91 10.38 8.92
N VAL A 3 -3.39 9.53 8.04
CA VAL A 3 -2.85 8.13 7.98
C VAL A 3 -1.82 8.03 6.86
N LYS A 4 -0.67 7.48 7.13
CA LYS A 4 0.35 7.34 6.07
C LYS A 4 -0.11 6.28 5.07
N GLY A 5 -0.25 6.63 3.83
CA GLY A 5 -0.69 5.63 2.82
C GLY A 5 -0.86 6.31 1.46
N CYS A 6 -0.96 5.53 0.42
CA CYS A 6 -1.12 6.13 -0.94
C CYS A 6 -2.56 5.94 -1.41
N ASP A 7 -3.15 6.98 -1.94
CA ASP A 7 -4.55 6.87 -2.44
C ASP A 7 -4.55 6.99 -3.96
N PHE A 8 -4.83 5.90 -4.65
CA PHE A 8 -4.86 5.95 -6.13
C PHE A 8 -6.26 6.38 -6.58
N THR A 9 -7.11 6.69 -5.65
CA THR A 9 -8.50 7.09 -6.02
C THR A 9 -8.71 8.59 -5.74
N THR A 10 -7.86 9.20 -4.97
CA THR A 10 -8.06 10.65 -4.66
C THR A 10 -6.71 11.32 -4.40
N SER A 11 -6.33 12.26 -5.22
CA SER A 11 -5.03 12.97 -4.99
C SER A 11 -5.06 13.64 -3.62
N GLU A 12 -6.22 14.07 -3.20
CA GLU A 12 -6.35 14.73 -1.87
C GLU A 12 -7.13 13.83 -0.93
N SER A 13 -6.52 12.79 -0.44
CA SER A 13 -7.25 11.85 0.46
C SER A 13 -7.43 12.47 1.84
N THR A 14 -8.65 12.73 2.22
CA THR A 14 -8.93 13.30 3.56
C THR A 14 -8.57 12.24 4.62
N ILE A 15 -8.05 11.12 4.19
CA ILE A 15 -7.69 10.04 5.14
C ILE A 15 -6.21 9.66 4.97
N PHE A 16 -5.73 9.59 3.76
CA PHE A 16 -4.30 9.21 3.54
C PHE A 16 -3.46 10.46 3.28
N SER A 17 -2.26 10.50 3.79
CA SER A 17 -1.39 11.69 3.59
C SER A 17 -0.87 11.75 2.15
N LYS A 18 -0.82 10.65 1.46
CA LYS A 18 -0.30 10.68 0.06
C LYS A 18 -1.39 10.22 -0.93
N GLY A 19 -1.62 10.97 -1.96
CA GLY A 19 -2.64 10.58 -2.97
C GLY A 19 -2.15 10.94 -4.38
N TYR A 20 -2.63 10.25 -5.38
CA TYR A 20 -2.19 10.55 -6.77
C TYR A 20 -3.41 10.86 -7.64
N SER A 21 -3.23 11.60 -8.70
CA SER A 21 -4.39 11.93 -9.59
C SER A 21 -4.44 10.92 -10.73
N ILE A 22 -5.58 10.75 -11.34
CA ILE A 22 -5.69 9.77 -12.47
C ILE A 22 -4.75 10.19 -13.59
N ASN A 23 -4.41 11.45 -13.67
CA ASN A 23 -3.48 11.91 -14.75
C ASN A 23 -2.04 11.55 -14.37
N GLU A 24 -1.61 11.95 -13.21
CA GLU A 24 -0.20 11.66 -12.79
C GLU A 24 0.11 10.17 -13.01
N ILE A 25 -0.83 9.31 -12.74
CA ILE A 25 -0.56 7.85 -12.93
C ILE A 25 -0.48 7.54 -14.42
N SER A 26 -0.89 8.47 -15.25
CA SER A 26 -0.82 8.22 -16.73
C SER A 26 0.39 8.96 -17.31
N ASN A 27 0.84 9.99 -16.65
CA ASN A 27 2.01 10.75 -17.17
C ASN A 27 3.09 10.83 -16.07
N LYS A 28 2.93 11.70 -15.12
CA LYS A 28 3.94 11.82 -14.03
C LYS A 28 3.92 10.55 -13.19
N SER A 29 4.35 9.45 -13.76
CA SER A 29 4.36 8.17 -13.00
C SER A 29 5.31 8.31 -11.80
N SER A 30 5.43 7.28 -11.01
CA SER A 30 6.33 7.35 -9.82
C SER A 30 7.79 7.32 -10.27
N ASN A 31 8.33 6.16 -10.53
CA ASN A 31 9.74 6.08 -10.98
C ASN A 31 9.80 5.49 -12.40
N ASN A 32 9.28 4.31 -12.59
CA ASN A 32 9.30 3.69 -13.95
C ASN A 32 8.45 4.54 -14.90
N GLN A 33 7.86 3.93 -15.89
CA GLN A 33 7.02 4.70 -16.85
C GLN A 33 5.54 4.47 -16.54
N GLN A 34 5.12 3.25 -16.39
CA GLN A 34 3.70 2.98 -16.09
C GLN A 34 3.57 2.50 -14.64
N ASP A 35 4.40 1.58 -14.23
CA ASP A 35 4.34 1.07 -12.83
C ASP A 35 4.33 2.27 -11.86
N ILE A 36 3.28 2.42 -11.10
CA ILE A 36 3.23 3.56 -10.14
C ILE A 36 3.62 3.04 -8.76
N VAL A 37 4.63 3.61 -8.16
CA VAL A 37 5.06 3.14 -6.81
C VAL A 37 4.95 4.28 -5.80
N CYS A 38 4.31 4.04 -4.69
CA CYS A 38 4.20 5.09 -3.65
C CYS A 38 5.19 4.78 -2.53
N THR A 39 6.29 5.46 -2.50
CA THR A 39 7.31 5.19 -1.44
C THR A 39 7.08 6.16 -0.27
N VAL A 40 6.83 5.64 0.90
CA VAL A 40 6.61 6.51 2.08
C VAL A 40 7.32 5.91 3.30
N LYS A 41 7.62 6.70 4.28
CA LYS A 41 8.30 6.16 5.49
C LYS A 41 7.28 5.95 6.61
N ALA A 42 7.17 4.74 7.10
CA ALA A 42 6.19 4.47 8.19
C ALA A 42 6.88 4.61 9.55
N HIS A 43 6.12 4.70 10.61
CA HIS A 43 6.73 4.84 11.96
C HIS A 43 5.96 3.97 12.96
N ALA A 44 6.63 3.53 14.01
CA ALA A 44 5.95 2.67 15.02
C ALA A 44 4.69 3.37 15.53
N ASN A 45 4.64 4.67 15.48
CA ASN A 45 3.44 5.40 15.97
C ASN A 45 2.58 5.83 14.77
N ASP A 46 3.19 5.97 13.62
CA ASP A 46 2.41 6.40 12.43
C ASP A 46 1.52 5.27 11.94
N LEU A 47 0.31 5.55 11.55
CA LEU A 47 -0.60 4.48 11.05
C LEU A 47 -0.25 4.20 9.59
N ILE A 48 -0.35 2.96 9.17
CA ILE A 48 -0.01 2.63 7.76
C ILE A 48 -1.22 1.99 7.07
N GLY A 49 -1.42 2.28 5.81
CA GLY A 49 -2.56 1.68 5.07
C GLY A 49 -2.57 2.23 3.64
N PHE A 50 -3.56 1.88 2.85
CA PHE A 50 -3.63 2.39 1.46
C PHE A 50 -5.00 2.10 0.86
N LYS A 51 -5.30 2.67 -0.29
CA LYS A 51 -6.63 2.42 -0.91
C LYS A 51 -6.50 2.48 -2.44
N CYS A 52 -7.27 1.69 -3.13
CA CYS A 52 -7.23 1.68 -4.62
C CYS A 52 -8.64 1.91 -5.16
N PRO A 53 -8.76 2.47 -6.34
CA PRO A 53 -10.10 2.74 -6.96
C PRO A 53 -10.99 1.50 -6.96
N SER A 54 -12.28 1.68 -6.97
CA SER A 54 -13.22 0.52 -6.95
C SER A 54 -13.22 -0.19 -8.30
N ASN A 55 -12.63 0.38 -9.31
CA ASN A 55 -12.61 -0.27 -10.64
C ASN A 55 -11.36 -1.13 -10.80
N TYR A 56 -10.48 -1.12 -9.83
CA TYR A 56 -9.25 -1.95 -9.92
C TYR A 56 -9.34 -3.16 -8.99
N SER A 57 -8.54 -4.16 -9.21
CA SER A 57 -8.57 -5.37 -8.34
C SER A 57 -7.45 -5.30 -7.32
N VAL A 58 -7.70 -5.66 -6.10
CA VAL A 58 -6.62 -5.59 -5.07
C VAL A 58 -5.92 -6.95 -4.93
N GLU A 59 -4.66 -6.99 -5.24
CA GLU A 59 -3.88 -8.26 -5.12
C GLU A 59 -2.66 -7.98 -4.25
N PRO A 60 -2.43 -8.75 -3.23
CA PRO A 60 -1.27 -8.53 -2.32
C PRO A 60 0.04 -9.04 -2.92
N HIS A 61 0.93 -8.15 -3.27
CA HIS A 61 2.23 -8.59 -3.85
C HIS A 61 3.22 -8.76 -2.69
N ASP A 62 3.00 -8.03 -1.62
CA ASP A 62 3.90 -8.14 -0.44
C ASP A 62 3.21 -7.44 0.74
N CYS A 63 1.93 -7.66 0.90
CA CYS A 63 1.18 -7.03 2.01
C CYS A 63 1.65 -7.61 3.35
N PHE A 64 0.84 -7.54 4.37
CA PHE A 64 1.27 -8.07 5.70
C PHE A 64 0.46 -9.31 6.10
N VAL A 65 -0.85 -9.26 6.03
CA VAL A 65 -1.64 -10.46 6.45
C VAL A 65 -1.21 -11.66 5.60
N SER A 66 -1.15 -11.49 4.32
CA SER A 66 -0.72 -12.60 3.42
C SER A 66 -0.20 -12.00 2.12
N ALA A 67 0.97 -12.38 1.69
CA ALA A 67 1.51 -11.79 0.43
C ALA A 67 2.81 -12.48 0.03
N PHE A 68 3.42 -12.04 -1.03
CA PHE A 68 4.69 -12.66 -1.49
C PHE A 68 5.86 -11.86 -0.91
N ASN A 69 6.79 -12.52 -0.26
CA ASN A 69 7.93 -11.77 0.34
C ASN A 69 8.85 -11.25 -0.76
N LEU A 70 9.95 -10.65 -0.40
CA LEU A 70 10.89 -10.11 -1.42
C LEU A 70 11.41 -11.27 -2.27
N SER A 71 11.39 -12.47 -1.75
CA SER A 71 11.86 -13.64 -2.53
C SER A 71 10.74 -14.12 -3.43
N GLY A 72 9.58 -13.53 -3.30
CA GLY A 72 8.43 -13.94 -4.15
C GLY A 72 7.76 -15.18 -3.54
N LYS A 73 8.00 -15.43 -2.28
CA LYS A 73 7.38 -16.62 -1.63
C LYS A 73 6.16 -16.16 -0.81
N ASN A 74 5.11 -16.93 -0.80
CA ASN A 74 3.90 -16.52 -0.03
C ASN A 74 4.06 -16.92 1.44
N GLU A 75 4.21 -15.95 2.31
CA GLU A 75 4.37 -16.25 3.76
C GLU A 75 3.71 -15.14 4.59
N ASN A 76 3.07 -15.50 5.66
CA ASN A 76 2.41 -14.46 6.52
C ASN A 76 3.47 -13.51 7.05
N LEU A 77 3.13 -12.25 7.22
CA LEU A 77 4.14 -11.27 7.73
C LEU A 77 3.95 -11.08 9.24
N GLU A 78 3.09 -11.85 9.86
CA GLU A 78 2.86 -11.71 11.32
C GLU A 78 4.09 -12.21 12.08
N ASN A 79 4.66 -13.31 11.66
CA ASN A 79 5.86 -13.84 12.36
C ASN A 79 6.98 -12.78 12.31
N LYS A 80 6.97 -11.94 11.30
CA LYS A 80 8.01 -10.88 11.19
C LYS A 80 7.63 -9.70 12.07
N LEU A 81 6.40 -9.28 12.01
CA LEU A 81 5.94 -8.13 12.84
C LEU A 81 4.55 -8.43 13.41
N LYS A 82 4.33 -8.19 14.66
CA LYS A 82 3.00 -8.47 15.26
C LYS A 82 2.09 -7.25 15.06
N LEU A 83 1.44 -7.16 13.94
CA LEU A 83 0.53 -6.00 13.68
C LEU A 83 -0.74 -6.15 14.53
N THR A 84 -1.32 -5.04 14.93
CA THR A 84 -2.56 -5.10 15.76
C THR A 84 -3.63 -4.23 15.12
N ASN A 85 -4.87 -4.42 15.50
CA ASN A 85 -5.96 -3.59 14.92
C ASN A 85 -5.91 -3.67 13.39
N ILE A 86 -5.90 -4.87 12.86
CA ILE A 86 -5.85 -5.04 11.38
C ILE A 86 -7.26 -4.86 10.79
N ILE A 87 -7.38 -4.04 9.77
CA ILE A 87 -8.71 -3.82 9.13
C ILE A 87 -8.62 -4.15 7.63
N MET A 88 -9.43 -5.06 7.16
CA MET A 88 -9.38 -5.41 5.70
C MET A 88 -10.75 -5.22 5.06
N ASP A 89 -10.91 -4.20 4.25
CA ASP A 89 -12.21 -3.95 3.58
C ASP A 89 -12.05 -4.13 2.08
N HIS A 90 -12.47 -5.25 1.55
CA HIS A 90 -12.32 -5.50 0.09
C HIS A 90 -13.33 -4.65 -0.71
N TYR A 91 -14.50 -4.44 -0.17
CA TYR A 91 -15.51 -3.62 -0.91
C TYR A 91 -14.96 -2.22 -1.16
N ASN A 92 -14.38 -1.61 -0.15
CA ASN A 92 -13.83 -0.24 -0.35
C ASN A 92 -12.38 -0.35 -0.81
N ASN A 93 -11.86 -1.55 -0.87
CA ASN A 93 -10.45 -1.74 -1.33
C ASN A 93 -9.50 -0.89 -0.48
N THR A 94 -9.63 -0.94 0.82
CA THR A 94 -8.73 -0.12 1.69
C THR A 94 -8.18 -1.01 2.82
N PHE A 95 -6.91 -0.91 3.11
CA PHE A 95 -6.32 -1.74 4.19
C PHE A 95 -5.59 -0.86 5.21
N TYR A 96 -5.72 -1.16 6.48
CA TYR A 96 -5.03 -0.34 7.52
C TYR A 96 -4.37 -1.28 8.55
N SER A 97 -3.26 -0.88 9.09
CA SER A 97 -2.58 -1.74 10.12
C SER A 97 -1.90 -0.83 11.15
N ARG A 98 -1.87 -1.25 12.40
CA ARG A 98 -1.22 -0.40 13.44
C ARG A 98 0.18 -0.94 13.75
N LEU A 99 1.17 -0.10 13.71
CA LEU A 99 2.56 -0.56 13.99
C LEU A 99 2.85 -0.44 15.49
N PRO A 100 3.52 -1.42 16.06
CA PRO A 100 3.88 -1.38 17.50
C PRO A 100 4.48 -0.02 17.88
N SER A 101 4.91 0.15 19.10
CA SER A 101 5.48 1.46 19.51
C SER A 101 7.00 1.46 19.26
N LEU A 102 7.56 0.33 18.92
CA LEU A 102 9.03 0.27 18.69
C LEU A 102 9.35 -0.53 17.42
N ILE A 103 10.15 0.03 16.55
CA ILE A 103 10.54 -0.70 15.31
C ILE A 103 11.93 -0.23 14.88
N SER A 104 12.93 -1.07 15.03
CA SER A 104 14.31 -0.66 14.63
C SER A 104 14.74 -1.44 13.38
N ASP A 105 13.89 -2.30 12.88
CA ASP A 105 14.26 -3.09 11.68
C ASP A 105 14.02 -2.27 10.41
N ASN A 106 14.76 -2.54 9.37
CA ASN A 106 14.58 -1.78 8.09
C ASN A 106 13.72 -2.61 7.14
N TRP A 107 12.79 -3.37 7.66
CA TRP A 107 11.95 -4.23 6.79
C TRP A 107 11.06 -3.35 5.89
N LYS A 108 10.71 -3.86 4.73
CA LYS A 108 9.84 -3.09 3.80
C LYS A 108 8.77 -4.04 3.25
N PHE A 109 7.66 -3.51 2.81
CA PHE A 109 6.59 -4.39 2.25
C PHE A 109 5.71 -3.57 1.30
N PHE A 110 5.02 -4.19 0.40
CA PHE A 110 4.17 -3.40 -0.54
C PHE A 110 2.95 -4.20 -1.02
N CYS A 111 1.92 -3.50 -1.44
CA CYS A 111 0.69 -4.16 -1.96
C CYS A 111 0.46 -3.69 -3.39
N VAL A 112 -0.28 -4.41 -4.19
CA VAL A 112 -0.49 -3.97 -5.59
C VAL A 112 -1.96 -4.03 -6.00
N CYS A 113 -2.36 -3.16 -6.90
CA CYS A 113 -3.75 -3.15 -7.41
C CYS A 113 -3.67 -3.18 -8.94
N SER A 114 -4.44 -4.00 -9.60
CA SER A 114 -4.33 -4.02 -11.10
C SER A 114 -5.49 -4.79 -11.74
N LYS A 115 -5.51 -4.81 -13.04
CA LYS A 115 -6.56 -5.55 -13.80
C LYS A 115 -5.99 -5.89 -15.19
N ASP A 116 -6.64 -6.72 -15.94
CA ASP A 116 -6.12 -7.06 -17.29
C ASP A 116 -5.98 -5.77 -18.11
N ASN A 117 -5.03 -5.72 -19.00
CA ASN A 117 -4.85 -4.48 -19.83
C ASN A 117 -5.04 -3.24 -18.96
N GLU A 118 -4.24 -3.06 -17.94
CA GLU A 118 -4.40 -1.86 -17.06
C GLU A 118 -3.08 -1.56 -16.33
N LYS A 119 -2.71 -0.31 -16.26
CA LYS A 119 -1.45 0.05 -15.56
C LYS A 119 -1.51 -0.47 -14.12
N LYS A 120 -0.46 -1.10 -13.65
CA LYS A 120 -0.48 -1.65 -12.26
C LYS A 120 -0.08 -0.57 -11.25
N LEU A 121 -0.68 -0.57 -10.10
CA LEU A 121 -0.34 0.45 -9.05
C LEU A 121 0.36 -0.26 -7.89
N VAL A 122 1.54 0.18 -7.52
CA VAL A 122 2.26 -0.48 -6.39
C VAL A 122 2.31 0.43 -5.17
N PHE A 123 1.96 -0.09 -4.02
CA PHE A 123 1.99 0.71 -2.77
C PHE A 123 3.14 0.17 -1.90
N THR A 124 4.11 0.98 -1.55
CA THR A 124 5.24 0.45 -0.73
C THR A 124 5.64 1.41 0.39
N VAL A 125 6.01 0.85 1.52
CA VAL A 125 6.46 1.69 2.68
C VAL A 125 7.70 1.04 3.28
N GLU A 126 8.49 1.77 4.03
CA GLU A 126 9.72 1.17 4.63
C GLU A 126 9.83 1.57 6.10
N ALA A 127 10.43 0.73 6.91
CA ALA A 127 10.58 1.05 8.36
C ALA A 127 11.70 0.18 8.95
N GLU A 1 -4.93 13.38 12.62
CA GLU A 1 -4.39 14.08 11.43
C GLU A 1 -4.69 13.27 10.17
N LYS A 2 -3.71 12.58 9.64
CA LYS A 2 -3.95 11.78 8.42
C LYS A 2 -3.16 10.47 8.52
N VAL A 3 -3.63 9.42 7.88
CA VAL A 3 -2.92 8.12 7.94
C VAL A 3 -1.86 8.03 6.84
N LYS A 4 -0.68 7.55 7.15
CA LYS A 4 0.36 7.43 6.11
C LYS A 4 -0.06 6.36 5.12
N GLY A 5 -0.12 6.69 3.85
CA GLY A 5 -0.53 5.68 2.84
C GLY A 5 -0.64 6.34 1.47
N CYS A 6 -0.98 5.57 0.47
CA CYS A 6 -1.10 6.15 -0.90
C CYS A 6 -2.55 5.98 -1.39
N ASP A 7 -3.12 7.02 -1.91
CA ASP A 7 -4.52 6.94 -2.43
C ASP A 7 -4.51 7.01 -3.96
N PHE A 8 -4.79 5.91 -4.61
CA PHE A 8 -4.81 5.92 -6.09
C PHE A 8 -6.21 6.31 -6.58
N THR A 9 -7.10 6.55 -5.66
CA THR A 9 -8.50 6.91 -6.04
C THR A 9 -8.70 8.43 -5.99
N THR A 10 -7.85 9.13 -5.30
CA THR A 10 -8.03 10.61 -5.22
C THR A 10 -6.70 11.29 -4.86
N SER A 11 -6.29 12.26 -5.65
CA SER A 11 -5.01 12.95 -5.35
C SER A 11 -5.15 13.69 -4.01
N GLU A 12 -6.35 14.05 -3.66
CA GLU A 12 -6.58 14.77 -2.37
C GLU A 12 -7.38 13.87 -1.43
N SER A 13 -6.76 12.86 -0.89
CA SER A 13 -7.49 11.94 0.01
C SER A 13 -7.83 12.65 1.33
N THR A 14 -8.90 12.23 1.95
CA THR A 14 -9.30 12.86 3.24
C THR A 14 -8.88 11.94 4.38
N ILE A 15 -8.26 10.84 4.05
CA ILE A 15 -7.82 9.87 5.09
C ILE A 15 -6.32 9.60 4.96
N PHE A 16 -5.74 9.85 3.81
CA PHE A 16 -4.28 9.58 3.62
C PHE A 16 -3.53 10.89 3.36
N SER A 17 -2.33 10.99 3.85
CA SER A 17 -1.54 12.24 3.65
C SER A 17 -1.05 12.35 2.20
N LYS A 18 -1.06 11.27 1.46
CA LYS A 18 -0.59 11.34 0.05
C LYS A 18 -1.55 10.60 -0.89
N GLY A 19 -1.71 11.09 -2.09
CA GLY A 19 -2.62 10.42 -3.05
C GLY A 19 -2.27 10.84 -4.48
N TYR A 20 -2.90 10.24 -5.46
CA TYR A 20 -2.59 10.60 -6.88
C TYR A 20 -3.91 10.83 -7.64
N SER A 21 -3.82 11.45 -8.78
CA SER A 21 -5.06 11.70 -9.57
C SER A 21 -5.23 10.59 -10.61
N ILE A 22 -6.45 10.30 -11.00
CA ILE A 22 -6.67 9.21 -12.00
C ILE A 22 -5.93 9.56 -13.29
N ASN A 23 -5.82 10.82 -13.61
CA ASN A 23 -5.10 11.23 -14.85
C ASN A 23 -3.62 10.87 -14.73
N GLU A 24 -3.05 11.05 -13.56
CA GLU A 24 -1.60 10.73 -13.38
C GLU A 24 -1.37 9.23 -13.54
N ILE A 25 -2.21 8.41 -12.97
CA ILE A 25 -2.02 6.94 -13.11
C ILE A 25 -2.66 6.44 -14.39
N SER A 26 -3.57 7.20 -14.94
CA SER A 26 -4.24 6.78 -16.21
C SER A 26 -3.38 7.20 -17.38
N ASN A 27 -3.41 8.48 -17.74
CA ASN A 27 -2.61 8.97 -18.91
C ASN A 27 -1.84 7.81 -19.53
N LYS A 28 -2.37 7.22 -20.57
CA LYS A 28 -1.70 6.06 -21.20
C LYS A 28 -0.38 6.51 -21.84
N SER A 29 0.28 7.46 -21.23
CA SER A 29 1.56 7.94 -21.79
C SER A 29 2.58 6.79 -21.79
N SER A 30 2.39 5.82 -22.63
CA SER A 30 3.33 4.66 -22.69
C SER A 30 4.76 5.16 -22.44
N ASN A 31 5.03 6.40 -22.76
CA ASN A 31 6.40 6.95 -22.54
C ASN A 31 6.68 7.07 -21.03
N ASN A 32 6.15 6.16 -20.25
CA ASN A 32 6.38 6.22 -18.79
C ASN A 32 6.21 4.82 -18.19
N GLN A 33 7.23 4.30 -17.56
CA GLN A 33 7.14 2.94 -16.97
C GLN A 33 5.73 2.70 -16.44
N GLN A 34 5.07 1.69 -16.92
CA GLN A 34 3.68 1.41 -16.45
C GLN A 34 3.73 0.87 -15.03
N ASP A 35 4.59 1.39 -14.21
CA ASP A 35 4.70 0.90 -12.80
C ASP A 35 4.68 2.10 -11.85
N ILE A 36 3.61 2.29 -11.12
CA ILE A 36 3.55 3.43 -10.17
C ILE A 36 3.86 2.90 -8.77
N VAL A 37 4.83 3.47 -8.10
CA VAL A 37 5.19 2.98 -6.73
C VAL A 37 5.05 4.11 -5.71
N CYS A 38 4.35 3.86 -4.63
CA CYS A 38 4.22 4.90 -3.59
C CYS A 38 5.21 4.60 -2.46
N THR A 39 6.32 5.27 -2.44
CA THR A 39 7.32 4.99 -1.36
C THR A 39 7.13 5.99 -0.22
N VAL A 40 6.86 5.51 0.96
CA VAL A 40 6.67 6.43 2.12
C VAL A 40 7.29 5.80 3.37
N LYS A 41 7.71 6.60 4.31
CA LYS A 41 8.31 6.02 5.55
C LYS A 41 7.22 5.88 6.62
N ALA A 42 7.16 4.76 7.25
CA ALA A 42 6.12 4.56 8.30
C ALA A 42 6.75 4.70 9.69
N HIS A 43 6.00 5.22 10.63
CA HIS A 43 6.55 5.40 12.02
C HIS A 43 5.77 4.52 12.99
N ALA A 44 6.41 4.09 14.04
CA ALA A 44 5.72 3.22 15.04
C ALA A 44 4.45 3.91 15.56
N ASN A 45 4.42 5.21 15.51
CA ASN A 45 3.22 5.95 16.01
C ASN A 45 2.32 6.31 14.82
N ASP A 46 2.89 6.39 13.65
CA ASP A 46 2.07 6.76 12.46
C ASP A 46 1.22 5.57 12.01
N LEU A 47 -0.02 5.80 11.67
CA LEU A 47 -0.89 4.68 11.21
C LEU A 47 -0.51 4.34 9.77
N ILE A 48 -0.60 3.09 9.38
CA ILE A 48 -0.22 2.71 7.99
C ILE A 48 -1.42 2.08 7.28
N GLY A 49 -1.58 2.38 6.02
CA GLY A 49 -2.73 1.80 5.25
C GLY A 49 -2.72 2.34 3.83
N PHE A 50 -3.73 2.04 3.05
CA PHE A 50 -3.76 2.56 1.65
C PHE A 50 -5.12 2.28 1.03
N LYS A 51 -5.39 2.85 -0.12
CA LYS A 51 -6.72 2.62 -0.78
C LYS A 51 -6.54 2.59 -2.29
N CYS A 52 -7.29 1.74 -2.96
CA CYS A 52 -7.21 1.65 -4.45
C CYS A 52 -8.60 1.88 -5.02
N PRO A 53 -8.71 2.39 -6.23
CA PRO A 53 -10.02 2.65 -6.87
C PRO A 53 -10.94 1.41 -6.84
N SER A 54 -12.23 1.63 -6.75
CA SER A 54 -13.16 0.47 -6.69
C SER A 54 -13.24 -0.22 -8.06
N ASN A 55 -12.71 0.37 -9.08
CA ASN A 55 -12.77 -0.27 -10.43
C ASN A 55 -11.52 -1.13 -10.66
N TYR A 56 -10.64 -1.19 -9.70
CA TYR A 56 -9.40 -2.01 -9.86
C TYR A 56 -9.45 -3.23 -8.95
N SER A 57 -8.58 -4.19 -9.18
CA SER A 57 -8.57 -5.42 -8.32
C SER A 57 -7.40 -5.33 -7.34
N VAL A 58 -7.64 -5.56 -6.08
CA VAL A 58 -6.52 -5.47 -5.09
C VAL A 58 -5.84 -6.84 -4.95
N GLU A 59 -4.59 -6.90 -5.27
CA GLU A 59 -3.83 -8.18 -5.14
C GLU A 59 -2.60 -7.93 -4.26
N PRO A 60 -2.40 -8.70 -3.21
CA PRO A 60 -1.24 -8.51 -2.31
C PRO A 60 0.04 -9.06 -2.91
N HIS A 61 1.00 -8.21 -3.19
CA HIS A 61 2.29 -8.70 -3.76
C HIS A 61 3.25 -8.90 -2.59
N ASP A 62 3.03 -8.21 -1.51
CA ASP A 62 3.91 -8.35 -0.32
C ASP A 62 3.24 -7.61 0.85
N CYS A 63 1.94 -7.73 0.97
CA CYS A 63 1.22 -7.03 2.07
C CYS A 63 1.68 -7.58 3.43
N PHE A 64 0.85 -7.50 4.44
CA PHE A 64 1.26 -8.00 5.79
C PHE A 64 0.50 -9.28 6.17
N VAL A 65 -0.80 -9.25 6.23
CA VAL A 65 -1.54 -10.50 6.60
C VAL A 65 -0.96 -11.68 5.82
N SER A 66 -1.20 -11.72 4.55
CA SER A 66 -0.65 -12.83 3.70
C SER A 66 -0.21 -12.23 2.36
N ALA A 67 0.96 -12.55 1.90
CA ALA A 67 1.41 -11.98 0.60
C ALA A 67 2.70 -12.64 0.14
N PHE A 68 3.17 -12.28 -1.03
CA PHE A 68 4.42 -12.89 -1.55
C PHE A 68 5.60 -12.00 -1.15
N ASN A 69 6.72 -12.58 -0.81
CA ASN A 69 7.89 -11.75 -0.41
C ASN A 69 8.64 -11.27 -1.64
N LEU A 70 9.80 -10.69 -1.45
CA LEU A 70 10.58 -10.20 -2.61
C LEU A 70 11.04 -11.40 -3.44
N SER A 71 10.97 -12.57 -2.89
CA SER A 71 11.38 -13.79 -3.65
C SER A 71 10.19 -14.28 -4.47
N GLY A 72 9.03 -13.72 -4.24
CA GLY A 72 7.83 -14.15 -5.01
C GLY A 72 7.24 -15.40 -4.36
N LYS A 73 7.58 -15.66 -3.12
CA LYS A 73 7.04 -16.87 -2.43
C LYS A 73 5.97 -16.45 -1.42
N ASN A 74 4.91 -17.19 -1.32
CA ASN A 74 3.83 -16.83 -0.34
C ASN A 74 4.35 -16.96 1.09
N GLU A 75 4.24 -15.92 1.87
CA GLU A 75 4.73 -15.98 3.28
C GLU A 75 3.83 -15.13 4.18
N ASN A 76 3.93 -15.30 5.47
CA ASN A 76 3.09 -14.51 6.42
C ASN A 76 3.94 -13.43 7.09
N LEU A 77 3.43 -12.23 7.21
CA LEU A 77 4.23 -11.15 7.86
C LEU A 77 3.89 -11.07 9.35
N GLU A 78 2.90 -11.80 9.80
CA GLU A 78 2.54 -11.73 11.24
C GLU A 78 3.74 -12.15 12.09
N ASN A 79 4.40 -13.22 11.73
CA ASN A 79 5.59 -13.66 12.51
C ASN A 79 6.68 -12.60 12.38
N LYS A 80 6.77 -11.97 11.24
CA LYS A 80 7.81 -10.92 11.05
C LYS A 80 7.47 -9.70 11.90
N LEU A 81 6.26 -9.20 11.78
CA LEU A 81 5.85 -8.01 12.57
C LEU A 81 4.52 -8.31 13.28
N LYS A 82 4.45 -8.13 14.57
CA LYS A 82 3.18 -8.41 15.29
C LYS A 82 2.21 -7.26 15.05
N LEU A 83 1.18 -7.49 14.27
CA LEU A 83 0.19 -6.41 13.97
C LEU A 83 -1.10 -6.65 14.75
N THR A 84 -1.66 -5.61 15.31
CA THR A 84 -2.93 -5.76 16.08
C THR A 84 -3.98 -4.82 15.51
N ASN A 85 -5.23 -5.05 15.82
CA ASN A 85 -6.30 -4.16 15.29
C ASN A 85 -6.21 -4.11 13.76
N ILE A 86 -6.16 -5.25 13.11
CA ILE A 86 -6.07 -5.27 11.64
C ILE A 86 -7.44 -5.00 11.01
N ILE A 87 -7.50 -4.08 10.06
CA ILE A 87 -8.80 -3.77 9.40
C ILE A 87 -8.68 -4.03 7.89
N MET A 88 -9.47 -4.92 7.36
CA MET A 88 -9.39 -5.22 5.90
C MET A 88 -10.76 -5.02 5.24
N ASP A 89 -10.90 -3.99 4.45
CA ASP A 89 -12.21 -3.74 3.76
C ASP A 89 -12.04 -3.98 2.26
N HIS A 90 -12.45 -5.11 1.76
CA HIS A 90 -12.31 -5.40 0.31
C HIS A 90 -13.29 -4.55 -0.51
N TYR A 91 -14.47 -4.32 -0.01
CA TYR A 91 -15.46 -3.51 -0.79
C TYR A 91 -14.89 -2.11 -1.02
N ASN A 92 -14.36 -1.49 0.00
CA ASN A 92 -13.80 -0.12 -0.18
C ASN A 92 -12.34 -0.24 -0.62
N ASN A 93 -11.82 -1.44 -0.67
CA ASN A 93 -10.42 -1.64 -1.12
C ASN A 93 -9.47 -0.78 -0.29
N THR A 94 -9.61 -0.81 1.01
CA THR A 94 -8.71 0.01 1.89
C THR A 94 -8.20 -0.84 3.05
N PHE A 95 -6.95 -0.71 3.40
CA PHE A 95 -6.40 -1.53 4.52
C PHE A 95 -5.70 -0.62 5.54
N TYR A 96 -5.85 -0.89 6.81
CA TYR A 96 -5.20 -0.05 7.85
C TYR A 96 -4.64 -0.96 8.95
N SER A 97 -3.56 -0.56 9.57
CA SER A 97 -2.96 -1.38 10.66
C SER A 97 -2.11 -0.49 11.57
N ARG A 98 -1.85 -0.93 12.78
CA ARG A 98 -1.02 -0.10 13.71
C ARG A 98 0.38 -0.68 13.80
N LEU A 99 1.37 0.16 13.84
CA LEU A 99 2.77 -0.33 13.91
C LEU A 99 3.20 -0.40 15.39
N PRO A 100 3.91 -1.44 15.78
CA PRO A 100 4.38 -1.58 17.17
C PRO A 100 5.02 -0.28 17.68
N SER A 101 5.09 -0.09 18.96
CA SER A 101 5.69 1.16 19.50
C SER A 101 7.19 1.18 19.24
N LEU A 102 7.77 0.03 18.96
CA LEU A 102 9.24 -0.03 18.72
C LEU A 102 9.54 -0.68 17.36
N ILE A 103 10.35 -0.05 16.55
CA ILE A 103 10.70 -0.63 15.22
C ILE A 103 12.11 -0.18 14.85
N SER A 104 13.09 -1.04 14.99
CA SER A 104 14.50 -0.64 14.66
C SER A 104 14.98 -1.44 13.44
N ASP A 105 14.13 -2.26 12.88
CA ASP A 105 14.55 -3.07 11.70
C ASP A 105 14.28 -2.29 10.41
N ASN A 106 15.00 -2.61 9.37
CA ASN A 106 14.80 -1.90 8.06
C ASN A 106 13.87 -2.75 7.18
N TRP A 107 12.94 -3.42 7.78
CA TRP A 107 12.03 -4.30 6.97
C TRP A 107 11.22 -3.46 5.98
N LYS A 108 10.80 -4.07 4.90
CA LYS A 108 10.03 -3.35 3.86
C LYS A 108 8.93 -4.27 3.33
N PHE A 109 7.83 -3.72 2.91
CA PHE A 109 6.73 -4.58 2.36
C PHE A 109 5.87 -3.74 1.42
N PHE A 110 5.08 -4.36 0.58
CA PHE A 110 4.25 -3.56 -0.36
C PHE A 110 2.99 -4.31 -0.80
N CYS A 111 2.02 -3.58 -1.28
CA CYS A 111 0.75 -4.19 -1.78
C CYS A 111 0.56 -3.76 -3.23
N VAL A 112 -0.16 -4.51 -4.02
CA VAL A 112 -0.34 -4.12 -5.46
C VAL A 112 -1.82 -4.11 -5.88
N CYS A 113 -2.19 -3.11 -6.65
CA CYS A 113 -3.58 -3.01 -7.17
C CYS A 113 -3.48 -2.96 -8.70
N SER A 114 -4.26 -3.74 -9.42
CA SER A 114 -4.12 -3.69 -10.90
C SER A 114 -5.23 -4.51 -11.58
N LYS A 115 -5.21 -4.49 -12.89
CA LYS A 115 -6.20 -5.26 -13.70
C LYS A 115 -5.53 -5.65 -15.02
N ASP A 116 -6.08 -6.60 -15.74
CA ASP A 116 -5.45 -7.00 -17.03
C ASP A 116 -5.40 -5.78 -17.95
N ASN A 117 -4.47 -5.76 -18.88
CA ASN A 117 -4.38 -4.60 -19.81
C ASN A 117 -4.52 -3.29 -19.03
N GLU A 118 -3.65 -3.04 -18.08
CA GLU A 118 -3.74 -1.78 -17.29
C GLU A 118 -2.43 -1.55 -16.51
N LYS A 119 -2.06 -0.30 -16.35
CA LYS A 119 -0.80 0.00 -15.59
C LYS A 119 -0.90 -0.59 -14.18
N LYS A 120 0.17 -1.12 -13.67
CA LYS A 120 0.13 -1.72 -12.30
C LYS A 120 0.42 -0.66 -11.23
N LEU A 121 -0.29 -0.71 -10.13
CA LEU A 121 -0.05 0.28 -9.04
C LEU A 121 0.61 -0.43 -7.86
N VAL A 122 1.79 0.00 -7.45
CA VAL A 122 2.48 -0.67 -6.31
C VAL A 122 2.48 0.23 -5.08
N PHE A 123 2.09 -0.30 -3.96
CA PHE A 123 2.08 0.50 -2.70
C PHE A 123 3.21 -0.03 -1.82
N THR A 124 4.18 0.79 -1.48
CA THR A 124 5.32 0.28 -0.65
C THR A 124 5.72 1.27 0.46
N VAL A 125 6.05 0.73 1.61
CA VAL A 125 6.49 1.58 2.75
C VAL A 125 7.75 0.93 3.35
N GLU A 126 8.55 1.69 4.07
CA GLU A 126 9.79 1.11 4.66
C GLU A 126 9.90 1.51 6.13
N ALA A 127 10.56 0.69 6.92
CA ALA A 127 10.72 1.02 8.37
C ALA A 127 11.86 0.19 8.95
N GLU A 1 -5.00 12.41 13.44
CA GLU A 1 -3.76 12.46 12.61
C GLU A 1 -4.01 11.76 11.26
N LYS A 2 -3.33 12.19 10.23
CA LYS A 2 -3.54 11.55 8.90
C LYS A 2 -2.86 10.18 8.88
N VAL A 3 -3.31 9.30 8.04
CA VAL A 3 -2.70 7.93 7.99
C VAL A 3 -1.67 7.86 6.86
N LYS A 4 -0.51 7.33 7.13
CA LYS A 4 0.51 7.23 6.05
C LYS A 4 0.06 6.20 5.03
N GLY A 5 -0.08 6.59 3.79
CA GLY A 5 -0.52 5.63 2.75
C GLY A 5 -0.64 6.33 1.41
N CYS A 6 -0.96 5.60 0.38
CA CYS A 6 -1.08 6.21 -0.97
C CYS A 6 -2.54 6.08 -1.45
N ASP A 7 -3.13 7.17 -1.87
CA ASP A 7 -4.53 7.12 -2.36
C ASP A 7 -4.54 7.18 -3.88
N PHE A 8 -4.90 6.12 -4.54
CA PHE A 8 -4.93 6.13 -6.02
C PHE A 8 -6.33 6.54 -6.48
N THR A 9 -7.22 6.79 -5.56
CA THR A 9 -8.61 7.17 -5.92
C THR A 9 -8.83 8.67 -5.73
N THR A 10 -7.97 9.33 -4.99
CA THR A 10 -8.17 10.79 -4.77
C THR A 10 -6.83 11.45 -4.42
N SER A 11 -6.45 12.46 -5.15
CA SER A 11 -5.17 13.16 -4.85
C SER A 11 -5.28 13.85 -3.49
N GLU A 12 -6.48 14.18 -3.09
CA GLU A 12 -6.68 14.83 -1.77
C GLU A 12 -7.46 13.88 -0.86
N SER A 13 -6.83 12.84 -0.39
CA SER A 13 -7.55 11.88 0.48
C SER A 13 -7.90 12.51 1.82
N THR A 14 -8.96 12.08 2.43
CA THR A 14 -9.36 12.63 3.75
C THR A 14 -8.89 11.67 4.83
N ILE A 15 -8.25 10.60 4.44
CA ILE A 15 -7.76 9.61 5.44
C ILE A 15 -6.26 9.37 5.25
N PHE A 16 -5.75 9.55 4.06
CA PHE A 16 -4.29 9.32 3.82
C PHE A 16 -3.59 10.65 3.57
N SER A 17 -2.47 10.85 4.21
CA SER A 17 -1.73 12.14 4.03
C SER A 17 -1.15 12.25 2.62
N LYS A 18 -1.04 11.16 1.90
CA LYS A 18 -0.47 11.23 0.52
C LYS A 18 -1.43 10.63 -0.50
N GLY A 19 -1.60 11.28 -1.62
CA GLY A 19 -2.51 10.74 -2.66
C GLY A 19 -1.97 11.11 -4.05
N TYR A 20 -2.38 10.39 -5.07
CA TYR A 20 -1.89 10.68 -6.45
C TYR A 20 -3.07 11.10 -7.33
N SER A 21 -2.83 11.93 -8.31
CA SER A 21 -3.93 12.36 -9.21
C SER A 21 -3.95 11.46 -10.45
N ILE A 22 -5.07 11.36 -11.11
CA ILE A 22 -5.14 10.49 -12.32
C ILE A 22 -4.11 10.96 -13.34
N ASN A 23 -3.66 12.18 -13.24
CA ASN A 23 -2.64 12.69 -14.20
C ASN A 23 -1.32 11.96 -13.97
N GLU A 24 -0.93 11.81 -12.72
CA GLU A 24 0.37 11.14 -12.43
C GLU A 24 0.45 9.80 -13.17
N ILE A 25 -0.56 8.98 -13.07
CA ILE A 25 -0.51 7.67 -13.79
C ILE A 25 -0.44 7.92 -15.30
N SER A 26 -1.23 8.83 -15.80
CA SER A 26 -1.20 9.11 -17.27
C SER A 26 0.20 9.56 -17.66
N ASN A 27 0.81 10.43 -16.88
CA ASN A 27 2.19 10.88 -17.21
C ASN A 27 3.19 9.82 -16.75
N LYS A 28 3.22 9.55 -15.48
CA LYS A 28 4.18 8.52 -14.96
C LYS A 28 4.16 7.31 -15.88
N SER A 29 3.19 7.21 -16.75
CA SER A 29 3.12 6.06 -17.69
C SER A 29 3.45 6.54 -19.11
N SER A 30 3.00 7.71 -19.47
CA SER A 30 3.28 8.21 -20.85
C SER A 30 4.80 8.33 -21.05
N ASN A 31 5.50 8.87 -20.08
CA ASN A 31 6.98 9.00 -20.23
C ASN A 31 7.67 7.71 -19.76
N ASN A 32 7.44 7.33 -18.53
CA ASN A 32 8.08 6.08 -18.01
C ASN A 32 7.02 4.99 -17.86
N GLN A 33 6.85 4.16 -18.84
CA GLN A 33 5.83 3.08 -18.75
C GLN A 33 6.32 2.02 -17.75
N GLN A 34 5.93 2.12 -16.52
CA GLN A 34 6.37 1.12 -15.51
C GLN A 34 5.31 0.99 -14.41
N ASP A 35 5.63 0.36 -13.33
CA ASP A 35 4.65 0.20 -12.22
C ASP A 35 4.64 1.46 -11.35
N ILE A 36 3.49 1.88 -10.90
CA ILE A 36 3.43 3.11 -10.05
C ILE A 36 3.81 2.70 -8.63
N VAL A 37 4.82 3.31 -8.07
CA VAL A 37 5.25 2.94 -6.69
C VAL A 37 5.06 4.12 -5.75
N CYS A 38 4.40 3.91 -4.65
CA CYS A 38 4.22 5.00 -3.66
C CYS A 38 5.19 4.76 -2.51
N THR A 39 6.29 5.48 -2.49
CA THR A 39 7.29 5.27 -1.39
C THR A 39 7.00 6.24 -0.25
N VAL A 40 6.72 5.72 0.91
CA VAL A 40 6.46 6.60 2.09
C VAL A 40 7.19 6.05 3.30
N LYS A 41 7.49 6.88 4.26
CA LYS A 41 8.21 6.38 5.47
C LYS A 41 7.20 6.15 6.60
N ALA A 42 7.14 4.95 7.11
CA ALA A 42 6.18 4.66 8.21
C ALA A 42 6.89 4.79 9.56
N HIS A 43 6.15 4.89 10.62
CA HIS A 43 6.78 5.03 11.97
C HIS A 43 6.05 4.12 12.98
N ALA A 44 6.72 3.74 14.03
CA ALA A 44 6.09 2.85 15.04
C ALA A 44 4.79 3.49 15.54
N ASN A 45 4.69 4.78 15.49
CA ASN A 45 3.45 5.46 15.97
C ASN A 45 2.57 5.84 14.79
N ASP A 46 3.16 5.98 13.63
CA ASP A 46 2.37 6.37 12.42
C ASP A 46 1.54 5.18 11.94
N LEU A 47 0.31 5.42 11.57
CA LEU A 47 -0.55 4.30 11.06
C LEU A 47 -0.20 4.06 9.59
N ILE A 48 -0.29 2.83 9.14
CA ILE A 48 0.04 2.56 7.71
C ILE A 48 -1.16 1.91 7.01
N GLY A 49 -1.35 2.23 5.75
CA GLY A 49 -2.49 1.64 5.00
C GLY A 49 -2.52 2.23 3.59
N PHE A 50 -3.55 1.93 2.82
CA PHE A 50 -3.61 2.49 1.44
C PHE A 50 -5.00 2.21 0.84
N LYS A 51 -5.30 2.82 -0.27
CA LYS A 51 -6.64 2.60 -0.91
C LYS A 51 -6.49 2.59 -2.42
N CYS A 52 -7.24 1.74 -3.09
CA CYS A 52 -7.17 1.67 -4.58
C CYS A 52 -8.58 1.90 -5.15
N PRO A 53 -8.69 2.41 -6.34
CA PRO A 53 -10.01 2.66 -7.00
C PRO A 53 -10.91 1.42 -6.98
N SER A 54 -12.20 1.61 -6.95
CA SER A 54 -13.13 0.45 -6.89
C SER A 54 -13.15 -0.29 -8.24
N ASN A 55 -12.60 0.29 -9.27
CA ASN A 55 -12.61 -0.39 -10.59
C ASN A 55 -11.35 -1.24 -10.76
N TYR A 56 -10.47 -1.23 -9.78
CA TYR A 56 -9.22 -2.04 -9.88
C TYR A 56 -9.29 -3.25 -8.95
N SER A 57 -8.45 -4.23 -9.16
CA SER A 57 -8.47 -5.43 -8.28
C SER A 57 -7.30 -5.36 -7.30
N VAL A 58 -7.54 -5.62 -6.04
CA VAL A 58 -6.42 -5.56 -5.05
C VAL A 58 -5.74 -6.92 -4.93
N GLU A 59 -4.49 -6.97 -5.31
CA GLU A 59 -3.72 -8.25 -5.22
C GLU A 59 -2.50 -8.00 -4.32
N PRO A 60 -2.30 -8.78 -3.30
CA PRO A 60 -1.15 -8.59 -2.38
C PRO A 60 0.16 -9.12 -2.97
N HIS A 61 1.08 -8.24 -3.28
CA HIS A 61 2.38 -8.70 -3.84
C HIS A 61 3.37 -8.86 -2.68
N ASP A 62 3.14 -8.13 -1.62
CA ASP A 62 4.03 -8.22 -0.43
C ASP A 62 3.35 -7.49 0.73
N CYS A 63 2.06 -7.66 0.87
CA CYS A 63 1.32 -6.98 1.96
C CYS A 63 1.78 -7.53 3.31
N PHE A 64 0.95 -7.47 4.33
CA PHE A 64 1.36 -7.98 5.67
C PHE A 64 0.59 -9.26 6.04
N VAL A 65 -0.71 -9.22 6.12
CA VAL A 65 -1.46 -10.46 6.50
C VAL A 65 -0.90 -11.63 5.71
N SER A 66 -1.20 -11.70 4.44
CA SER A 66 -0.68 -12.81 3.59
C SER A 66 -0.21 -12.22 2.27
N ALA A 67 0.96 -12.57 1.82
CA ALA A 67 1.45 -12.00 0.53
C ALA A 67 2.77 -12.65 0.11
N PHE A 68 3.32 -12.22 -0.98
CA PHE A 68 4.60 -12.82 -1.47
C PHE A 68 5.76 -11.98 -0.91
N ASN A 69 6.68 -12.59 -0.23
CA ASN A 69 7.82 -11.82 0.34
C ASN A 69 8.74 -11.35 -0.78
N LEU A 70 9.84 -10.73 -0.44
CA LEU A 70 10.79 -10.25 -1.49
C LEU A 70 11.30 -11.44 -2.30
N SER A 71 11.27 -12.62 -1.71
CA SER A 71 11.74 -13.83 -2.44
C SER A 71 10.61 -14.33 -3.34
N GLY A 72 9.45 -13.74 -3.22
CA GLY A 72 8.30 -14.18 -4.07
C GLY A 72 7.62 -15.40 -3.43
N LYS A 73 7.92 -15.65 -2.18
CA LYS A 73 7.28 -16.82 -1.51
C LYS A 73 6.05 -16.35 -0.73
N ASN A 74 4.97 -17.10 -0.77
CA ASN A 74 3.75 -16.67 -0.06
C ASN A 74 3.84 -17.05 1.43
N GLU A 75 4.01 -16.08 2.28
CA GLU A 75 4.11 -16.38 3.74
C GLU A 75 3.47 -15.25 4.54
N ASN A 76 2.81 -15.57 5.63
CA ASN A 76 2.16 -14.52 6.46
C ASN A 76 3.22 -13.58 7.03
N LEU A 77 2.89 -12.34 7.23
CA LEU A 77 3.89 -11.38 7.79
C LEU A 77 3.66 -11.20 9.30
N GLU A 78 2.78 -11.97 9.88
CA GLU A 78 2.51 -11.81 11.34
C GLU A 78 3.72 -12.29 12.14
N ASN A 79 4.34 -13.37 11.75
CA ASN A 79 5.52 -13.87 12.49
C ASN A 79 6.64 -12.83 12.43
N LYS A 80 6.63 -12.02 11.41
CA LYS A 80 7.67 -10.96 11.29
C LYS A 80 7.25 -9.72 12.08
N LEU A 81 6.02 -9.31 11.93
CA LEU A 81 5.53 -8.11 12.68
C LEU A 81 4.19 -8.44 13.33
N LYS A 82 4.06 -8.22 14.62
CA LYS A 82 2.77 -8.52 15.30
C LYS A 82 1.81 -7.34 15.09
N LEU A 83 1.12 -7.31 13.98
CA LEU A 83 0.18 -6.19 13.72
C LEU A 83 -1.10 -6.37 14.55
N THR A 84 -1.70 -5.28 14.98
CA THR A 84 -2.95 -5.39 15.79
C THR A 84 -4.03 -4.50 15.15
N ASN A 85 -5.27 -4.74 15.47
CA ASN A 85 -6.37 -3.91 14.90
C ASN A 85 -6.27 -3.92 13.38
N ILE A 86 -6.18 -5.08 12.78
CA ILE A 86 -6.07 -5.17 11.29
C ILE A 86 -7.44 -4.94 10.66
N ILE A 87 -7.53 -4.05 9.72
CA ILE A 87 -8.84 -3.78 9.03
C ILE A 87 -8.71 -4.09 7.55
N MET A 88 -9.48 -5.01 7.04
CA MET A 88 -9.39 -5.35 5.58
C MET A 88 -10.76 -5.18 4.91
N ASP A 89 -10.92 -4.16 4.12
CA ASP A 89 -12.22 -3.94 3.42
C ASP A 89 -12.01 -4.11 1.91
N HIS A 90 -12.39 -5.24 1.36
CA HIS A 90 -12.21 -5.47 -0.09
C HIS A 90 -13.19 -4.61 -0.90
N TYR A 91 -14.39 -4.42 -0.41
CA TYR A 91 -15.38 -3.61 -1.16
C TYR A 91 -14.84 -2.19 -1.34
N ASN A 92 -14.31 -1.60 -0.30
CA ASN A 92 -13.76 -0.22 -0.42
C ASN A 92 -12.30 -0.30 -0.84
N ASN A 93 -11.76 -1.48 -0.93
CA ASN A 93 -10.34 -1.64 -1.37
C ASN A 93 -9.43 -0.78 -0.49
N THR A 94 -9.57 -0.85 0.81
CA THR A 94 -8.71 -0.03 1.71
C THR A 94 -8.16 -0.92 2.83
N PHE A 95 -6.90 -0.78 3.16
CA PHE A 95 -6.31 -1.63 4.23
C PHE A 95 -5.62 -0.73 5.28
N TYR A 96 -5.79 -1.05 6.54
CA TYR A 96 -5.14 -0.22 7.61
C TYR A 96 -4.50 -1.15 8.65
N SER A 97 -3.39 -0.75 9.23
CA SER A 97 -2.73 -1.59 10.25
C SER A 97 -1.98 -0.70 11.24
N ARG A 98 -1.84 -1.14 12.47
CA ARG A 98 -1.13 -0.29 13.48
C ARG A 98 0.31 -0.83 13.66
N LEU A 99 1.27 0.05 13.65
CA LEU A 99 2.69 -0.39 13.81
C LEU A 99 3.08 -0.35 15.29
N PRO A 100 3.78 -1.33 15.78
CA PRO A 100 4.24 -1.35 17.20
C PRO A 100 4.81 0.01 17.62
N SER A 101 5.20 0.15 18.84
CA SER A 101 5.77 1.45 19.30
C SER A 101 7.29 1.46 19.07
N LEU A 102 7.86 0.34 18.73
CA LEU A 102 9.34 0.29 18.53
C LEU A 102 9.67 -0.47 17.23
N ILE A 103 10.46 0.13 16.38
CA ILE A 103 10.84 -0.55 15.11
C ILE A 103 12.23 -0.07 14.69
N SER A 104 13.25 -0.88 14.84
CA SER A 104 14.62 -0.45 14.46
C SER A 104 15.05 -1.18 13.19
N ASP A 105 14.21 -2.02 12.65
CA ASP A 105 14.58 -2.75 11.40
C ASP A 105 14.29 -1.89 10.17
N ASN A 106 14.98 -2.14 9.10
CA ASN A 106 14.76 -1.35 7.85
C ASN A 106 13.93 -2.19 6.87
N TRP A 107 13.07 -3.03 7.37
CA TRP A 107 12.26 -3.89 6.47
C TRP A 107 11.28 -3.04 5.65
N LYS A 108 10.80 -3.59 4.57
CA LYS A 108 9.85 -2.85 3.69
C LYS A 108 8.81 -3.82 3.17
N PHE A 109 7.67 -3.34 2.74
CA PHE A 109 6.63 -4.26 2.20
C PHE A 109 5.74 -3.47 1.22
N PHE A 110 5.01 -4.15 0.38
CA PHE A 110 4.15 -3.40 -0.59
C PHE A 110 2.93 -4.21 -1.02
N CYS A 111 1.93 -3.53 -1.53
CA CYS A 111 0.69 -4.21 -2.02
C CYS A 111 0.47 -3.80 -3.47
N VAL A 112 -0.24 -4.58 -4.25
CA VAL A 112 -0.44 -4.20 -5.68
C VAL A 112 -1.92 -4.21 -6.07
N CYS A 113 -2.33 -3.24 -6.85
CA CYS A 113 -3.73 -3.16 -7.34
C CYS A 113 -3.67 -3.19 -8.87
N SER A 114 -4.44 -4.02 -9.53
CA SER A 114 -4.34 -4.06 -11.01
C SER A 114 -5.48 -4.87 -11.64
N LYS A 115 -5.53 -4.86 -12.94
CA LYS A 115 -6.56 -5.64 -13.69
C LYS A 115 -6.00 -5.99 -15.06
N ASP A 116 -6.63 -6.86 -15.79
CA ASP A 116 -6.10 -7.21 -17.14
C ASP A 116 -6.02 -5.94 -17.99
N ASN A 117 -5.07 -5.87 -18.88
CA ASN A 117 -4.94 -4.65 -19.74
C ASN A 117 -5.11 -3.40 -18.89
N GLU A 118 -4.25 -3.21 -17.90
CA GLU A 118 -4.38 -1.99 -17.04
C GLU A 118 -3.04 -1.68 -16.36
N LYS A 119 -2.66 -0.43 -16.31
CA LYS A 119 -1.36 -0.07 -15.66
C LYS A 119 -1.34 -0.62 -14.23
N LYS A 120 -0.28 -1.29 -13.85
CA LYS A 120 -0.23 -1.87 -12.47
C LYS A 120 0.14 -0.78 -11.46
N LEU A 121 -0.50 -0.80 -10.31
CA LEU A 121 -0.20 0.22 -9.26
C LEU A 121 0.50 -0.45 -8.08
N VAL A 122 1.66 0.01 -7.70
CA VAL A 122 2.38 -0.62 -6.55
C VAL A 122 2.39 0.32 -5.33
N PHE A 123 2.05 -0.19 -4.18
CA PHE A 123 2.06 0.63 -2.94
C PHE A 123 3.20 0.13 -2.05
N THR A 124 4.14 0.97 -1.68
CA THR A 124 5.27 0.47 -0.84
C THR A 124 5.62 1.44 0.29
N VAL A 125 5.99 0.90 1.42
CA VAL A 125 6.41 1.75 2.58
C VAL A 125 7.66 1.12 3.20
N GLU A 126 8.42 1.88 3.94
CA GLU A 126 9.66 1.31 4.56
C GLU A 126 9.75 1.70 6.05
N ALA A 127 10.37 0.86 6.84
CA ALA A 127 10.49 1.18 8.29
C ALA A 127 11.68 0.41 8.88
N GLU A 1 -5.30 12.90 13.12
CA GLU A 1 -4.07 12.95 12.27
C GLU A 1 -4.32 12.16 10.98
N LYS A 2 -3.61 12.50 9.92
CA LYS A 2 -3.79 11.75 8.65
C LYS A 2 -3.05 10.41 8.73
N VAL A 3 -3.37 9.49 7.87
CA VAL A 3 -2.69 8.17 7.89
C VAL A 3 -1.67 8.07 6.76
N LYS A 4 -0.50 7.57 7.04
CA LYS A 4 0.52 7.46 5.96
C LYS A 4 0.07 6.39 4.98
N GLY A 5 -0.03 6.71 3.72
CA GLY A 5 -0.47 5.70 2.73
C GLY A 5 -0.61 6.35 1.35
N CYS A 6 -0.92 5.58 0.35
CA CYS A 6 -1.08 6.15 -1.02
C CYS A 6 -2.52 5.97 -1.47
N ASP A 7 -3.11 7.01 -2.00
CA ASP A 7 -4.52 6.91 -2.47
C ASP A 7 -4.55 6.99 -4.00
N PHE A 8 -4.85 5.90 -4.65
CA PHE A 8 -4.90 5.92 -6.15
C PHE A 8 -6.32 6.32 -6.58
N THR A 9 -7.18 6.53 -5.64
CA THR A 9 -8.59 6.90 -5.98
C THR A 9 -8.81 8.41 -5.84
N THR A 10 -7.95 9.09 -5.12
CA THR A 10 -8.14 10.56 -4.95
C THR A 10 -6.81 11.24 -4.62
N SER A 11 -6.43 12.22 -5.38
CA SER A 11 -5.15 12.92 -5.09
C SER A 11 -5.28 13.66 -3.76
N GLU A 12 -6.48 14.02 -3.40
CA GLU A 12 -6.70 14.75 -2.11
C GLU A 12 -7.49 13.85 -1.17
N SER A 13 -6.85 12.84 -0.63
CA SER A 13 -7.58 11.92 0.29
C SER A 13 -7.89 12.62 1.61
N THR A 14 -8.93 12.20 2.27
CA THR A 14 -9.29 12.82 3.57
C THR A 14 -8.79 11.90 4.70
N ILE A 15 -8.17 10.82 4.33
CA ILE A 15 -7.63 9.88 5.36
C ILE A 15 -6.14 9.62 5.11
N PHE A 16 -5.67 9.83 3.91
CA PHE A 16 -4.23 9.57 3.61
C PHE A 16 -3.51 10.88 3.30
N SER A 17 -2.30 11.02 3.78
CA SER A 17 -1.53 12.27 3.53
C SER A 17 -1.04 12.34 2.08
N LYS A 18 -1.04 11.24 1.37
CA LYS A 18 -0.55 11.28 -0.04
C LYS A 18 -1.53 10.55 -0.97
N GLY A 19 -1.71 11.04 -2.16
CA GLY A 19 -2.63 10.37 -3.12
C GLY A 19 -2.30 10.82 -4.54
N TYR A 20 -2.91 10.20 -5.52
CA TYR A 20 -2.65 10.59 -6.94
C TYR A 20 -3.96 10.97 -7.63
N SER A 21 -3.87 11.72 -8.70
CA SER A 21 -5.11 12.13 -9.42
C SER A 21 -5.37 11.16 -10.58
N ILE A 22 -6.60 10.98 -10.96
CA ILE A 22 -6.90 10.04 -12.08
C ILE A 22 -6.10 10.47 -13.32
N ASN A 23 -5.87 11.74 -13.49
CA ASN A 23 -5.09 12.21 -14.67
C ASN A 23 -3.65 11.70 -14.56
N GLU A 24 -3.11 11.69 -13.38
CA GLU A 24 -1.70 11.22 -13.21
C GLU A 24 -1.59 9.74 -13.55
N ILE A 25 -2.54 8.94 -13.15
CA ILE A 25 -2.46 7.49 -13.46
C ILE A 25 -3.07 7.22 -14.85
N SER A 26 -3.80 8.18 -15.38
CA SER A 26 -4.41 7.99 -16.72
C SER A 26 -3.44 8.48 -17.78
N ASN A 27 -3.35 9.79 -17.98
CA ASN A 27 -2.42 10.35 -19.01
C ASN A 27 -1.65 9.21 -19.68
N LYS A 28 -2.18 8.66 -20.72
CA LYS A 28 -1.50 7.52 -21.40
C LYS A 28 -0.35 8.07 -22.26
N SER A 29 0.13 9.24 -21.94
CA SER A 29 1.26 9.82 -22.74
C SER A 29 2.59 9.39 -22.13
N SER A 30 2.92 9.93 -20.99
CA SER A 30 4.22 9.56 -20.34
C SER A 30 4.45 8.05 -20.48
N ASN A 31 5.67 7.65 -20.71
CA ASN A 31 5.97 6.20 -20.87
C ASN A 31 6.63 5.68 -19.60
N ASN A 32 6.15 6.08 -18.45
CA ASN A 32 6.75 5.60 -17.18
C ASN A 32 5.64 5.27 -16.18
N GLN A 33 4.48 5.86 -16.34
CA GLN A 33 3.36 5.59 -15.40
C GLN A 33 3.08 4.09 -15.36
N GLN A 34 3.28 3.40 -16.46
CA GLN A 34 3.02 1.93 -16.50
C GLN A 34 3.20 1.35 -15.11
N ASP A 35 4.17 1.81 -14.38
CA ASP A 35 4.40 1.30 -12.99
C ASP A 35 4.39 2.46 -11.99
N ILE A 36 3.36 2.56 -11.19
CA ILE A 36 3.32 3.67 -10.19
C ILE A 36 3.74 3.10 -8.84
N VAL A 37 4.73 3.69 -8.21
CA VAL A 37 5.18 3.18 -6.88
C VAL A 37 5.06 4.27 -5.82
N CYS A 38 4.40 3.98 -4.74
CA CYS A 38 4.27 5.00 -3.67
C CYS A 38 5.25 4.65 -2.55
N THR A 39 6.36 5.32 -2.47
CA THR A 39 7.34 5.01 -1.40
C THR A 39 7.18 6.01 -0.25
N VAL A 40 6.92 5.51 0.93
CA VAL A 40 6.76 6.42 2.10
C VAL A 40 7.42 5.78 3.33
N LYS A 41 7.82 6.57 4.29
CA LYS A 41 8.46 6.00 5.49
C LYS A 41 7.40 5.85 6.60
N ALA A 42 7.36 4.70 7.23
CA ALA A 42 6.36 4.49 8.31
C ALA A 42 7.03 4.61 9.67
N HIS A 43 6.27 4.83 10.71
CA HIS A 43 6.87 4.98 12.07
C HIS A 43 6.07 4.14 13.07
N ALA A 44 6.70 3.70 14.13
CA ALA A 44 6.00 2.87 15.14
C ALA A 44 4.73 3.58 15.60
N ASN A 45 4.69 4.88 15.51
CA ASN A 45 3.48 5.63 15.95
C ASN A 45 2.64 6.02 14.73
N ASP A 46 3.28 6.16 13.60
CA ASP A 46 2.52 6.57 12.38
C ASP A 46 1.64 5.42 11.90
N LEU A 47 0.40 5.69 11.61
CA LEU A 47 -0.52 4.61 11.13
C LEU A 47 -0.19 4.34 9.67
N ILE A 48 -0.31 3.11 9.23
CA ILE A 48 0.00 2.80 7.80
C ILE A 48 -1.21 2.15 7.12
N GLY A 49 -1.39 2.42 5.86
CA GLY A 49 -2.54 1.82 5.13
C GLY A 49 -2.57 2.36 3.70
N PHE A 50 -3.58 2.04 2.94
CA PHE A 50 -3.65 2.54 1.53
C PHE A 50 -5.03 2.24 0.94
N LYS A 51 -5.33 2.80 -0.21
CA LYS A 51 -6.65 2.56 -0.83
C LYS A 51 -6.53 2.57 -2.36
N CYS A 52 -7.30 1.75 -3.03
CA CYS A 52 -7.25 1.70 -4.51
C CYS A 52 -8.66 1.95 -5.07
N PRO A 53 -8.78 2.49 -6.25
CA PRO A 53 -10.11 2.78 -6.87
C PRO A 53 -11.01 1.54 -6.87
N SER A 54 -12.30 1.74 -6.82
CA SER A 54 -13.25 0.59 -6.80
C SER A 54 -13.27 -0.12 -8.15
N ASN A 55 -12.69 0.47 -9.16
CA ASN A 55 -12.69 -0.18 -10.50
C ASN A 55 -11.45 -1.06 -10.67
N TYR A 56 -10.59 -1.08 -9.70
CA TYR A 56 -9.35 -1.91 -9.80
C TYR A 56 -9.43 -3.10 -8.83
N SER A 57 -8.59 -4.09 -9.02
CA SER A 57 -8.62 -5.27 -8.12
C SER A 57 -7.40 -5.21 -7.18
N VAL A 58 -7.59 -5.43 -5.91
CA VAL A 58 -6.45 -5.36 -4.97
C VAL A 58 -5.77 -6.73 -4.84
N GLU A 59 -4.53 -6.80 -5.20
CA GLU A 59 -3.77 -8.09 -5.10
C GLU A 59 -2.54 -7.84 -4.22
N PRO A 60 -2.33 -8.63 -3.19
CA PRO A 60 -1.17 -8.43 -2.28
C PRO A 60 0.12 -8.99 -2.89
N HIS A 61 1.06 -8.14 -3.19
CA HIS A 61 2.35 -8.62 -3.76
C HIS A 61 3.33 -8.81 -2.61
N ASP A 62 3.11 -8.12 -1.53
CA ASP A 62 4.00 -8.25 -0.34
C ASP A 62 3.35 -7.51 0.84
N CYS A 63 2.06 -7.69 1.00
CA CYS A 63 1.34 -7.01 2.11
C CYS A 63 1.80 -7.57 3.45
N PHE A 64 0.97 -7.49 4.46
CA PHE A 64 1.39 -8.01 5.81
C PHE A 64 0.63 -9.30 6.18
N VAL A 65 -0.68 -9.28 6.22
CA VAL A 65 -1.42 -10.52 6.61
C VAL A 65 -0.84 -11.70 5.81
N SER A 66 -1.10 -11.73 4.53
CA SER A 66 -0.56 -12.84 3.70
C SER A 66 -0.13 -12.25 2.34
N ALA A 67 1.05 -12.54 1.89
CA ALA A 67 1.49 -11.96 0.59
C ALA A 67 2.80 -12.61 0.13
N PHE A 68 3.25 -12.25 -1.05
CA PHE A 68 4.50 -12.85 -1.57
C PHE A 68 5.68 -11.93 -1.18
N ASN A 69 6.80 -12.49 -0.82
CA ASN A 69 7.96 -11.64 -0.43
C ASN A 69 8.70 -11.17 -1.68
N LEU A 70 9.85 -10.57 -1.51
CA LEU A 70 10.62 -10.09 -2.69
C LEU A 70 11.07 -11.29 -3.51
N SER A 71 11.02 -12.46 -2.95
CA SER A 71 11.44 -13.67 -3.71
C SER A 71 10.24 -14.19 -4.50
N GLY A 72 9.09 -13.63 -4.28
CA GLY A 72 7.88 -14.08 -5.03
C GLY A 72 7.32 -15.34 -4.38
N LYS A 73 7.65 -15.58 -3.14
CA LYS A 73 7.14 -16.81 -2.45
C LYS A 73 6.07 -16.40 -1.43
N ASN A 74 5.00 -17.14 -1.34
CA ASN A 74 3.92 -16.78 -0.37
C ASN A 74 4.45 -16.92 1.06
N GLU A 75 4.36 -15.87 1.84
CA GLU A 75 4.86 -15.93 3.24
C GLU A 75 3.94 -15.09 4.15
N ASN A 76 4.06 -15.27 5.44
CA ASN A 76 3.21 -14.49 6.39
C ASN A 76 4.06 -13.41 7.08
N LEU A 77 3.54 -12.22 7.23
CA LEU A 77 4.33 -11.13 7.88
C LEU A 77 3.97 -11.05 9.37
N GLU A 78 2.94 -11.74 9.78
CA GLU A 78 2.54 -11.67 11.22
C GLU A 78 3.68 -12.21 12.09
N ASN A 79 4.28 -13.31 11.70
CA ASN A 79 5.40 -13.86 12.51
C ASN A 79 6.56 -12.87 12.50
N LYS A 80 6.58 -11.97 11.54
CA LYS A 80 7.67 -10.96 11.48
C LYS A 80 7.26 -9.72 12.29
N LEU A 81 6.05 -9.29 12.15
CA LEU A 81 5.57 -8.10 12.90
C LEU A 81 4.20 -8.40 13.51
N LYS A 82 4.07 -8.27 14.80
CA LYS A 82 2.74 -8.55 15.44
C LYS A 82 1.82 -7.35 15.25
N LEU A 83 1.14 -7.28 14.13
CA LEU A 83 0.23 -6.14 13.87
C LEU A 83 -1.03 -6.27 14.72
N THR A 84 -1.59 -5.17 15.14
CA THR A 84 -2.84 -5.21 15.97
C THR A 84 -3.90 -4.31 15.35
N ASN A 85 -5.15 -4.50 15.70
CA ASN A 85 -6.23 -3.67 15.12
C ASN A 85 -6.15 -3.70 13.59
N ILE A 86 -6.09 -4.86 13.02
CA ILE A 86 -6.00 -4.98 11.54
C ILE A 86 -7.37 -4.77 10.90
N ILE A 87 -7.44 -3.91 9.91
CA ILE A 87 -8.75 -3.65 9.23
C ILE A 87 -8.65 -4.05 7.76
N MET A 88 -9.45 -4.99 7.31
CA MET A 88 -9.37 -5.41 5.87
C MET A 88 -10.74 -5.21 5.21
N ASP A 89 -10.88 -4.17 4.42
CA ASP A 89 -12.18 -3.92 3.71
C ASP A 89 -11.98 -4.10 2.21
N HIS A 90 -12.38 -5.22 1.67
CA HIS A 90 -12.21 -5.46 0.21
C HIS A 90 -13.26 -4.67 -0.59
N TYR A 91 -14.44 -4.50 -0.05
CA TYR A 91 -15.49 -3.75 -0.80
C TYR A 91 -15.00 -2.34 -1.11
N ASN A 92 -14.45 -1.66 -0.13
CA ASN A 92 -13.93 -0.28 -0.39
C ASN A 92 -12.47 -0.37 -0.83
N ASN A 93 -11.96 -1.57 -0.97
CA ASN A 93 -10.55 -1.73 -1.43
C ASN A 93 -9.63 -0.86 -0.57
N THR A 94 -9.77 -0.89 0.73
CA THR A 94 -8.90 -0.07 1.62
C THR A 94 -8.36 -0.93 2.75
N PHE A 95 -7.09 -0.82 3.04
CA PHE A 95 -6.49 -1.65 4.13
C PHE A 95 -5.73 -0.76 5.11
N TYR A 96 -5.83 -1.03 6.39
CA TYR A 96 -5.11 -0.20 7.40
C TYR A 96 -4.45 -1.12 8.44
N SER A 97 -3.31 -0.74 8.97
CA SER A 97 -2.63 -1.58 9.99
C SER A 97 -1.93 -0.67 11.00
N ARG A 98 -1.91 -1.05 12.26
CA ARG A 98 -1.24 -0.20 13.28
C ARG A 98 0.14 -0.76 13.57
N LEU A 99 1.14 0.09 13.60
CA LEU A 99 2.53 -0.38 13.88
C LEU A 99 2.81 -0.29 15.39
N PRO A 100 3.48 -1.27 15.95
CA PRO A 100 3.83 -1.24 17.40
C PRO A 100 4.40 0.12 17.80
N SER A 101 4.68 0.32 19.06
CA SER A 101 5.23 1.62 19.50
C SER A 101 6.76 1.62 19.34
N LEU A 102 7.34 0.48 19.10
CA LEU A 102 8.82 0.41 18.95
C LEU A 102 9.21 -0.52 17.80
N ILE A 103 10.06 -0.07 16.92
CA ILE A 103 10.50 -0.93 15.78
C ILE A 103 12.00 -0.68 15.53
N SER A 104 12.81 -1.70 15.57
CA SER A 104 14.28 -1.51 15.34
C SER A 104 14.72 -2.32 14.13
N ASP A 105 14.03 -2.21 13.02
CA ASP A 105 14.42 -2.98 11.82
C ASP A 105 14.17 -2.14 10.56
N ASN A 106 14.90 -2.40 9.51
CA ASN A 106 14.72 -1.64 8.24
C ASN A 106 13.92 -2.48 7.24
N TRP A 107 13.02 -3.28 7.73
CA TRP A 107 12.23 -4.17 6.82
C TRP A 107 11.37 -3.33 5.88
N LYS A 108 11.00 -3.91 4.76
CA LYS A 108 10.17 -3.17 3.77
C LYS A 108 9.10 -4.11 3.22
N PHE A 109 7.97 -3.59 2.83
CA PHE A 109 6.90 -4.46 2.28
C PHE A 109 6.02 -3.64 1.33
N PHE A 110 5.22 -4.27 0.52
CA PHE A 110 4.37 -3.48 -0.43
C PHE A 110 3.12 -4.26 -0.85
N CYS A 111 2.15 -3.55 -1.37
CA CYS A 111 0.88 -4.19 -1.85
C CYS A 111 0.66 -3.75 -3.30
N VAL A 112 -0.09 -4.50 -4.07
CA VAL A 112 -0.28 -4.10 -5.50
C VAL A 112 -1.77 -4.09 -5.88
N CYS A 113 -2.16 -3.13 -6.68
CA CYS A 113 -3.57 -3.04 -7.16
C CYS A 113 -3.51 -3.06 -8.69
N SER A 114 -4.30 -3.87 -9.35
CA SER A 114 -4.21 -3.89 -10.84
C SER A 114 -5.36 -4.71 -11.46
N LYS A 115 -5.37 -4.77 -12.76
CA LYS A 115 -6.39 -5.54 -13.51
C LYS A 115 -5.80 -5.94 -14.86
N ASP A 116 -6.40 -6.86 -15.55
CA ASP A 116 -5.84 -7.27 -16.88
C ASP A 116 -5.81 -6.04 -17.80
N ASN A 117 -4.92 -6.02 -18.75
CA ASN A 117 -4.84 -4.85 -19.68
C ASN A 117 -4.95 -3.56 -18.89
N GLU A 118 -4.05 -3.32 -17.97
CA GLU A 118 -4.12 -2.06 -17.16
C GLU A 118 -2.79 -1.82 -16.43
N LYS A 119 -2.39 -0.58 -16.28
CA LYS A 119 -1.11 -0.29 -15.58
C LYS A 119 -1.23 -0.76 -14.13
N LYS A 120 -0.23 -1.41 -13.61
CA LYS A 120 -0.29 -1.90 -12.20
C LYS A 120 0.12 -0.78 -11.22
N LEU A 121 -0.48 -0.77 -10.06
CA LEU A 121 -0.11 0.26 -9.05
C LEU A 121 0.60 -0.41 -7.87
N VAL A 122 1.78 0.01 -7.53
CA VAL A 122 2.52 -0.62 -6.39
C VAL A 122 2.56 0.31 -5.18
N PHE A 123 2.19 -0.20 -4.03
CA PHE A 123 2.22 0.62 -2.78
C PHE A 123 3.36 0.08 -1.90
N THR A 124 4.31 0.89 -1.55
CA THR A 124 5.45 0.37 -0.72
C THR A 124 5.83 1.34 0.41
N VAL A 125 6.17 0.79 1.54
CA VAL A 125 6.61 1.62 2.70
C VAL A 125 7.83 0.94 3.34
N GLU A 126 8.65 1.68 4.04
CA GLU A 126 9.85 1.06 4.68
C GLU A 126 9.99 1.54 6.13
N ALA A 127 10.67 0.77 6.94
CA ALA A 127 10.85 1.17 8.36
C ALA A 127 11.92 0.27 9.01
N GLU A 1 -4.87 13.79 12.69
CA GLU A 1 -3.78 12.80 12.48
C GLU A 1 -3.98 12.07 11.15
N LYS A 2 -3.27 12.45 10.13
CA LYS A 2 -3.42 11.79 8.82
C LYS A 2 -2.76 10.40 8.87
N VAL A 3 -3.14 9.51 7.99
CA VAL A 3 -2.55 8.15 8.00
C VAL A 3 -1.54 8.01 6.87
N LYS A 4 -0.38 7.46 7.14
CA LYS A 4 0.63 7.30 6.06
C LYS A 4 0.11 6.27 5.06
N GLY A 5 -0.06 6.65 3.83
CA GLY A 5 -0.56 5.70 2.82
C GLY A 5 -0.67 6.39 1.46
N CYS A 6 -1.03 5.66 0.43
CA CYS A 6 -1.15 6.26 -0.92
C CYS A 6 -2.59 6.08 -1.42
N ASP A 7 -3.18 7.13 -1.92
CA ASP A 7 -4.57 7.03 -2.44
C ASP A 7 -4.55 7.10 -3.97
N PHE A 8 -4.83 6.01 -4.62
CA PHE A 8 -4.84 6.01 -6.10
C PHE A 8 -6.22 6.45 -6.59
N THR A 9 -7.12 6.70 -5.68
CA THR A 9 -8.50 7.11 -6.06
C THR A 9 -8.68 8.62 -5.92
N THR A 10 -7.80 9.28 -5.21
CA THR A 10 -7.96 10.76 -5.04
C THR A 10 -6.61 11.39 -4.67
N SER A 11 -6.21 12.40 -5.39
CA SER A 11 -4.92 13.08 -5.07
C SER A 11 -5.07 13.81 -3.73
N GLU A 12 -6.27 14.14 -3.37
CA GLU A 12 -6.50 14.85 -2.07
C GLU A 12 -7.31 13.92 -1.16
N SER A 13 -6.69 12.91 -0.63
CA SER A 13 -7.43 11.96 0.26
C SER A 13 -7.75 12.63 1.59
N THR A 14 -8.79 12.19 2.24
CA THR A 14 -9.17 12.76 3.56
C THR A 14 -8.69 11.82 4.66
N ILE A 15 -8.06 10.74 4.28
CA ILE A 15 -7.57 9.75 5.29
C ILE A 15 -6.06 9.53 5.12
N PHE A 16 -5.54 9.74 3.93
CA PHE A 16 -4.07 9.52 3.71
C PHE A 16 -3.39 10.85 3.41
N SER A 17 -2.22 11.04 3.97
CA SER A 17 -1.47 12.32 3.75
C SER A 17 -0.99 12.43 2.31
N LYS A 18 -0.97 11.35 1.57
CA LYS A 18 -0.48 11.42 0.15
C LYS A 18 -1.41 10.65 -0.78
N GLY A 19 -1.55 11.13 -1.99
CA GLY A 19 -2.44 10.43 -2.97
C GLY A 19 -2.13 10.92 -4.38
N TYR A 20 -2.73 10.30 -5.37
CA TYR A 20 -2.47 10.71 -6.78
C TYR A 20 -3.80 11.02 -7.47
N SER A 21 -3.76 11.72 -8.57
CA SER A 21 -5.02 12.04 -9.30
C SER A 21 -5.22 11.03 -10.44
N ILE A 22 -6.43 10.81 -10.85
CA ILE A 22 -6.69 9.82 -11.94
C ILE A 22 -5.84 10.21 -13.16
N ASN A 23 -5.65 11.47 -13.38
CA ASN A 23 -4.83 11.91 -14.56
C ASN A 23 -3.39 11.45 -14.38
N GLU A 24 -2.87 11.57 -13.18
CA GLU A 24 -1.46 11.17 -12.94
C GLU A 24 -1.26 9.68 -13.27
N ILE A 25 -2.14 8.84 -12.82
CA ILE A 25 -1.99 7.38 -13.12
C ILE A 25 -2.42 7.10 -14.56
N SER A 26 -3.12 8.02 -15.18
CA SER A 26 -3.55 7.80 -16.58
C SER A 26 -2.53 8.41 -17.53
N ASN A 27 -2.32 9.71 -17.45
CA ASN A 27 -1.33 10.40 -18.35
C ASN A 27 -0.70 9.36 -19.28
N LYS A 28 -1.35 9.05 -20.36
CA LYS A 28 -0.81 8.03 -21.30
C LYS A 28 0.51 8.51 -21.89
N SER A 29 1.18 9.42 -21.22
CA SER A 29 2.48 9.92 -21.75
C SER A 29 3.63 9.28 -20.96
N SER A 30 3.75 9.63 -19.70
CA SER A 30 4.85 9.05 -18.89
C SER A 30 4.82 7.52 -19.01
N ASN A 31 5.77 6.96 -19.71
CA ASN A 31 5.81 5.47 -19.88
C ASN A 31 6.06 4.82 -18.51
N ASN A 32 6.88 5.42 -17.70
CA ASN A 32 7.17 4.83 -16.36
C ASN A 32 5.86 4.66 -15.58
N GLN A 33 4.78 5.21 -16.07
CA GLN A 33 3.49 5.07 -15.35
C GLN A 33 3.16 3.59 -15.17
N GLN A 34 3.31 2.81 -16.21
CA GLN A 34 2.99 1.35 -16.10
C GLN A 34 3.25 0.87 -14.67
N ASP A 35 4.27 1.39 -14.04
CA ASP A 35 4.58 0.99 -12.64
C ASP A 35 4.50 2.19 -11.72
N ILE A 36 3.43 2.33 -10.97
CA ILE A 36 3.34 3.49 -10.03
C ILE A 36 3.75 3.02 -8.65
N VAL A 37 4.75 3.63 -8.07
CA VAL A 37 5.21 3.21 -6.72
C VAL A 37 5.04 4.35 -5.72
N CYS A 38 4.37 4.09 -4.63
CA CYS A 38 4.21 5.15 -3.60
C CYS A 38 5.19 4.87 -2.46
N THR A 39 6.29 5.56 -2.42
CA THR A 39 7.28 5.32 -1.33
C THR A 39 7.02 6.28 -0.17
N VAL A 40 6.74 5.74 0.98
CA VAL A 40 6.48 6.62 2.17
C VAL A 40 7.13 6.00 3.40
N LYS A 41 7.74 6.81 4.24
CA LYS A 41 8.39 6.25 5.45
C LYS A 41 7.33 6.05 6.55
N ALA A 42 7.26 4.86 7.10
CA ALA A 42 6.25 4.59 8.15
C ALA A 42 6.91 4.73 9.53
N HIS A 43 6.13 5.03 10.55
CA HIS A 43 6.70 5.18 11.92
C HIS A 43 5.91 4.32 12.90
N ALA A 44 6.55 3.89 13.96
CA ALA A 44 5.84 3.03 14.96
C ALA A 44 4.59 3.75 15.46
N ASN A 45 4.57 5.06 15.41
CA ASN A 45 3.38 5.80 15.89
C ASN A 45 2.48 6.15 14.70
N ASP A 46 3.05 6.22 13.53
CA ASP A 46 2.23 6.58 12.33
C ASP A 46 1.42 5.36 11.88
N LEU A 47 0.17 5.56 11.54
CA LEU A 47 -0.65 4.41 11.07
C LEU A 47 -0.32 4.14 9.60
N ILE A 48 -0.42 2.90 9.16
CA ILE A 48 -0.09 2.59 7.74
C ILE A 48 -1.31 1.98 7.04
N GLY A 49 -1.50 2.33 5.80
CA GLY A 49 -2.67 1.77 5.05
C GLY A 49 -2.70 2.38 3.64
N PHE A 50 -3.73 2.11 2.88
CA PHE A 50 -3.80 2.68 1.50
C PHE A 50 -5.17 2.37 0.89
N LYS A 51 -5.46 2.93 -0.26
CA LYS A 51 -6.77 2.68 -0.91
C LYS A 51 -6.60 2.67 -2.43
N CYS A 52 -7.35 1.83 -3.11
CA CYS A 52 -7.26 1.76 -4.60
C CYS A 52 -8.67 1.96 -5.19
N PRO A 53 -8.75 2.44 -6.41
CA PRO A 53 -10.06 2.67 -7.09
C PRO A 53 -10.95 1.42 -7.06
N SER A 54 -12.24 1.62 -6.99
CA SER A 54 -13.17 0.46 -6.94
C SER A 54 -13.18 -0.29 -8.28
N ASN A 55 -12.61 0.28 -9.31
CA ASN A 55 -12.61 -0.42 -10.63
C ASN A 55 -11.36 -1.28 -10.76
N TYR A 56 -10.50 -1.28 -9.78
CA TYR A 56 -9.26 -2.11 -9.85
C TYR A 56 -9.35 -3.29 -8.87
N SER A 57 -8.50 -4.27 -9.04
CA SER A 57 -8.53 -5.45 -8.11
C SER A 57 -7.36 -5.33 -7.14
N VAL A 58 -7.59 -5.55 -5.87
CA VAL A 58 -6.47 -5.44 -4.89
C VAL A 58 -5.80 -6.81 -4.69
N GLU A 59 -4.58 -6.92 -5.11
CA GLU A 59 -3.82 -8.19 -4.93
C GLU A 59 -2.56 -7.89 -4.11
N PRO A 60 -2.29 -8.62 -3.07
CA PRO A 60 -1.10 -8.37 -2.23
C PRO A 60 0.18 -8.90 -2.85
N HIS A 61 1.08 -8.04 -3.23
CA HIS A 61 2.36 -8.51 -3.83
C HIS A 61 3.36 -8.74 -2.70
N ASP A 62 3.16 -8.06 -1.60
CA ASP A 62 4.07 -8.22 -0.44
C ASP A 62 3.45 -7.50 0.75
N CYS A 63 2.15 -7.55 0.87
CA CYS A 63 1.46 -6.86 2.00
C CYS A 63 1.95 -7.43 3.34
N PHE A 64 1.15 -7.36 4.37
CA PHE A 64 1.60 -7.89 5.70
C PHE A 64 0.84 -9.17 6.08
N VAL A 65 -0.47 -9.12 6.17
CA VAL A 65 -1.22 -10.35 6.55
C VAL A 65 -0.69 -11.53 5.73
N SER A 66 -1.00 -11.57 4.47
CA SER A 66 -0.51 -12.67 3.60
C SER A 66 -0.07 -12.08 2.27
N ALA A 67 1.08 -12.43 1.78
CA ALA A 67 1.54 -11.85 0.49
C ALA A 67 2.81 -12.55 0.00
N PHE A 68 3.33 -12.11 -1.11
CA PHE A 68 4.57 -12.74 -1.66
C PHE A 68 5.78 -11.95 -1.15
N ASN A 69 6.75 -12.64 -0.58
CA ASN A 69 7.94 -11.91 -0.05
C ASN A 69 8.79 -11.41 -1.22
N LEU A 70 9.94 -10.86 -0.92
CA LEU A 70 10.83 -10.35 -2.01
C LEU A 70 11.26 -11.52 -2.90
N SER A 71 11.16 -12.72 -2.39
CA SER A 71 11.56 -13.91 -3.20
C SER A 71 10.38 -14.31 -4.08
N GLY A 72 9.24 -13.73 -3.86
CA GLY A 72 8.04 -14.07 -4.68
C GLY A 72 7.35 -15.30 -4.09
N LYS A 73 7.62 -15.60 -2.84
CA LYS A 73 6.98 -16.79 -2.21
C LYS A 73 5.88 -16.31 -1.25
N ASN A 74 4.77 -17.00 -1.21
CA ASN A 74 3.66 -16.58 -0.30
C ASN A 74 4.02 -16.91 1.16
N GLU A 75 4.01 -15.92 2.02
CA GLU A 75 4.35 -16.18 3.44
C GLU A 75 3.72 -15.09 4.33
N ASN A 76 3.06 -15.49 5.39
CA ASN A 76 2.42 -14.48 6.29
C ASN A 76 3.49 -13.57 6.86
N LEU A 77 3.17 -12.32 7.08
CA LEU A 77 4.19 -11.38 7.65
C LEU A 77 3.94 -11.19 9.15
N GLU A 78 3.02 -11.93 9.71
CA GLU A 78 2.73 -11.76 11.17
C GLU A 78 3.87 -12.35 12.00
N ASN A 79 4.42 -13.45 11.57
CA ASN A 79 5.54 -14.07 12.35
C ASN A 79 6.70 -13.08 12.45
N LYS A 80 6.68 -12.06 11.62
CA LYS A 80 7.77 -11.05 11.67
C LYS A 80 7.27 -9.79 12.39
N LEU A 81 6.01 -9.47 12.20
CA LEU A 81 5.44 -8.26 12.86
C LEU A 81 4.11 -8.62 13.52
N LYS A 82 3.99 -8.39 14.80
CA LYS A 82 2.71 -8.73 15.48
C LYS A 82 1.69 -7.59 15.26
N LEU A 83 1.02 -7.60 14.15
CA LEU A 83 0.03 -6.53 13.86
C LEU A 83 -1.25 -6.75 14.67
N THR A 84 -1.83 -5.70 15.18
CA THR A 84 -3.08 -5.83 15.97
C THR A 84 -4.15 -4.88 15.42
N ASN A 85 -5.41 -5.16 15.68
CA ASN A 85 -6.48 -4.27 15.16
C ASN A 85 -6.34 -4.11 13.65
N ILE A 86 -6.22 -5.19 12.94
CA ILE A 86 -6.06 -5.12 11.46
C ILE A 86 -7.43 -4.87 10.80
N ILE A 87 -7.50 -3.92 9.89
CA ILE A 87 -8.79 -3.62 9.21
C ILE A 87 -8.66 -3.93 7.72
N MET A 88 -9.45 -4.85 7.21
CA MET A 88 -9.36 -5.19 5.76
C MET A 88 -10.73 -5.03 5.09
N ASP A 89 -10.90 -4.04 4.26
CA ASP A 89 -12.21 -3.83 3.58
C ASP A 89 -12.01 -4.07 2.07
N HIS A 90 -12.41 -5.22 1.57
CA HIS A 90 -12.25 -5.50 0.12
C HIS A 90 -13.20 -4.64 -0.71
N TYR A 91 -14.40 -4.43 -0.25
CA TYR A 91 -15.36 -3.60 -1.03
C TYR A 91 -14.80 -2.19 -1.22
N ASN A 92 -14.27 -1.61 -0.17
CA ASN A 92 -13.70 -0.23 -0.30
C ASN A 92 -12.24 -0.34 -0.77
N ASN A 93 -11.73 -1.54 -0.84
CA ASN A 93 -10.32 -1.72 -1.32
C ASN A 93 -9.37 -0.87 -0.48
N THR A 94 -9.49 -0.92 0.83
CA THR A 94 -8.58 -0.12 1.70
C THR A 94 -8.06 -1.00 2.83
N PHE A 95 -6.80 -0.86 3.16
CA PHE A 95 -6.21 -1.70 4.26
C PHE A 95 -5.50 -0.80 5.29
N TYR A 96 -5.64 -1.10 6.55
CA TYR A 96 -4.98 -0.27 7.61
C TYR A 96 -4.35 -1.20 8.65
N SER A 97 -3.24 -0.81 9.22
CA SER A 97 -2.59 -1.66 10.26
C SER A 97 -1.85 -0.76 11.26
N ARG A 98 -1.71 -1.19 12.49
CA ARG A 98 -1.00 -0.35 13.50
C ARG A 98 0.43 -0.87 13.67
N LEU A 99 1.39 0.01 13.66
CA LEU A 99 2.81 -0.42 13.82
C LEU A 99 3.19 -0.39 15.31
N PRO A 100 3.90 -1.38 15.80
CA PRO A 100 4.32 -1.41 17.23
C PRO A 100 4.91 -0.06 17.66
N SER A 101 5.03 0.17 18.93
CA SER A 101 5.57 1.47 19.40
C SER A 101 7.09 1.51 19.16
N LEU A 102 7.68 0.39 18.83
CA LEU A 102 9.15 0.37 18.60
C LEU A 102 9.49 -0.48 17.37
N ILE A 103 10.29 0.05 16.48
CA ILE A 103 10.69 -0.72 15.26
C ILE A 103 12.13 -0.36 14.89
N SER A 104 13.07 -1.19 15.21
CA SER A 104 14.50 -0.89 14.89
C SER A 104 14.89 -1.57 13.58
N ASP A 105 14.04 -2.40 13.05
CA ASP A 105 14.37 -3.10 11.77
C ASP A 105 14.07 -2.20 10.58
N ASN A 106 14.73 -2.42 9.48
CA ASN A 106 14.50 -1.60 8.26
C ASN A 106 13.71 -2.42 7.24
N TRP A 107 12.83 -3.27 7.70
CA TRP A 107 12.05 -4.13 6.75
C TRP A 107 11.13 -3.27 5.89
N LYS A 108 10.81 -3.75 4.72
CA LYS A 108 9.92 -2.99 3.81
C LYS A 108 8.84 -3.93 3.27
N PHE A 109 7.70 -3.41 2.89
CA PHE A 109 6.64 -4.29 2.34
C PHE A 109 5.77 -3.48 1.38
N PHE A 110 5.05 -4.11 0.50
CA PHE A 110 4.21 -3.33 -0.47
C PHE A 110 2.97 -4.11 -0.90
N CYS A 111 1.98 -3.40 -1.39
CA CYS A 111 0.72 -4.05 -1.86
C CYS A 111 0.51 -3.63 -3.32
N VAL A 112 -0.21 -4.39 -4.10
CA VAL A 112 -0.41 -4.00 -5.53
C VAL A 112 -1.88 -4.05 -5.94
N CYS A 113 -2.28 -3.10 -6.76
CA CYS A 113 -3.67 -3.06 -7.27
C CYS A 113 -3.60 -3.14 -8.80
N SER A 114 -4.36 -4.00 -9.44
CA SER A 114 -4.24 -4.08 -10.92
C SER A 114 -5.36 -4.93 -11.53
N LYS A 115 -5.44 -4.93 -12.83
CA LYS A 115 -6.45 -5.75 -13.57
C LYS A 115 -5.85 -6.16 -14.90
N ASP A 116 -6.43 -7.11 -15.59
CA ASP A 116 -5.88 -7.52 -16.90
C ASP A 116 -5.82 -6.29 -17.83
N ASN A 117 -4.88 -6.26 -18.74
CA ASN A 117 -4.78 -5.11 -19.67
C ASN A 117 -4.99 -3.80 -18.90
N GLU A 118 -4.15 -3.52 -17.94
CA GLU A 118 -4.30 -2.25 -17.16
C GLU A 118 -3.00 -1.91 -16.43
N LYS A 119 -2.66 -0.65 -16.36
CA LYS A 119 -1.40 -0.25 -15.66
C LYS A 119 -1.42 -0.81 -14.24
N LYS A 120 -0.28 -1.17 -13.70
CA LYS A 120 -0.24 -1.73 -12.32
C LYS A 120 0.15 -0.64 -11.31
N LEU A 121 -0.47 -0.66 -10.17
CA LEU A 121 -0.15 0.37 -9.13
C LEU A 121 0.55 -0.32 -7.94
N VAL A 122 1.72 0.12 -7.57
CA VAL A 122 2.44 -0.52 -6.42
C VAL A 122 2.46 0.42 -5.21
N PHE A 123 2.09 -0.10 -4.07
CA PHE A 123 2.12 0.73 -2.82
C PHE A 123 3.25 0.22 -1.94
N THR A 124 4.20 1.05 -1.57
CA THR A 124 5.33 0.55 -0.74
C THR A 124 5.69 1.53 0.39
N VAL A 125 6.01 0.99 1.53
CA VAL A 125 6.42 1.84 2.69
C VAL A 125 7.65 1.19 3.34
N GLU A 126 8.43 1.95 4.09
CA GLU A 126 9.65 1.36 4.72
C GLU A 126 9.60 1.57 6.25
N ALA A 127 10.07 0.61 6.98
CA ALA A 127 10.06 0.73 8.48
C ALA A 127 11.35 0.13 9.04
N GLU A 1 -5.77 13.50 12.41
CA GLU A 1 -4.46 12.99 11.91
C GLU A 1 -4.69 12.12 10.67
N LYS A 2 -3.99 12.39 9.60
CA LYS A 2 -4.17 11.58 8.37
C LYS A 2 -3.29 10.32 8.46
N VAL A 3 -3.70 9.26 7.82
CA VAL A 3 -2.91 7.99 7.88
C VAL A 3 -1.82 8.01 6.80
N LYS A 4 -0.62 7.61 7.15
CA LYS A 4 0.47 7.59 6.13
C LYS A 4 0.19 6.47 5.13
N GLY A 5 0.22 6.77 3.87
CA GLY A 5 -0.05 5.72 2.86
C GLY A 5 -0.23 6.35 1.48
N CYS A 6 -0.81 5.61 0.56
CA CYS A 6 -1.02 6.17 -0.81
C CYS A 6 -2.47 5.96 -1.23
N ASP A 7 -3.07 6.97 -1.80
CA ASP A 7 -4.50 6.85 -2.25
C ASP A 7 -4.55 6.97 -3.77
N PHE A 8 -4.82 5.88 -4.46
CA PHE A 8 -4.89 5.94 -5.95
C PHE A 8 -6.33 6.29 -6.36
N THR A 9 -7.18 6.53 -5.40
CA THR A 9 -8.60 6.86 -5.73
C THR A 9 -8.83 8.37 -5.70
N THR A 10 -7.98 9.11 -5.05
CA THR A 10 -8.19 10.59 -5.00
C THR A 10 -6.87 11.30 -4.71
N SER A 11 -6.50 12.24 -5.53
CA SER A 11 -5.23 12.99 -5.30
C SER A 11 -5.29 13.65 -3.93
N GLU A 12 -6.47 14.05 -3.51
CA GLU A 12 -6.62 14.70 -2.18
C GLU A 12 -7.42 13.78 -1.27
N SER A 13 -6.81 12.73 -0.80
CA SER A 13 -7.54 11.78 0.09
C SER A 13 -7.87 12.46 1.42
N THR A 14 -8.97 12.08 2.02
CA THR A 14 -9.36 12.67 3.32
C THR A 14 -8.93 11.72 4.43
N ILE A 15 -8.31 10.62 4.07
CA ILE A 15 -7.85 9.63 5.09
C ILE A 15 -6.35 9.37 4.93
N PHE A 16 -5.79 9.66 3.79
CA PHE A 16 -4.32 9.41 3.58
C PHE A 16 -3.61 10.73 3.26
N SER A 17 -2.47 10.94 3.85
CA SER A 17 -1.71 12.19 3.60
C SER A 17 -1.24 12.28 2.15
N LYS A 18 -1.24 11.19 1.42
CA LYS A 18 -0.77 11.24 0.00
C LYS A 18 -1.76 10.51 -0.91
N GLY A 19 -1.94 11.01 -2.10
CA GLY A 19 -2.88 10.35 -3.06
C GLY A 19 -2.55 10.79 -4.49
N TYR A 20 -3.17 10.18 -5.46
CA TYR A 20 -2.90 10.55 -6.88
C TYR A 20 -4.22 10.78 -7.62
N SER A 21 -4.17 11.39 -8.76
CA SER A 21 -5.42 11.64 -9.54
C SER A 21 -5.61 10.52 -10.57
N ILE A 22 -6.83 10.26 -10.96
CA ILE A 22 -7.07 9.18 -11.96
C ILE A 22 -6.28 9.47 -13.22
N ASN A 23 -6.10 10.73 -13.55
CA ASN A 23 -5.32 11.08 -14.78
C ASN A 23 -3.86 10.65 -14.60
N GLU A 24 -3.32 10.83 -13.42
CA GLU A 24 -1.90 10.44 -13.19
C GLU A 24 -1.73 8.93 -13.33
N ILE A 25 -2.67 8.16 -12.85
CA ILE A 25 -2.53 6.68 -12.97
C ILE A 25 -3.09 6.21 -14.31
N SER A 26 -3.81 7.07 -14.99
CA SER A 26 -4.38 6.68 -16.31
C SER A 26 -3.25 6.47 -17.31
N ASN A 27 -3.38 7.00 -18.50
CA ASN A 27 -2.30 6.84 -19.52
C ASN A 27 -1.54 8.16 -19.65
N LYS A 28 -1.50 8.93 -18.60
CA LYS A 28 -0.77 10.24 -18.66
C LYS A 28 0.24 10.32 -17.51
N SER A 29 0.54 9.20 -16.89
CA SER A 29 1.51 9.22 -15.76
C SER A 29 2.67 10.14 -16.09
N SER A 30 3.19 10.86 -15.13
CA SER A 30 4.31 11.80 -15.39
C SER A 30 5.26 11.19 -16.43
N ASN A 31 6.14 10.32 -16.00
CA ASN A 31 7.09 9.69 -16.95
C ASN A 31 7.33 8.23 -16.55
N ASN A 32 6.80 7.80 -15.45
CA ASN A 32 6.99 6.39 -15.00
C ASN A 32 6.42 5.45 -16.04
N GLN A 33 7.22 4.56 -16.58
CA GLN A 33 6.71 3.61 -17.61
C GLN A 33 5.26 3.22 -17.29
N GLN A 34 5.05 2.11 -16.63
CA GLN A 34 3.66 1.71 -16.30
C GLN A 34 3.63 1.14 -14.87
N ASP A 35 4.45 1.67 -14.00
CA ASP A 35 4.49 1.17 -12.59
C ASP A 35 4.50 2.35 -11.62
N ILE A 36 3.40 2.60 -10.97
CA ILE A 36 3.37 3.72 -10.00
C ILE A 36 3.74 3.20 -8.62
N VAL A 37 4.79 3.71 -8.03
CA VAL A 37 5.20 3.23 -6.68
C VAL A 37 5.08 4.35 -5.65
N CYS A 38 4.41 4.07 -4.56
CA CYS A 38 4.28 5.11 -3.50
C CYS A 38 5.26 4.79 -2.37
N THR A 39 6.38 5.46 -2.32
CA THR A 39 7.36 5.16 -1.25
C THR A 39 7.13 6.10 -0.06
N VAL A 40 6.85 5.53 1.08
CA VAL A 40 6.61 6.38 2.29
C VAL A 40 7.24 5.69 3.51
N LYS A 41 7.61 6.45 4.50
CA LYS A 41 8.22 5.83 5.72
C LYS A 41 7.16 5.71 6.81
N ALA A 42 7.10 4.58 7.46
CA ALA A 42 6.07 4.40 8.54
C ALA A 42 6.71 4.68 9.90
N HIS A 43 5.91 4.97 10.89
CA HIS A 43 6.48 5.25 12.25
C HIS A 43 5.69 4.47 13.30
N ALA A 44 6.33 4.12 14.38
CA ALA A 44 5.64 3.34 15.45
C ALA A 44 4.33 4.04 15.84
N ASN A 45 4.25 5.33 15.62
CA ASN A 45 3.01 6.07 15.98
C ASN A 45 2.20 6.36 14.72
N ASP A 46 2.85 6.45 13.58
CA ASP A 46 2.11 6.76 12.34
C ASP A 46 1.29 5.55 11.89
N LEU A 47 0.06 5.76 11.51
CA LEU A 47 -0.79 4.63 11.04
C LEU A 47 -0.42 4.32 9.59
N ILE A 48 -0.51 3.07 9.19
CA ILE A 48 -0.17 2.73 7.77
C ILE A 48 -1.38 2.10 7.07
N GLY A 49 -1.56 2.43 5.82
CA GLY A 49 -2.72 1.84 5.07
C GLY A 49 -2.74 2.43 3.66
N PHE A 50 -3.77 2.15 2.90
CA PHE A 50 -3.83 2.70 1.51
C PHE A 50 -5.20 2.40 0.89
N LYS A 51 -5.48 2.94 -0.25
CA LYS A 51 -6.80 2.68 -0.91
C LYS A 51 -6.64 2.66 -2.42
N CYS A 52 -7.39 1.82 -3.09
CA CYS A 52 -7.30 1.74 -4.59
C CYS A 52 -8.69 1.99 -5.18
N PRO A 53 -8.77 2.51 -6.38
CA PRO A 53 -10.07 2.79 -7.05
C PRO A 53 -10.99 1.57 -7.03
N SER A 54 -12.28 1.79 -6.95
CA SER A 54 -13.25 0.66 -6.92
C SER A 54 -13.28 -0.07 -8.26
N ASN A 55 -12.72 0.52 -9.29
CA ASN A 55 -12.75 -0.15 -10.62
C ASN A 55 -11.51 -1.02 -10.81
N TYR A 56 -10.64 -1.05 -9.85
CA TYR A 56 -9.40 -1.88 -9.97
C TYR A 56 -9.47 -3.08 -9.02
N SER A 57 -8.63 -4.07 -9.23
CA SER A 57 -8.64 -5.26 -8.34
C SER A 57 -7.45 -5.19 -7.39
N VAL A 58 -7.65 -5.46 -6.12
CA VAL A 58 -6.51 -5.39 -5.17
C VAL A 58 -5.83 -6.75 -5.06
N GLU A 59 -4.55 -6.80 -5.32
CA GLU A 59 -3.79 -8.07 -5.24
C GLU A 59 -2.57 -7.83 -4.34
N PRO A 60 -2.36 -8.62 -3.31
CA PRO A 60 -1.20 -8.45 -2.40
C PRO A 60 0.09 -8.99 -3.01
N HIS A 61 1.03 -8.14 -3.28
CA HIS A 61 2.33 -8.62 -3.86
C HIS A 61 3.30 -8.85 -2.70
N ASP A 62 3.08 -8.17 -1.61
CA ASP A 62 3.95 -8.33 -0.42
C ASP A 62 3.31 -7.59 0.75
N CYS A 63 2.01 -7.69 0.87
CA CYS A 63 1.30 -7.00 1.99
C CYS A 63 1.76 -7.57 3.33
N PHE A 64 0.94 -7.50 4.35
CA PHE A 64 1.36 -8.02 5.69
C PHE A 64 0.57 -9.29 6.07
N VAL A 65 -0.74 -9.22 6.11
CA VAL A 65 -1.52 -10.44 6.49
C VAL A 65 -0.99 -11.64 5.68
N SER A 66 -1.28 -11.67 4.41
CA SER A 66 -0.80 -12.80 3.56
C SER A 66 -0.35 -12.21 2.23
N ALA A 67 0.83 -12.56 1.76
CA ALA A 67 1.30 -11.99 0.47
C ALA A 67 2.60 -12.66 0.03
N PHE A 68 3.13 -12.24 -1.08
CA PHE A 68 4.41 -12.85 -1.58
C PHE A 68 5.58 -12.00 -1.08
N ASN A 69 6.55 -12.61 -0.45
CA ASN A 69 7.70 -11.81 0.07
C ASN A 69 8.60 -11.39 -1.09
N LEU A 70 9.74 -10.83 -0.80
CA LEU A 70 10.66 -10.39 -1.88
C LEU A 70 11.13 -11.61 -2.66
N SER A 71 11.06 -12.77 -2.06
CA SER A 71 11.49 -14.01 -2.76
C SER A 71 10.34 -14.50 -3.63
N GLY A 72 9.19 -13.89 -3.51
CA GLY A 72 8.01 -14.31 -4.32
C GLY A 72 7.35 -15.52 -3.67
N LYS A 73 7.62 -15.76 -2.42
CA LYS A 73 7.01 -16.92 -1.71
C LYS A 73 5.84 -16.43 -0.86
N ASN A 74 4.75 -17.16 -0.81
CA ASN A 74 3.58 -16.72 -0.01
C ASN A 74 3.80 -17.06 1.48
N GLU A 75 3.89 -16.05 2.32
CA GLU A 75 4.10 -16.31 3.77
C GLU A 75 3.52 -15.15 4.59
N ASN A 76 2.88 -15.47 5.69
CA ASN A 76 2.28 -14.38 6.52
C ASN A 76 3.39 -13.46 7.04
N LEU A 77 3.10 -12.21 7.23
CA LEU A 77 4.14 -11.25 7.72
C LEU A 77 3.99 -11.05 9.23
N GLU A 78 3.14 -11.82 9.86
CA GLU A 78 2.95 -11.66 11.33
C GLU A 78 4.20 -12.11 12.08
N ASN A 79 4.83 -13.19 11.65
CA ASN A 79 6.05 -13.65 12.33
C ASN A 79 7.14 -12.58 12.22
N LYS A 80 7.15 -11.87 11.12
CA LYS A 80 8.16 -10.78 10.94
C LYS A 80 7.78 -9.59 11.81
N LEU A 81 6.56 -9.16 11.73
CA LEU A 81 6.10 -8.00 12.54
C LEU A 81 4.70 -8.28 13.10
N LYS A 82 4.52 -8.19 14.38
CA LYS A 82 3.18 -8.46 14.96
C LYS A 82 2.29 -7.23 14.82
N LEU A 83 1.57 -7.12 13.74
CA LEU A 83 0.69 -5.93 13.53
C LEU A 83 -0.55 -6.06 14.41
N THR A 84 -1.10 -4.94 14.82
CA THR A 84 -2.33 -4.99 15.68
C THR A 84 -3.41 -4.10 15.07
N ASN A 85 -4.65 -4.31 15.42
CA ASN A 85 -5.74 -3.48 14.85
C ASN A 85 -5.71 -3.54 13.32
N ILE A 86 -5.71 -4.72 12.78
CA ILE A 86 -5.67 -4.86 11.29
C ILE A 86 -7.08 -4.67 10.71
N ILE A 87 -7.21 -3.88 9.68
CA ILE A 87 -8.55 -3.66 9.05
C ILE A 87 -8.48 -4.05 7.57
N MET A 88 -9.32 -4.96 7.13
CA MET A 88 -9.29 -5.37 5.70
C MET A 88 -10.67 -5.15 5.07
N ASP A 89 -10.81 -4.09 4.30
CA ASP A 89 -12.12 -3.81 3.64
C ASP A 89 -11.96 -4.00 2.12
N HIS A 90 -12.39 -5.11 1.60
CA HIS A 90 -12.26 -5.36 0.13
C HIS A 90 -13.27 -4.51 -0.65
N TYR A 91 -14.44 -4.29 -0.11
CA TYR A 91 -15.45 -3.48 -0.84
C TYR A 91 -14.90 -2.07 -1.09
N ASN A 92 -14.35 -1.46 -0.08
CA ASN A 92 -13.78 -0.09 -0.27
C ASN A 92 -12.33 -0.21 -0.72
N ASN A 93 -11.82 -1.40 -0.81
CA ASN A 93 -10.42 -1.60 -1.27
C ASN A 93 -9.46 -0.74 -0.43
N THR A 94 -9.59 -0.79 0.88
CA THR A 94 -8.68 0.02 1.74
C THR A 94 -8.15 -0.86 2.87
N PHE A 95 -6.88 -0.74 3.19
CA PHE A 95 -6.30 -1.59 4.28
C PHE A 95 -5.57 -0.71 5.29
N TYR A 96 -5.70 -1.00 6.56
CA TYR A 96 -4.99 -0.19 7.60
C TYR A 96 -4.37 -1.12 8.64
N SER A 97 -3.25 -0.75 9.20
CA SER A 97 -2.59 -1.61 10.22
C SER A 97 -1.80 -0.73 11.19
N ARG A 98 -1.61 -1.18 12.40
CA ARG A 98 -0.84 -0.36 13.39
C ARG A 98 0.53 -1.03 13.64
N LEU A 99 1.56 -0.23 13.70
CA LEU A 99 2.92 -0.78 13.93
C LEU A 99 3.24 -0.76 15.44
N PRO A 100 3.89 -1.77 15.97
CA PRO A 100 4.25 -1.79 17.41
C PRO A 100 4.87 -0.46 17.86
N SER A 101 4.86 -0.18 19.13
CA SER A 101 5.44 1.11 19.60
C SER A 101 6.95 1.10 19.41
N LEU A 102 7.53 -0.04 19.20
CA LEU A 102 9.01 -0.12 19.02
C LEU A 102 9.37 -0.79 17.69
N ILE A 103 10.24 -0.19 16.93
CA ILE A 103 10.65 -0.80 15.63
C ILE A 103 12.15 -0.52 15.41
N SER A 104 12.92 -1.54 15.17
CA SER A 104 14.38 -1.34 14.95
C SER A 104 14.87 -2.23 13.81
N ASP A 105 14.23 -2.17 12.68
CA ASP A 105 14.66 -3.02 11.53
C ASP A 105 14.44 -2.29 10.21
N ASN A 106 15.21 -2.61 9.21
CA ASN A 106 15.05 -1.96 7.88
C ASN A 106 14.08 -2.78 7.03
N TRP A 107 13.11 -3.40 7.65
CA TRP A 107 12.16 -4.26 6.88
C TRP A 107 11.35 -3.40 5.91
N LYS A 108 10.87 -4.02 4.85
CA LYS A 108 10.08 -3.27 3.83
C LYS A 108 9.01 -4.20 3.27
N PHE A 109 7.89 -3.67 2.84
CA PHE A 109 6.83 -4.53 2.26
C PHE A 109 5.97 -3.70 1.30
N PHE A 110 5.18 -4.33 0.47
CA PHE A 110 4.36 -3.51 -0.48
C PHE A 110 3.11 -4.27 -0.92
N CYS A 111 2.12 -3.54 -1.39
CA CYS A 111 0.85 -4.16 -1.89
C CYS A 111 0.65 -3.71 -3.34
N VAL A 112 -0.09 -4.45 -4.12
CA VAL A 112 -0.28 -4.04 -5.55
C VAL A 112 -1.76 -4.03 -5.95
N CYS A 113 -2.15 -3.05 -6.72
CA CYS A 113 -3.55 -2.95 -7.22
C CYS A 113 -3.48 -2.95 -8.75
N SER A 114 -4.27 -3.75 -9.44
CA SER A 114 -4.17 -3.76 -10.93
C SER A 114 -5.29 -4.60 -11.56
N LYS A 115 -5.28 -4.64 -12.87
CA LYS A 115 -6.29 -5.43 -13.62
C LYS A 115 -5.66 -5.83 -14.96
N ASP A 116 -6.26 -6.74 -15.68
CA ASP A 116 -5.68 -7.13 -17.00
C ASP A 116 -5.58 -5.90 -17.90
N ASN A 117 -4.66 -5.88 -18.81
CA ASN A 117 -4.52 -4.70 -19.72
C ASN A 117 -4.75 -3.41 -18.93
N GLU A 118 -3.95 -3.16 -17.91
CA GLU A 118 -4.13 -1.92 -17.11
C GLU A 118 -2.84 -1.56 -16.37
N LYS A 119 -2.51 -0.29 -16.30
CA LYS A 119 -1.26 0.12 -15.60
C LYS A 119 -1.28 -0.48 -14.18
N LYS A 120 -0.15 -0.94 -13.70
CA LYS A 120 -0.11 -1.54 -12.34
C LYS A 120 0.26 -0.50 -11.30
N LEU A 121 -0.39 -0.52 -10.17
CA LEU A 121 -0.08 0.47 -9.09
C LEU A 121 0.61 -0.26 -7.92
N VAL A 122 1.79 0.16 -7.55
CA VAL A 122 2.51 -0.52 -6.43
C VAL A 122 2.51 0.35 -5.17
N PHE A 123 2.12 -0.22 -4.07
CA PHE A 123 2.11 0.54 -2.78
C PHE A 123 3.27 0.01 -1.93
N THR A 124 4.21 0.85 -1.57
CA THR A 124 5.37 0.33 -0.76
C THR A 124 5.74 1.28 0.39
N VAL A 125 6.05 0.71 1.52
CA VAL A 125 6.47 1.51 2.70
C VAL A 125 7.70 0.84 3.32
N GLU A 126 8.51 1.57 4.05
CA GLU A 126 9.71 0.95 4.68
C GLU A 126 9.86 1.43 6.12
N ALA A 127 10.53 0.65 6.94
CA ALA A 127 10.73 1.05 8.37
C ALA A 127 11.86 0.22 8.97
N GLU A 1 -4.32 15.53 11.37
CA GLU A 1 -4.26 14.07 11.64
C GLU A 1 -4.58 13.30 10.35
N LYS A 2 -3.61 12.63 9.80
CA LYS A 2 -3.84 11.86 8.54
C LYS A 2 -3.12 10.51 8.63
N VAL A 3 -3.57 9.54 7.88
CA VAL A 3 -2.92 8.19 7.92
C VAL A 3 -1.87 8.08 6.81
N LYS A 4 -0.71 7.56 7.13
CA LYS A 4 0.33 7.42 6.08
C LYS A 4 -0.12 6.35 5.09
N GLY A 5 -0.21 6.70 3.84
CA GLY A 5 -0.64 5.69 2.83
C GLY A 5 -0.73 6.35 1.45
N CYS A 6 -1.10 5.59 0.45
CA CYS A 6 -1.21 6.16 -0.93
C CYS A 6 -2.65 6.02 -1.42
N ASP A 7 -3.21 7.10 -1.91
CA ASP A 7 -4.61 7.04 -2.41
C ASP A 7 -4.60 7.08 -3.94
N PHE A 8 -4.92 5.98 -4.58
CA PHE A 8 -4.94 5.97 -6.07
C PHE A 8 -6.33 6.37 -6.55
N THR A 9 -7.21 6.68 -5.64
CA THR A 9 -8.60 7.05 -6.04
C THR A 9 -8.79 8.58 -5.94
N THR A 10 -7.92 9.26 -5.24
CA THR A 10 -8.10 10.74 -5.12
C THR A 10 -6.76 11.41 -4.79
N SER A 11 -6.36 12.37 -5.56
CA SER A 11 -5.07 13.07 -5.29
C SER A 11 -5.16 13.78 -3.94
N GLU A 12 -6.35 14.17 -3.57
CA GLU A 12 -6.54 14.87 -2.26
C GLU A 12 -7.35 13.97 -1.32
N SER A 13 -6.73 12.94 -0.82
CA SER A 13 -7.47 12.01 0.09
C SER A 13 -7.80 12.71 1.40
N THR A 14 -8.88 12.33 2.03
CA THR A 14 -9.27 12.95 3.32
C THR A 14 -8.82 12.02 4.45
N ILE A 15 -8.22 10.91 4.10
CA ILE A 15 -7.75 9.95 5.15
C ILE A 15 -6.26 9.66 4.96
N PHE A 16 -5.73 9.88 3.77
CA PHE A 16 -4.28 9.59 3.53
C PHE A 16 -3.53 10.89 3.24
N SER A 17 -2.33 11.00 3.75
CA SER A 17 -1.53 12.24 3.54
C SER A 17 -0.98 12.30 2.11
N LYS A 18 -0.93 11.19 1.43
CA LYS A 18 -0.37 11.21 0.03
C LYS A 18 -1.34 10.52 -0.94
N GLY A 19 -1.48 11.06 -2.12
CA GLY A 19 -2.40 10.45 -3.12
C GLY A 19 -1.97 10.85 -4.53
N TYR A 20 -2.47 10.17 -5.53
CA TYR A 20 -2.09 10.53 -6.94
C TYR A 20 -3.34 10.94 -7.71
N SER A 21 -3.17 11.72 -8.75
CA SER A 21 -4.35 12.15 -9.56
C SER A 21 -4.52 11.20 -10.74
N ILE A 22 -5.73 11.04 -11.22
CA ILE A 22 -5.96 10.11 -12.36
C ILE A 22 -5.12 10.56 -13.56
N ASN A 23 -4.83 11.83 -13.65
CA ASN A 23 -4.01 12.33 -14.79
C ASN A 23 -2.57 11.84 -14.63
N GLU A 24 -2.05 11.86 -13.44
CA GLU A 24 -0.65 11.42 -13.23
C GLU A 24 -0.47 9.97 -13.67
N ILE A 25 -1.37 9.10 -13.28
CA ILE A 25 -1.23 7.68 -13.70
C ILE A 25 -1.41 7.56 -15.21
N SER A 26 -1.75 8.64 -15.87
CA SER A 26 -1.94 8.58 -17.35
C SER A 26 -0.79 9.32 -18.02
N ASN A 27 -0.32 10.40 -17.43
CA ASN A 27 0.80 11.18 -18.04
C ASN A 27 1.97 10.23 -18.31
N LYS A 28 1.86 9.40 -19.30
CA LYS A 28 2.96 8.45 -19.61
C LYS A 28 4.28 9.20 -19.75
N SER A 29 5.02 9.32 -18.68
CA SER A 29 6.33 10.04 -18.75
C SER A 29 7.36 9.29 -17.90
N SER A 30 7.40 9.57 -16.63
CA SER A 30 8.38 8.89 -15.74
C SER A 30 8.00 7.41 -15.60
N ASN A 31 8.80 6.65 -14.89
CA ASN A 31 8.47 5.19 -14.73
C ASN A 31 7.03 5.04 -14.25
N ASN A 32 6.43 6.11 -13.79
CA ASN A 32 5.02 6.02 -13.31
C ASN A 32 4.10 5.79 -14.51
N GLN A 33 4.65 5.50 -15.65
CA GLN A 33 3.79 5.26 -16.85
C GLN A 33 3.46 3.77 -16.95
N GLN A 34 4.07 2.96 -16.14
CA GLN A 34 3.77 1.50 -16.19
C GLN A 34 3.65 0.94 -14.77
N ASP A 35 4.41 1.48 -13.85
CA ASP A 35 4.36 0.97 -12.45
C ASP A 35 4.34 2.16 -11.49
N ILE A 36 3.26 2.36 -10.78
CA ILE A 36 3.21 3.49 -9.82
C ILE A 36 3.66 3.00 -8.45
N VAL A 37 4.70 3.56 -7.90
CA VAL A 37 5.19 3.10 -6.57
C VAL A 37 5.04 4.23 -5.55
N CYS A 38 4.35 3.97 -4.46
CA CYS A 38 4.20 5.01 -3.42
C CYS A 38 5.16 4.67 -2.27
N THR A 39 6.27 5.35 -2.19
CA THR A 39 7.24 5.06 -1.10
C THR A 39 7.01 6.02 0.07
N VAL A 40 6.72 5.50 1.23
CA VAL A 40 6.50 6.38 2.41
C VAL A 40 7.12 5.73 3.65
N LYS A 41 7.50 6.50 4.62
CA LYS A 41 8.10 5.91 5.85
C LYS A 41 7.03 5.79 6.93
N ALA A 42 6.96 4.66 7.58
CA ALA A 42 5.93 4.48 8.65
C ALA A 42 6.57 4.72 10.02
N HIS A 43 5.77 4.98 11.02
CA HIS A 43 6.32 5.22 12.38
C HIS A 43 5.50 4.46 13.42
N ALA A 44 6.10 4.09 14.50
CA ALA A 44 5.36 3.31 15.55
C ALA A 44 4.07 4.06 15.92
N ASN A 45 4.04 5.34 15.71
CA ASN A 45 2.82 6.12 16.05
C ASN A 45 2.01 6.41 14.79
N ASP A 46 2.67 6.48 13.67
CA ASP A 46 1.96 6.78 12.39
C ASP A 46 1.15 5.56 11.94
N LEU A 47 -0.08 5.77 11.55
CA LEU A 47 -0.91 4.62 11.08
C LEU A 47 -0.53 4.29 9.65
N ILE A 48 -0.61 3.05 9.25
CA ILE A 48 -0.24 2.68 7.85
C ILE A 48 -1.44 2.05 7.13
N GLY A 49 -1.61 2.36 5.88
CA GLY A 49 -2.76 1.79 5.12
C GLY A 49 -2.78 2.38 3.71
N PHE A 50 -3.80 2.09 2.94
CA PHE A 50 -3.86 2.65 1.55
C PHE A 50 -5.22 2.34 0.94
N LYS A 51 -5.49 2.88 -0.23
CA LYS A 51 -6.81 2.62 -0.88
C LYS A 51 -6.63 2.57 -2.40
N CYS A 52 -7.38 1.73 -3.06
CA CYS A 52 -7.30 1.64 -4.55
C CYS A 52 -8.70 1.88 -5.12
N PRO A 53 -8.80 2.37 -6.32
CA PRO A 53 -10.11 2.65 -6.98
C PRO A 53 -11.03 1.41 -6.93
N SER A 54 -12.32 1.65 -6.85
CA SER A 54 -13.29 0.51 -6.78
C SER A 54 -13.37 -0.21 -8.13
N ASN A 55 -12.85 0.37 -9.17
CA ASN A 55 -12.92 -0.28 -10.50
C ASN A 55 -11.68 -1.15 -10.74
N TYR A 56 -10.80 -1.21 -9.78
CA TYR A 56 -9.56 -2.03 -9.95
C TYR A 56 -9.61 -3.26 -9.03
N SER A 57 -8.75 -4.23 -9.27
CA SER A 57 -8.75 -5.45 -8.41
C SER A 57 -7.58 -5.37 -7.43
N VAL A 58 -7.78 -5.77 -6.20
CA VAL A 58 -6.66 -5.69 -5.21
C VAL A 58 -5.98 -7.05 -5.08
N GLU A 59 -4.69 -7.08 -5.27
CA GLU A 59 -3.92 -8.35 -5.14
C GLU A 59 -2.70 -8.08 -4.25
N PRO A 60 -2.46 -8.88 -3.25
CA PRO A 60 -1.29 -8.68 -2.35
C PRO A 60 0.01 -9.16 -2.98
N HIS A 61 0.91 -8.26 -3.27
CA HIS A 61 2.21 -8.68 -3.87
C HIS A 61 3.21 -8.88 -2.72
N ASP A 62 3.01 -8.18 -1.64
CA ASP A 62 3.91 -8.32 -0.46
C ASP A 62 3.24 -7.63 0.73
N CYS A 63 1.94 -7.77 0.85
CA CYS A 63 1.20 -7.13 1.98
C CYS A 63 1.69 -7.71 3.30
N PHE A 64 0.90 -7.61 4.35
CA PHE A 64 1.35 -8.14 5.68
C PHE A 64 0.54 -9.38 6.09
N VAL A 65 -0.77 -9.33 6.03
CA VAL A 65 -1.54 -10.54 6.47
C VAL A 65 -1.14 -11.74 5.61
N SER A 66 -1.10 -11.58 4.33
CA SER A 66 -0.69 -12.69 3.44
C SER A 66 -0.21 -12.10 2.11
N ALA A 67 0.96 -12.48 1.66
CA ALA A 67 1.46 -11.90 0.38
C ALA A 67 2.76 -12.59 -0.04
N PHE A 68 3.32 -12.16 -1.14
CA PHE A 68 4.58 -12.78 -1.64
C PHE A 68 5.76 -11.96 -1.09
N ASN A 69 6.68 -12.61 -0.42
CA ASN A 69 7.84 -11.85 0.15
C ASN A 69 8.74 -11.37 -0.98
N LEU A 70 9.87 -10.78 -0.64
CA LEU A 70 10.79 -10.28 -1.70
C LEU A 70 11.29 -11.48 -2.51
N SER A 71 11.25 -12.65 -1.96
CA SER A 71 11.71 -13.86 -2.70
C SER A 71 10.57 -14.34 -3.61
N GLY A 72 9.41 -13.73 -3.48
CA GLY A 72 8.25 -14.15 -4.32
C GLY A 72 7.59 -15.38 -3.70
N LYS A 73 7.82 -15.61 -2.44
CA LYS A 73 7.19 -16.79 -1.77
C LYS A 73 5.99 -16.32 -0.95
N ASN A 74 4.91 -17.06 -0.97
CA ASN A 74 3.71 -16.64 -0.19
C ASN A 74 3.85 -17.07 1.28
N GLU A 75 4.04 -16.14 2.16
CA GLU A 75 4.18 -16.49 3.61
C GLU A 75 3.59 -15.38 4.49
N ASN A 76 2.94 -15.74 5.56
CA ASN A 76 2.34 -14.71 6.44
C ASN A 76 3.42 -13.77 6.95
N LEU A 77 3.12 -12.50 7.09
CA LEU A 77 4.14 -11.52 7.57
C LEU A 77 3.97 -11.30 9.08
N GLU A 78 3.14 -12.07 9.71
CA GLU A 78 2.93 -11.89 11.18
C GLU A 78 4.18 -12.34 11.95
N ASN A 79 4.82 -13.39 11.52
CA ASN A 79 6.05 -13.86 12.22
C ASN A 79 7.12 -12.77 12.13
N LYS A 80 7.13 -12.03 11.06
CA LYS A 80 8.15 -10.95 10.92
C LYS A 80 7.79 -9.79 11.86
N LEU A 81 6.56 -9.34 11.80
CA LEU A 81 6.15 -8.21 12.69
C LEU A 81 4.73 -8.47 13.19
N LYS A 82 4.51 -8.40 14.48
CA LYS A 82 3.14 -8.65 15.02
C LYS A 82 2.31 -7.37 14.87
N LEU A 83 1.66 -7.21 13.74
CA LEU A 83 0.83 -6.01 13.52
C LEU A 83 -0.44 -6.08 14.38
N THR A 84 -0.98 -4.94 14.74
CA THR A 84 -2.23 -4.94 15.57
C THR A 84 -3.29 -4.06 14.91
N ASN A 85 -4.52 -4.18 15.33
CA ASN A 85 -5.60 -3.35 14.72
C ASN A 85 -5.61 -3.54 13.20
N ILE A 86 -5.66 -4.76 12.74
CA ILE A 86 -5.66 -5.02 11.27
C ILE A 86 -7.07 -4.81 10.71
N ILE A 87 -7.19 -4.01 9.68
CA ILE A 87 -8.52 -3.76 9.06
C ILE A 87 -8.47 -4.12 7.57
N MET A 88 -9.31 -5.03 7.13
CA MET A 88 -9.30 -5.42 5.68
C MET A 88 -10.69 -5.19 5.07
N ASP A 89 -10.84 -4.15 4.28
CA ASP A 89 -12.16 -3.88 3.63
C ASP A 89 -12.01 -4.06 2.12
N HIS A 90 -12.47 -5.17 1.59
CA HIS A 90 -12.35 -5.40 0.13
C HIS A 90 -13.35 -4.53 -0.64
N TYR A 91 -14.52 -4.31 -0.10
CA TYR A 91 -15.53 -3.49 -0.82
C TYR A 91 -14.96 -2.08 -1.05
N ASN A 92 -14.40 -1.49 -0.03
CA ASN A 92 -13.82 -0.12 -0.20
C ASN A 92 -12.37 -0.24 -0.64
N ASN A 93 -11.86 -1.44 -0.70
CA ASN A 93 -10.45 -1.64 -1.14
C ASN A 93 -9.51 -0.78 -0.31
N THR A 94 -9.64 -0.82 1.00
CA THR A 94 -8.75 0.00 1.87
C THR A 94 -8.20 -0.88 3.01
N PHE A 95 -6.93 -0.78 3.29
CA PHE A 95 -6.34 -1.63 4.38
C PHE A 95 -5.60 -0.74 5.39
N TYR A 96 -5.73 -1.03 6.66
CA TYR A 96 -5.03 -0.20 7.69
C TYR A 96 -4.40 -1.13 8.73
N SER A 97 -3.29 -0.75 9.29
CA SER A 97 -2.63 -1.61 10.32
C SER A 97 -1.81 -0.71 11.27
N ARG A 98 -1.62 -1.14 12.49
CA ARG A 98 -0.82 -0.33 13.45
C ARG A 98 0.53 -1.01 13.70
N LEU A 99 1.57 -0.22 13.77
CA LEU A 99 2.93 -0.79 14.00
C LEU A 99 3.27 -0.76 15.50
N PRO A 100 3.92 -1.77 16.02
CA PRO A 100 4.32 -1.81 17.45
C PRO A 100 4.93 -0.47 17.88
N SER A 101 5.31 -0.34 19.12
CA SER A 101 5.91 0.94 19.59
C SER A 101 7.42 0.94 19.30
N LEU A 102 7.98 -0.20 18.99
CA LEU A 102 9.45 -0.27 18.72
C LEU A 102 9.71 -0.80 17.31
N ILE A 103 10.54 -0.12 16.55
CA ILE A 103 10.86 -0.58 15.17
C ILE A 103 12.27 -0.12 14.82
N SER A 104 13.23 -1.01 14.88
CA SER A 104 14.64 -0.61 14.56
C SER A 104 15.12 -1.36 13.31
N ASP A 105 14.28 -2.20 12.75
CA ASP A 105 14.69 -2.96 11.54
C ASP A 105 14.39 -2.14 10.27
N ASN A 106 15.07 -2.45 9.20
CA ASN A 106 14.83 -1.71 7.92
C ASN A 106 13.90 -2.53 7.03
N TRP A 107 13.01 -3.28 7.61
CA TRP A 107 12.11 -4.14 6.79
C TRP A 107 11.17 -3.28 5.94
N LYS A 108 10.67 -3.83 4.87
CA LYS A 108 9.75 -3.08 3.98
C LYS A 108 8.72 -4.04 3.39
N PHE A 109 7.60 -3.54 2.95
CA PHE A 109 6.57 -4.44 2.36
C PHE A 109 5.68 -3.63 1.41
N PHE A 110 4.94 -4.28 0.55
CA PHE A 110 4.09 -3.50 -0.40
C PHE A 110 2.87 -4.30 -0.86
N CYS A 111 1.90 -3.61 -1.41
CA CYS A 111 0.66 -4.27 -1.92
C CYS A 111 0.45 -3.80 -3.37
N VAL A 112 -0.30 -4.53 -4.16
CA VAL A 112 -0.49 -4.11 -5.58
C VAL A 112 -1.97 -4.11 -5.98
N CYS A 113 -2.35 -3.16 -6.79
CA CYS A 113 -3.75 -3.08 -7.30
C CYS A 113 -3.67 -3.05 -8.83
N SER A 114 -4.44 -3.83 -9.53
CA SER A 114 -4.33 -3.82 -11.01
C SER A 114 -5.45 -4.62 -11.68
N LYS A 115 -5.43 -4.65 -12.99
CA LYS A 115 -6.44 -5.42 -13.77
C LYS A 115 -5.81 -5.80 -15.10
N ASP A 116 -6.40 -6.71 -15.84
CA ASP A 116 -5.81 -7.09 -17.15
C ASP A 116 -5.70 -5.85 -18.04
N ASN A 117 -4.76 -5.83 -18.94
CA ASN A 117 -4.61 -4.65 -19.84
C ASN A 117 -4.73 -3.35 -19.03
N GLU A 118 -3.86 -3.14 -18.08
CA GLU A 118 -3.95 -1.89 -17.26
C GLU A 118 -2.63 -1.67 -16.50
N LYS A 119 -2.24 -0.43 -16.32
CA LYS A 119 -0.97 -0.15 -15.58
C LYS A 119 -1.09 -0.70 -14.16
N LYS A 120 -0.01 -1.16 -13.59
CA LYS A 120 -0.08 -1.73 -12.21
C LYS A 120 0.25 -0.65 -11.17
N LEU A 121 -0.45 -0.66 -10.05
CA LEU A 121 -0.19 0.35 -8.99
C LEU A 121 0.51 -0.34 -7.80
N VAL A 122 1.68 0.09 -7.44
CA VAL A 122 2.39 -0.57 -6.29
C VAL A 122 2.42 0.36 -5.07
N PHE A 123 2.03 -0.15 -3.94
CA PHE A 123 2.05 0.65 -2.68
C PHE A 123 3.15 0.09 -1.79
N THR A 124 4.11 0.90 -1.38
CA THR A 124 5.22 0.35 -0.53
C THR A 124 5.60 1.30 0.62
N VAL A 125 5.93 0.73 1.75
CA VAL A 125 6.35 1.54 2.92
C VAL A 125 7.59 0.88 3.53
N GLU A 126 8.38 1.61 4.29
CA GLU A 126 9.60 1.01 4.89
C GLU A 126 9.74 1.46 6.35
N ALA A 127 10.40 0.66 7.15
CA ALA A 127 10.59 1.04 8.58
C ALA A 127 11.74 0.21 9.17
N GLU A 1 -5.17 13.94 12.28
CA GLU A 1 -4.23 12.79 12.20
C GLU A 1 -4.46 12.02 10.90
N LYS A 2 -3.75 12.37 9.86
CA LYS A 2 -3.94 11.66 8.56
C LYS A 2 -3.20 10.31 8.62
N VAL A 3 -3.60 9.37 7.81
CA VAL A 3 -2.94 8.03 7.84
C VAL A 3 -1.85 7.98 6.76
N LYS A 4 -0.69 7.49 7.11
CA LYS A 4 0.39 7.39 6.09
C LYS A 4 0.02 6.29 5.09
N GLY A 5 0.00 6.60 3.83
CA GLY A 5 -0.36 5.57 2.82
C GLY A 5 -0.54 6.22 1.46
N CYS A 6 -0.86 5.44 0.46
CA CYS A 6 -1.05 6.00 -0.92
C CYS A 6 -2.49 5.79 -1.36
N ASP A 7 -3.09 6.80 -1.91
CA ASP A 7 -4.50 6.69 -2.39
C ASP A 7 -4.54 6.86 -3.91
N PHE A 8 -4.83 5.81 -4.64
CA PHE A 8 -4.88 5.92 -6.13
C PHE A 8 -6.28 6.36 -6.54
N THR A 9 -7.13 6.62 -5.59
CA THR A 9 -8.53 7.03 -5.91
C THR A 9 -8.71 8.53 -5.72
N THR A 10 -7.84 9.18 -4.99
CA THR A 10 -8.00 10.64 -4.78
C THR A 10 -6.65 11.28 -4.42
N SER A 11 -6.26 12.31 -5.12
CA SER A 11 -4.97 12.98 -4.80
C SER A 11 -5.08 13.63 -3.42
N GLU A 12 -6.27 14.00 -3.04
CA GLU A 12 -6.48 14.65 -1.70
C GLU A 12 -7.30 13.72 -0.82
N SER A 13 -6.70 12.67 -0.33
CA SER A 13 -7.46 11.72 0.53
C SER A 13 -7.68 12.29 1.92
N THR A 14 -8.91 12.52 2.27
CA THR A 14 -9.21 13.06 3.63
C THR A 14 -8.82 12.01 4.66
N ILE A 15 -8.26 10.91 4.21
CA ILE A 15 -7.84 9.84 5.16
C ILE A 15 -6.35 9.55 5.00
N PHE A 16 -5.82 9.60 3.80
CA PHE A 16 -4.37 9.32 3.62
C PHE A 16 -3.62 10.62 3.30
N SER A 17 -2.48 10.80 3.89
CA SER A 17 -1.69 12.06 3.66
C SER A 17 -1.16 12.10 2.22
N LYS A 18 -1.10 10.99 1.55
CA LYS A 18 -0.56 11.00 0.14
C LYS A 18 -1.52 10.28 -0.81
N GLY A 19 -1.67 10.80 -2.00
CA GLY A 19 -2.58 10.15 -2.98
C GLY A 19 -2.25 10.65 -4.39
N TYR A 20 -2.87 10.08 -5.39
CA TYR A 20 -2.60 10.52 -6.80
C TYR A 20 -3.93 10.83 -7.50
N SER A 21 -3.87 11.55 -8.58
CA SER A 21 -5.12 11.88 -9.33
C SER A 21 -5.30 10.89 -10.49
N ILE A 22 -6.50 10.72 -10.96
CA ILE A 22 -6.71 9.75 -12.07
C ILE A 22 -5.86 10.17 -13.28
N ASN A 23 -5.60 11.44 -13.43
CA ASN A 23 -4.76 11.90 -14.57
C ASN A 23 -3.34 11.37 -14.41
N GLU A 24 -2.82 11.38 -13.20
CA GLU A 24 -1.43 10.90 -12.97
C GLU A 24 -1.34 9.40 -13.25
N ILE A 25 -2.32 8.64 -12.83
CA ILE A 25 -2.26 7.17 -13.09
C ILE A 25 -2.86 6.86 -14.47
N SER A 26 -3.61 7.77 -15.02
CA SER A 26 -4.21 7.53 -16.36
C SER A 26 -3.28 8.10 -17.44
N ASN A 27 -3.25 9.41 -17.56
CA ASN A 27 -2.36 10.03 -18.59
C ASN A 27 -0.96 9.45 -18.46
N LYS A 28 -0.70 8.35 -19.11
CA LYS A 28 0.65 7.72 -19.03
C LYS A 28 1.72 8.81 -19.21
N SER A 29 2.24 9.33 -18.13
CA SER A 29 3.28 10.38 -18.23
C SER A 29 4.10 10.41 -16.93
N SER A 30 4.08 9.34 -16.20
CA SER A 30 4.86 9.30 -14.92
C SER A 30 6.34 9.06 -15.23
N ASN A 31 7.21 9.47 -14.34
CA ASN A 31 8.68 9.26 -14.57
C ASN A 31 8.93 7.79 -14.90
N ASN A 32 8.50 6.90 -14.05
CA ASN A 32 8.72 5.45 -14.32
C ASN A 32 7.81 5.00 -15.47
N GLN A 33 7.93 3.77 -15.88
CA GLN A 33 7.07 3.27 -17.00
C GLN A 33 5.64 3.03 -16.50
N GLN A 34 4.96 2.09 -17.06
CA GLN A 34 3.57 1.80 -16.62
C GLN A 34 3.59 1.20 -15.20
N ASP A 35 4.45 1.70 -14.36
CA ASP A 35 4.52 1.16 -12.97
C ASP A 35 4.52 2.32 -11.97
N ILE A 36 3.44 2.49 -11.24
CA ILE A 36 3.40 3.60 -10.24
C ILE A 36 3.76 3.03 -8.87
N VAL A 37 4.74 3.60 -8.23
CA VAL A 37 5.14 3.08 -6.88
C VAL A 37 5.03 4.18 -5.83
N CYS A 38 4.36 3.91 -4.75
CA CYS A 38 4.25 4.94 -3.68
C CYS A 38 5.25 4.61 -2.57
N THR A 39 6.37 5.27 -2.55
CA THR A 39 7.39 4.99 -1.50
C THR A 39 7.21 5.98 -0.35
N VAL A 40 6.95 5.47 0.83
CA VAL A 40 6.78 6.38 2.00
C VAL A 40 7.48 5.77 3.22
N LYS A 41 7.80 6.56 4.21
CA LYS A 41 8.46 5.99 5.42
C LYS A 41 7.41 5.76 6.51
N ALA A 42 7.32 4.56 7.00
CA ALA A 42 6.31 4.26 8.06
C ALA A 42 6.96 4.48 9.44
N HIS A 43 6.15 4.76 10.44
CA HIS A 43 6.71 4.99 11.80
C HIS A 43 5.89 4.19 12.83
N ALA A 44 6.51 3.82 13.91
CA ALA A 44 5.78 3.03 14.95
C ALA A 44 4.55 3.81 15.42
N ASN A 45 4.61 5.11 15.38
CA ASN A 45 3.44 5.93 15.84
C ASN A 45 2.55 6.28 14.65
N ASP A 46 3.12 6.32 13.47
CA ASP A 46 2.32 6.67 12.28
C ASP A 46 1.48 5.47 11.84
N LEU A 47 0.24 5.68 11.51
CA LEU A 47 -0.63 4.55 11.06
C LEU A 47 -0.29 4.24 9.60
N ILE A 48 -0.40 3.01 9.19
CA ILE A 48 -0.07 2.66 7.76
C ILE A 48 -1.27 2.02 7.08
N GLY A 49 -1.46 2.30 5.82
CA GLY A 49 -2.61 1.70 5.08
C GLY A 49 -2.64 2.25 3.65
N PHE A 50 -3.68 1.97 2.91
CA PHE A 50 -3.74 2.50 1.52
C PHE A 50 -5.13 2.20 0.92
N LYS A 51 -5.41 2.74 -0.23
CA LYS A 51 -6.75 2.49 -0.86
C LYS A 51 -6.61 2.46 -2.38
N CYS A 52 -7.36 1.63 -3.05
CA CYS A 52 -7.30 1.55 -4.53
C CYS A 52 -8.71 1.76 -5.09
N PRO A 53 -8.82 2.26 -6.30
CA PRO A 53 -10.16 2.51 -6.93
C PRO A 53 -11.05 1.25 -6.90
N SER A 54 -12.33 1.45 -6.84
CA SER A 54 -13.28 0.29 -6.77
C SER A 54 -13.30 -0.45 -8.12
N ASN A 55 -12.76 0.13 -9.16
CA ASN A 55 -12.78 -0.55 -10.49
C ASN A 55 -11.52 -1.38 -10.68
N TYR A 56 -10.64 -1.39 -9.72
CA TYR A 56 -9.37 -2.18 -9.85
C TYR A 56 -9.42 -3.39 -8.92
N SER A 57 -8.54 -4.35 -9.14
CA SER A 57 -8.52 -5.56 -8.28
C SER A 57 -7.35 -5.46 -7.30
N VAL A 58 -7.59 -5.63 -6.03
CA VAL A 58 -6.48 -5.54 -5.05
C VAL A 58 -5.81 -6.92 -4.88
N GLU A 59 -4.57 -7.01 -5.28
CA GLU A 59 -3.83 -8.30 -5.13
C GLU A 59 -2.60 -8.03 -4.26
N PRO A 60 -2.40 -8.79 -3.21
CA PRO A 60 -1.23 -8.58 -2.31
C PRO A 60 0.05 -9.16 -2.89
N HIS A 61 0.99 -8.31 -3.23
CA HIS A 61 2.29 -8.82 -3.78
C HIS A 61 3.27 -8.97 -2.62
N ASP A 62 3.04 -8.24 -1.56
CA ASP A 62 3.92 -8.31 -0.37
C ASP A 62 3.29 -7.49 0.75
N CYS A 63 2.03 -7.75 1.03
CA CYS A 63 1.34 -6.99 2.11
C CYS A 63 1.78 -7.50 3.48
N PHE A 64 0.93 -7.41 4.48
CA PHE A 64 1.33 -7.87 5.85
C PHE A 64 0.56 -9.16 6.24
N VAL A 65 -0.74 -9.11 6.28
CA VAL A 65 -1.50 -10.35 6.67
C VAL A 65 -0.89 -11.56 5.94
N SER A 66 -1.09 -11.64 4.66
CA SER A 66 -0.52 -12.77 3.87
C SER A 66 -0.13 -12.23 2.49
N ALA A 67 1.06 -12.49 2.05
CA ALA A 67 1.47 -11.96 0.71
C ALA A 67 2.77 -12.60 0.26
N PHE A 68 3.24 -12.23 -0.90
CA PHE A 68 4.52 -12.81 -1.43
C PHE A 68 5.68 -11.89 -1.03
N ASN A 69 6.79 -12.44 -0.66
CA ASN A 69 7.95 -11.58 -0.27
C ASN A 69 8.67 -11.08 -1.52
N LEU A 70 9.82 -10.48 -1.35
CA LEU A 70 10.58 -9.96 -2.52
C LEU A 70 11.06 -11.14 -3.36
N SER A 71 11.00 -12.33 -2.82
CA SER A 71 11.44 -13.53 -3.59
C SER A 71 10.24 -14.11 -4.33
N GLY A 72 9.06 -13.58 -4.07
CA GLY A 72 7.84 -14.10 -4.75
C GLY A 72 7.35 -15.35 -4.03
N LYS A 73 7.68 -15.50 -2.78
CA LYS A 73 7.22 -16.70 -2.02
C LYS A 73 6.14 -16.28 -1.03
N ASN A 74 5.09 -17.04 -0.92
CA ASN A 74 3.99 -16.68 0.04
C ASN A 74 4.49 -16.79 1.48
N GLU A 75 4.19 -15.82 2.30
CA GLU A 75 4.66 -15.87 3.72
C GLU A 75 3.73 -15.01 4.59
N ASN A 76 3.82 -15.15 5.88
CA ASN A 76 2.95 -14.34 6.80
C ASN A 76 3.81 -13.27 7.49
N LEU A 77 3.29 -12.07 7.62
CA LEU A 77 4.08 -10.98 8.28
C LEU A 77 3.70 -10.89 9.76
N GLU A 78 2.66 -11.57 10.17
CA GLU A 78 2.24 -11.49 11.61
C GLU A 78 3.36 -12.04 12.49
N ASN A 79 3.93 -13.15 12.13
CA ASN A 79 5.03 -13.73 12.95
C ASN A 79 6.24 -12.79 12.90
N LYS A 80 6.31 -11.97 11.88
CA LYS A 80 7.46 -11.02 11.75
C LYS A 80 7.13 -9.74 12.51
N LEU A 81 5.95 -9.20 12.29
CA LEU A 81 5.55 -7.95 12.98
C LEU A 81 4.26 -8.19 13.76
N LYS A 82 4.22 -7.83 15.02
CA LYS A 82 2.97 -8.05 15.80
C LYS A 82 1.95 -6.96 15.45
N LEU A 83 1.23 -7.13 14.37
CA LEU A 83 0.22 -6.11 13.98
C LEU A 83 -1.07 -6.30 14.77
N THR A 84 -1.65 -5.22 15.22
CA THR A 84 -2.92 -5.33 16.01
C THR A 84 -3.98 -4.41 15.38
N ASN A 85 -5.23 -4.61 15.71
CA ASN A 85 -6.30 -3.74 15.13
C ASN A 85 -6.21 -3.77 13.61
N ILE A 86 -6.17 -4.93 13.03
CA ILE A 86 -6.08 -5.04 11.54
C ILE A 86 -7.46 -4.84 10.92
N ILE A 87 -7.55 -4.00 9.92
CA ILE A 87 -8.85 -3.74 9.24
C ILE A 87 -8.73 -4.08 7.75
N MET A 88 -9.53 -4.99 7.25
CA MET A 88 -9.43 -5.36 5.80
C MET A 88 -10.80 -5.17 5.14
N ASP A 89 -10.94 -4.15 4.32
CA ASP A 89 -12.24 -3.92 3.63
C ASP A 89 -12.06 -4.14 2.12
N HIS A 90 -12.46 -5.27 1.62
CA HIS A 90 -12.30 -5.55 0.16
C HIS A 90 -13.26 -4.69 -0.66
N TYR A 91 -14.45 -4.47 -0.18
CA TYR A 91 -15.43 -3.66 -0.96
C TYR A 91 -14.85 -2.25 -1.18
N ASN A 92 -14.32 -1.65 -0.14
CA ASN A 92 -13.75 -0.28 -0.30
C ASN A 92 -12.29 -0.41 -0.75
N ASN A 93 -11.77 -1.60 -0.80
CA ASN A 93 -10.37 -1.79 -1.24
C ASN A 93 -9.42 -0.94 -0.40
N THR A 94 -9.56 -0.96 0.90
CA THR A 94 -8.67 -0.14 1.77
C THR A 94 -8.14 -1.00 2.92
N PHE A 95 -6.89 -0.88 3.25
CA PHE A 95 -6.32 -1.70 4.36
C PHE A 95 -5.64 -0.79 5.39
N TYR A 96 -5.81 -1.08 6.66
CA TYR A 96 -5.16 -0.23 7.71
C TYR A 96 -4.54 -1.13 8.78
N SER A 97 -3.44 -0.74 9.36
CA SER A 97 -2.81 -1.56 10.42
C SER A 97 -2.01 -0.64 11.35
N ARG A 98 -1.79 -1.06 12.57
CA ARG A 98 -1.03 -0.21 13.53
C ARG A 98 0.40 -0.78 13.71
N LEU A 99 1.38 0.07 13.72
CA LEU A 99 2.79 -0.40 13.88
C LEU A 99 3.16 -0.37 15.37
N PRO A 100 3.85 -1.38 15.85
CA PRO A 100 4.28 -1.42 17.28
C PRO A 100 4.87 -0.08 17.72
N SER A 101 5.20 0.06 18.97
CA SER A 101 5.78 1.34 19.44
C SER A 101 7.29 1.38 19.16
N LEU A 102 7.87 0.25 18.83
CA LEU A 102 9.34 0.22 18.56
C LEU A 102 9.63 -0.57 17.29
N ILE A 103 10.41 -0.01 16.40
CA ILE A 103 10.76 -0.72 15.14
C ILE A 103 12.17 -0.32 14.72
N SER A 104 13.15 -1.15 14.95
CA SER A 104 14.55 -0.80 14.57
C SER A 104 14.95 -1.57 13.30
N ASP A 105 14.13 -2.46 12.85
CA ASP A 105 14.46 -3.23 11.62
C ASP A 105 14.20 -2.38 10.37
N ASN A 106 14.92 -2.63 9.32
CA ASN A 106 14.73 -1.85 8.07
C ASN A 106 13.89 -2.68 7.08
N TRP A 107 12.99 -3.48 7.60
CA TRP A 107 12.16 -4.33 6.69
C TRP A 107 11.25 -3.46 5.83
N LYS A 108 10.78 -4.00 4.74
CA LYS A 108 9.89 -3.24 3.82
C LYS A 108 8.81 -4.17 3.28
N PHE A 109 7.70 -3.63 2.85
CA PHE A 109 6.62 -4.51 2.29
C PHE A 109 5.78 -3.69 1.31
N PHE A 110 5.08 -4.33 0.42
CA PHE A 110 4.27 -3.55 -0.57
C PHE A 110 3.03 -4.32 -1.03
N CYS A 111 2.03 -3.61 -1.48
CA CYS A 111 0.78 -4.24 -1.99
C CYS A 111 0.59 -3.79 -3.44
N VAL A 112 -0.13 -4.53 -4.24
CA VAL A 112 -0.30 -4.12 -5.68
C VAL A 112 -1.77 -4.09 -6.09
N CYS A 113 -2.14 -3.08 -6.83
CA CYS A 113 -3.53 -2.95 -7.35
C CYS A 113 -3.43 -2.85 -8.88
N SER A 114 -4.20 -3.60 -9.63
CA SER A 114 -4.06 -3.52 -11.10
C SER A 114 -5.24 -4.17 -11.83
N LYS A 115 -5.29 -3.99 -13.13
CA LYS A 115 -6.37 -4.61 -13.95
C LYS A 115 -5.72 -5.17 -15.21
N ASP A 116 -6.36 -6.09 -15.87
CA ASP A 116 -5.76 -6.65 -17.13
C ASP A 116 -5.60 -5.51 -18.14
N ASN A 117 -4.54 -5.53 -18.91
CA ASN A 117 -4.33 -4.44 -19.90
C ASN A 117 -4.49 -3.09 -19.21
N GLU A 118 -3.65 -2.78 -18.25
CA GLU A 118 -3.77 -1.47 -17.53
C GLU A 118 -2.50 -1.18 -16.73
N LYS A 119 -2.16 0.08 -16.57
CA LYS A 119 -0.95 0.44 -15.78
C LYS A 119 -1.05 -0.21 -14.39
N LYS A 120 0.03 -0.77 -13.90
CA LYS A 120 -0.02 -1.42 -12.56
C LYS A 120 0.30 -0.40 -11.46
N LEU A 121 -0.40 -0.47 -10.35
CA LEU A 121 -0.13 0.48 -9.23
C LEU A 121 0.53 -0.28 -8.08
N VAL A 122 1.71 0.14 -7.66
CA VAL A 122 2.39 -0.57 -6.54
C VAL A 122 2.43 0.31 -5.29
N PHE A 123 2.06 -0.24 -4.17
CA PHE A 123 2.08 0.52 -2.89
C PHE A 123 3.24 -0.01 -2.05
N THR A 124 4.22 0.80 -1.72
CA THR A 124 5.37 0.28 -0.92
C THR A 124 5.77 1.25 0.20
N VAL A 125 6.12 0.71 1.34
CA VAL A 125 6.57 1.55 2.49
C VAL A 125 7.79 0.86 3.12
N GLU A 126 8.58 1.59 3.88
CA GLU A 126 9.78 0.96 4.52
C GLU A 126 9.80 1.26 6.02
N ALA A 127 10.35 0.37 6.80
CA ALA A 127 10.40 0.58 8.27
C ALA A 127 11.64 -0.11 8.84
N GLU A 1 -5.19 13.65 12.45
CA GLU A 1 -3.96 12.89 12.11
C GLU A 1 -4.18 12.11 10.81
N LYS A 2 -3.47 12.46 9.77
CA LYS A 2 -3.64 11.74 8.48
C LYS A 2 -2.92 10.38 8.55
N VAL A 3 -3.37 9.42 7.81
CA VAL A 3 -2.72 8.08 7.85
C VAL A 3 -1.69 7.96 6.72
N LYS A 4 -0.53 7.43 7.01
CA LYS A 4 0.49 7.29 5.94
C LYS A 4 0.00 6.24 4.94
N GLY A 5 -0.14 6.61 3.69
CA GLY A 5 -0.62 5.63 2.68
C GLY A 5 -0.73 6.31 1.32
N CYS A 6 -1.05 5.56 0.30
CA CYS A 6 -1.18 6.16 -1.06
C CYS A 6 -2.62 6.01 -1.53
N ASP A 7 -3.20 7.08 -2.00
CA ASP A 7 -4.61 7.02 -2.49
C ASP A 7 -4.61 7.06 -4.02
N PHE A 8 -4.91 5.96 -4.65
CA PHE A 8 -4.94 5.93 -6.15
C PHE A 8 -6.34 6.33 -6.63
N THR A 9 -7.22 6.60 -5.71
CA THR A 9 -8.61 6.96 -6.09
C THR A 9 -8.82 8.48 -5.98
N THR A 10 -7.95 9.18 -5.28
CA THR A 10 -8.14 10.65 -5.15
C THR A 10 -6.81 11.32 -4.82
N SER A 11 -6.42 12.31 -5.59
CA SER A 11 -5.13 13.01 -5.32
C SER A 11 -5.23 13.71 -3.96
N GLU A 12 -6.43 14.06 -3.57
CA GLU A 12 -6.61 14.75 -2.25
C GLU A 12 -7.43 13.83 -1.33
N SER A 13 -6.83 12.83 -0.79
CA SER A 13 -7.58 11.90 0.10
C SER A 13 -7.90 12.58 1.43
N THR A 14 -8.95 12.15 2.07
CA THR A 14 -9.33 12.75 3.38
C THR A 14 -8.90 11.80 4.49
N ILE A 15 -8.29 10.70 4.14
CA ILE A 15 -7.84 9.71 5.16
C ILE A 15 -6.33 9.46 5.03
N PHE A 16 -5.77 9.69 3.87
CA PHE A 16 -4.31 9.44 3.68
C PHE A 16 -3.58 10.77 3.41
N SER A 17 -2.41 10.93 3.96
CA SER A 17 -1.64 12.18 3.75
C SER A 17 -1.15 12.29 2.30
N LYS A 18 -1.13 11.20 1.58
CA LYS A 18 -0.64 11.28 0.15
C LYS A 18 -1.65 10.60 -0.79
N GLY A 19 -1.86 11.19 -1.93
CA GLY A 19 -2.82 10.60 -2.91
C GLY A 19 -2.39 10.96 -4.33
N TYR A 20 -2.90 10.26 -5.31
CA TYR A 20 -2.52 10.55 -6.74
C TYR A 20 -3.78 10.75 -7.56
N SER A 21 -3.67 11.40 -8.69
CA SER A 21 -4.86 11.63 -9.55
C SER A 21 -5.00 10.46 -10.53
N ILE A 22 -6.19 10.14 -10.94
CA ILE A 22 -6.37 9.00 -11.89
C ILE A 22 -5.71 9.34 -13.23
N ASN A 23 -5.65 10.59 -13.57
CA ASN A 23 -5.02 10.99 -14.85
C ASN A 23 -3.51 10.79 -14.76
N GLU A 24 -2.92 11.14 -13.65
CA GLU A 24 -1.45 10.99 -13.50
C GLU A 24 -1.05 9.52 -13.61
N ILE A 25 -1.76 8.64 -12.95
CA ILE A 25 -1.40 7.20 -13.04
C ILE A 25 -1.72 6.67 -14.44
N SER A 26 -2.86 7.04 -14.97
CA SER A 26 -3.21 6.56 -16.34
C SER A 26 -2.25 7.15 -17.36
N ASN A 27 -2.13 8.46 -17.38
CA ASN A 27 -1.20 9.10 -18.35
C ASN A 27 0.14 8.37 -18.34
N LYS A 28 0.27 7.35 -19.16
CA LYS A 28 1.54 6.55 -19.20
C LYS A 28 2.64 7.30 -18.45
N SER A 29 3.12 6.74 -17.38
CA SER A 29 4.16 7.44 -16.57
C SER A 29 5.25 7.97 -17.51
N SER A 30 5.50 9.25 -17.46
CA SER A 30 6.56 9.83 -18.34
C SER A 30 7.86 9.99 -17.54
N ASN A 31 7.80 9.77 -16.25
CA ASN A 31 9.02 9.92 -15.42
C ASN A 31 9.57 8.54 -15.04
N ASN A 32 8.89 7.50 -15.45
CA ASN A 32 9.36 6.12 -15.12
C ASN A 32 8.68 5.11 -16.04
N GLN A 33 8.80 3.84 -15.74
CA GLN A 33 8.17 2.81 -16.61
C GLN A 33 6.67 2.76 -16.33
N GLN A 34 5.98 1.80 -16.90
CA GLN A 34 4.52 1.69 -16.67
C GLN A 34 4.27 1.10 -15.27
N ASP A 35 4.89 1.65 -14.27
CA ASP A 35 4.70 1.13 -12.89
C ASP A 35 4.66 2.29 -11.90
N ILE A 36 3.56 2.48 -11.23
CA ILE A 36 3.47 3.61 -10.25
C ILE A 36 3.84 3.07 -8.87
N VAL A 37 4.77 3.69 -8.21
CA VAL A 37 5.17 3.20 -6.85
C VAL A 37 5.02 4.32 -5.83
N CYS A 38 4.35 4.04 -4.74
CA CYS A 38 4.19 5.07 -3.67
C CYS A 38 5.17 4.76 -2.54
N THR A 39 6.27 5.46 -2.49
CA THR A 39 7.26 5.18 -1.41
C THR A 39 7.07 6.17 -0.27
N VAL A 40 6.82 5.66 0.92
CA VAL A 40 6.63 6.57 2.09
C VAL A 40 7.34 5.97 3.30
N LYS A 41 7.67 6.78 4.27
CA LYS A 41 8.36 6.25 5.48
C LYS A 41 7.33 5.99 6.58
N ALA A 42 7.22 4.78 7.03
CA ALA A 42 6.23 4.46 8.10
C ALA A 42 6.90 4.59 9.47
N HIS A 43 6.13 4.82 10.51
CA HIS A 43 6.73 4.97 11.87
C HIS A 43 5.96 4.08 12.85
N ALA A 44 6.61 3.64 13.90
CA ALA A 44 5.93 2.78 14.90
C ALA A 44 4.68 3.47 15.44
N ASN A 45 4.65 4.78 15.40
CA ASN A 45 3.47 5.51 15.92
C ASN A 45 2.58 5.93 14.75
N ASP A 46 3.14 6.05 13.58
CA ASP A 46 2.33 6.47 12.40
C ASP A 46 1.47 5.30 11.92
N LEU A 47 0.23 5.56 11.59
CA LEU A 47 -0.65 4.47 11.09
C LEU A 47 -0.32 4.19 9.63
N ILE A 48 -0.42 2.96 9.20
CA ILE A 48 -0.10 2.65 7.78
C ILE A 48 -1.31 2.01 7.08
N GLY A 49 -1.50 2.32 5.83
CA GLY A 49 -2.65 1.74 5.08
C GLY A 49 -2.68 2.32 3.66
N PHE A 50 -3.70 2.03 2.91
CA PHE A 50 -3.78 2.58 1.52
C PHE A 50 -5.15 2.28 0.91
N LYS A 51 -5.44 2.84 -0.23
CA LYS A 51 -6.77 2.59 -0.86
C LYS A 51 -6.62 2.60 -2.39
N CYS A 52 -7.39 1.78 -3.07
CA CYS A 52 -7.32 1.75 -4.56
C CYS A 52 -8.73 1.97 -5.12
N PRO A 53 -8.84 2.53 -6.31
CA PRO A 53 -10.16 2.78 -6.95
C PRO A 53 -11.05 1.53 -6.96
N SER A 54 -12.34 1.71 -7.01
CA SER A 54 -13.26 0.54 -7.01
C SER A 54 -13.23 -0.18 -8.36
N ASN A 55 -12.60 0.40 -9.35
CA ASN A 55 -12.55 -0.26 -10.68
C ASN A 55 -11.28 -1.10 -10.80
N TYR A 56 -10.42 -1.06 -9.82
CA TYR A 56 -9.16 -1.86 -9.89
C TYR A 56 -9.26 -3.07 -8.96
N SER A 57 -8.43 -4.06 -9.18
CA SER A 57 -8.47 -5.27 -8.31
C SER A 57 -7.33 -5.21 -7.29
N VAL A 58 -7.61 -5.45 -6.04
CA VAL A 58 -6.52 -5.39 -5.02
C VAL A 58 -5.83 -6.76 -4.90
N GLU A 59 -4.56 -6.79 -5.19
CA GLU A 59 -3.79 -8.07 -5.09
C GLU A 59 -2.56 -7.79 -4.21
N PRO A 60 -2.33 -8.58 -3.18
CA PRO A 60 -1.17 -8.38 -2.29
C PRO A 60 0.12 -8.90 -2.90
N HIS A 61 1.04 -8.04 -3.21
CA HIS A 61 2.34 -8.49 -3.79
C HIS A 61 3.32 -8.71 -2.64
N ASP A 62 3.11 -8.03 -1.55
CA ASP A 62 3.99 -8.19 -0.37
C ASP A 62 3.35 -7.46 0.82
N CYS A 63 2.05 -7.56 0.94
CA CYS A 63 1.33 -6.89 2.06
C CYS A 63 1.81 -7.45 3.40
N PHE A 64 0.99 -7.38 4.42
CA PHE A 64 1.43 -7.91 5.76
C PHE A 64 0.65 -9.19 6.13
N VAL A 65 -0.64 -9.13 6.22
CA VAL A 65 -1.39 -10.38 6.61
C VAL A 65 -0.84 -11.56 5.81
N SER A 66 -1.14 -11.62 4.54
CA SER A 66 -0.61 -12.72 3.69
C SER A 66 -0.19 -12.14 2.35
N ALA A 67 0.99 -12.44 1.88
CA ALA A 67 1.44 -11.86 0.58
C ALA A 67 2.75 -12.51 0.14
N PHE A 68 3.25 -12.10 -1.00
CA PHE A 68 4.52 -12.67 -1.51
C PHE A 68 5.68 -11.78 -1.07
N ASN A 69 6.66 -12.33 -0.42
CA ASN A 69 7.81 -11.51 0.04
C ASN A 69 8.67 -11.07 -1.16
N LEU A 70 9.80 -10.48 -0.91
CA LEU A 70 10.67 -10.04 -2.04
C LEU A 70 11.15 -11.27 -2.81
N SER A 71 11.09 -12.43 -2.21
CA SER A 71 11.53 -13.66 -2.92
C SER A 71 10.38 -14.17 -3.77
N GLY A 72 9.22 -13.58 -3.63
CA GLY A 72 8.04 -14.03 -4.43
C GLY A 72 7.42 -15.25 -3.78
N LYS A 73 7.70 -15.49 -2.53
CA LYS A 73 7.11 -16.67 -1.82
C LYS A 73 5.98 -16.20 -0.91
N ASN A 74 4.87 -16.91 -0.89
CA ASN A 74 3.74 -16.50 -0.03
C ASN A 74 4.02 -16.85 1.43
N GLU A 75 4.18 -15.86 2.27
CA GLU A 75 4.46 -16.13 3.70
C GLU A 75 3.76 -15.09 4.59
N ASN A 76 3.08 -15.52 5.60
CA ASN A 76 2.37 -14.55 6.49
C ASN A 76 3.38 -13.60 7.11
N LEU A 77 3.01 -12.35 7.30
CA LEU A 77 3.97 -11.37 7.90
C LEU A 77 3.67 -11.19 9.39
N GLU A 78 2.66 -11.86 9.90
CA GLU A 78 2.33 -11.71 11.34
C GLU A 78 3.45 -12.28 12.21
N ASN A 79 3.98 -13.42 11.83
CA ASN A 79 5.09 -14.01 12.63
C ASN A 79 6.30 -13.08 12.58
N LYS A 80 6.36 -12.23 11.58
CA LYS A 80 7.49 -11.28 11.48
C LYS A 80 7.18 -10.01 12.28
N LEU A 81 6.00 -9.48 12.11
CA LEU A 81 5.61 -8.26 12.86
C LEU A 81 4.32 -8.52 13.63
N LYS A 82 4.30 -8.25 14.90
CA LYS A 82 3.06 -8.48 15.70
C LYS A 82 2.05 -7.37 15.41
N LEU A 83 1.31 -7.49 14.34
CA LEU A 83 0.31 -6.44 14.00
C LEU A 83 -0.96 -6.64 14.81
N THR A 84 -1.54 -5.56 15.28
CA THR A 84 -2.80 -5.68 16.10
C THR A 84 -3.87 -4.75 15.50
N ASN A 85 -5.11 -4.98 15.81
CA ASN A 85 -6.19 -4.10 15.27
C ASN A 85 -6.09 -4.06 13.75
N ILE A 86 -6.01 -5.19 13.11
CA ILE A 86 -5.91 -5.23 11.63
C ILE A 86 -7.30 -5.00 11.00
N ILE A 87 -7.38 -4.12 10.03
CA ILE A 87 -8.69 -3.85 9.37
C ILE A 87 -8.58 -4.17 7.88
N MET A 88 -9.37 -5.09 7.39
CA MET A 88 -9.30 -5.44 5.93
C MET A 88 -10.66 -5.21 5.27
N ASP A 89 -10.79 -4.16 4.50
CA ASP A 89 -12.09 -3.89 3.81
C ASP A 89 -11.90 -4.06 2.31
N HIS A 90 -12.31 -5.16 1.76
CA HIS A 90 -12.15 -5.39 0.29
C HIS A 90 -13.20 -4.60 -0.49
N TYR A 91 -14.36 -4.40 0.06
CA TYR A 91 -15.42 -3.65 -0.67
C TYR A 91 -14.92 -2.23 -0.98
N ASN A 92 -14.36 -1.57 -0.01
CA ASN A 92 -13.84 -0.19 -0.26
C ASN A 92 -12.38 -0.27 -0.72
N ASN A 93 -11.87 -1.46 -0.86
CA ASN A 93 -10.47 -1.62 -1.32
C ASN A 93 -9.53 -0.79 -0.46
N THR A 94 -9.67 -0.85 0.85
CA THR A 94 -8.78 -0.05 1.74
C THR A 94 -8.25 -0.94 2.87
N PHE A 95 -6.99 -0.82 3.18
CA PHE A 95 -6.41 -1.67 4.27
C PHE A 95 -5.67 -0.78 5.28
N TYR A 96 -5.79 -1.09 6.55
CA TYR A 96 -5.09 -0.27 7.60
C TYR A 96 -4.43 -1.20 8.61
N SER A 97 -3.31 -0.82 9.15
CA SER A 97 -2.62 -1.68 10.17
C SER A 97 -1.86 -0.78 11.15
N ARG A 98 -1.72 -1.20 12.38
CA ARG A 98 -0.98 -0.37 13.38
C ARG A 98 0.43 -0.94 13.58
N LEU A 99 1.42 -0.09 13.58
CA LEU A 99 2.82 -0.57 13.76
C LEU A 99 3.20 -0.52 15.25
N PRO A 100 3.90 -1.51 15.75
CA PRO A 100 4.32 -1.52 17.18
C PRO A 100 4.89 -0.16 17.60
N SER A 101 5.15 0.03 18.86
CA SER A 101 5.70 1.33 19.30
C SER A 101 7.22 1.37 19.05
N LEU A 102 7.79 0.25 18.73
CA LEU A 102 9.28 0.22 18.49
C LEU A 102 9.59 -0.61 17.24
N ILE A 103 10.40 -0.06 16.35
CA ILE A 103 10.79 -0.82 15.12
C ILE A 103 12.22 -0.42 14.73
N SER A 104 13.19 -1.24 15.03
CA SER A 104 14.59 -0.89 14.68
C SER A 104 15.01 -1.62 13.39
N ASP A 105 14.14 -2.44 12.87
CA ASP A 105 14.49 -3.18 11.61
C ASP A 105 14.21 -2.29 10.39
N ASN A 106 14.89 -2.54 9.31
CA ASN A 106 14.66 -1.73 8.07
C ASN A 106 13.85 -2.55 7.07
N TRP A 107 12.97 -3.37 7.55
CA TRP A 107 12.17 -4.24 6.63
C TRP A 107 11.25 -3.37 5.76
N LYS A 108 10.94 -3.86 4.58
CA LYS A 108 10.06 -3.09 3.65
C LYS A 108 8.96 -4.02 3.14
N PHE A 109 7.81 -3.49 2.82
CA PHE A 109 6.71 -4.36 2.30
C PHE A 109 5.84 -3.53 1.35
N PHE A 110 5.08 -4.17 0.49
CA PHE A 110 4.26 -3.38 -0.46
C PHE A 110 3.00 -4.16 -0.91
N CYS A 111 2.02 -3.44 -1.38
CA CYS A 111 0.75 -4.08 -1.88
C CYS A 111 0.55 -3.64 -3.32
N VAL A 112 -0.18 -4.39 -4.11
CA VAL A 112 -0.37 -4.00 -5.53
C VAL A 112 -1.84 -4.01 -5.93
N CYS A 113 -2.24 -3.04 -6.73
CA CYS A 113 -3.64 -2.96 -7.24
C CYS A 113 -3.56 -2.98 -8.77
N SER A 114 -4.32 -3.80 -9.45
CA SER A 114 -4.21 -3.81 -10.93
C SER A 114 -5.32 -4.65 -11.58
N LYS A 115 -5.33 -4.65 -12.88
CA LYS A 115 -6.34 -5.45 -13.65
C LYS A 115 -5.70 -5.82 -14.99
N ASP A 116 -6.29 -6.74 -15.71
CA ASP A 116 -5.71 -7.11 -17.04
C ASP A 116 -5.63 -5.86 -17.92
N ASN A 117 -4.68 -5.83 -18.83
CA ASN A 117 -4.55 -4.63 -19.72
C ASN A 117 -4.74 -3.35 -18.91
N GLU A 118 -3.89 -3.10 -17.94
CA GLU A 118 -4.03 -1.86 -17.12
C GLU A 118 -2.72 -1.56 -16.39
N LYS A 119 -2.35 -0.31 -16.30
CA LYS A 119 -1.08 0.05 -15.59
C LYS A 119 -1.13 -0.53 -14.17
N LYS A 120 -0.03 -1.07 -13.69
CA LYS A 120 -0.03 -1.65 -12.32
C LYS A 120 0.31 -0.57 -11.28
N LEU A 121 -0.36 -0.60 -10.16
CA LEU A 121 -0.09 0.41 -9.09
C LEU A 121 0.60 -0.28 -7.91
N VAL A 122 1.77 0.16 -7.52
CA VAL A 122 2.49 -0.50 -6.39
C VAL A 122 2.53 0.43 -5.17
N PHE A 123 2.18 -0.08 -4.02
CA PHE A 123 2.23 0.73 -2.77
C PHE A 123 3.36 0.20 -1.90
N THR A 124 4.31 1.02 -1.53
CA THR A 124 5.45 0.50 -0.70
C THR A 124 5.82 1.47 0.43
N VAL A 125 6.16 0.92 1.57
CA VAL A 125 6.60 1.76 2.72
C VAL A 125 7.81 1.08 3.38
N GLU A 126 8.64 1.83 4.04
CA GLU A 126 9.84 1.20 4.70
C GLU A 126 9.85 1.50 6.20
N ALA A 127 10.36 0.59 6.97
CA ALA A 127 10.41 0.80 8.45
C ALA A 127 11.62 0.07 9.03
N GLU A 1 -5.27 13.55 13.04
CA GLU A 1 -4.03 13.51 12.21
C GLU A 1 -4.33 12.85 10.87
N LYS A 2 -3.35 12.26 10.25
CA LYS A 2 -3.58 11.59 8.94
C LYS A 2 -2.92 10.21 8.95
N VAL A 3 -3.38 9.32 8.11
CA VAL A 3 -2.79 7.95 8.07
C VAL A 3 -1.77 7.86 6.94
N LYS A 4 -0.60 7.33 7.22
CA LYS A 4 0.42 7.21 6.14
C LYS A 4 -0.06 6.19 5.12
N GLY A 5 -0.21 6.58 3.89
CA GLY A 5 -0.68 5.62 2.85
C GLY A 5 -0.78 6.33 1.50
N CYS A 6 -1.04 5.59 0.46
CA CYS A 6 -1.14 6.21 -0.90
C CYS A 6 -2.59 6.08 -1.39
N ASP A 7 -3.16 7.18 -1.83
CA ASP A 7 -4.56 7.12 -2.34
C ASP A 7 -4.54 7.13 -3.86
N PHE A 8 -4.87 6.02 -4.48
CA PHE A 8 -4.87 5.97 -5.97
C PHE A 8 -6.27 6.36 -6.47
N THR A 9 -7.17 6.64 -5.56
CA THR A 9 -8.54 7.01 -5.97
C THR A 9 -8.76 8.52 -5.84
N THR A 10 -7.90 9.21 -5.15
CA THR A 10 -8.09 10.68 -4.99
C THR A 10 -6.77 11.35 -4.64
N SER A 11 -6.37 12.35 -5.39
CA SER A 11 -5.09 13.04 -5.09
C SER A 11 -5.23 13.77 -3.75
N GLU A 12 -6.43 14.12 -3.39
CA GLU A 12 -6.66 14.82 -2.09
C GLU A 12 -7.46 13.91 -1.17
N SER A 13 -6.84 12.89 -0.63
CA SER A 13 -7.58 11.96 0.26
C SER A 13 -7.90 12.65 1.59
N THR A 14 -8.93 12.20 2.26
CA THR A 14 -9.29 12.79 3.57
C THR A 14 -8.82 11.86 4.67
N ILE A 15 -8.19 10.77 4.30
CA ILE A 15 -7.70 9.80 5.32
C ILE A 15 -6.20 9.55 5.13
N PHE A 16 -5.70 9.72 3.93
CA PHE A 16 -4.24 9.46 3.70
C PHE A 16 -3.50 10.80 3.55
N SER A 17 -2.29 10.87 4.05
CA SER A 17 -1.51 12.13 3.97
C SER A 17 -1.07 12.41 2.52
N LYS A 18 -1.09 11.43 1.67
CA LYS A 18 -0.66 11.67 0.25
C LYS A 18 -1.50 10.84 -0.73
N GLY A 19 -1.56 11.27 -1.96
CA GLY A 19 -2.35 10.52 -2.97
C GLY A 19 -1.87 10.88 -4.38
N TYR A 20 -2.30 10.16 -5.37
CA TYR A 20 -1.88 10.46 -6.77
C TYR A 20 -3.09 10.84 -7.62
N SER A 21 -2.91 11.65 -8.62
CA SER A 21 -4.04 12.04 -9.50
C SER A 21 -4.10 11.10 -10.70
N ILE A 22 -5.25 10.97 -11.31
CA ILE A 22 -5.35 10.06 -12.49
C ILE A 22 -4.40 10.53 -13.59
N ASN A 23 -4.05 11.79 -13.58
CA ASN A 23 -3.11 12.31 -14.63
C ASN A 23 -1.69 11.88 -14.28
N GLU A 24 -1.25 12.14 -13.08
CA GLU A 24 0.14 11.78 -12.70
C GLU A 24 0.41 10.31 -13.02
N ILE A 25 -0.54 9.44 -12.78
CA ILE A 25 -0.31 8.00 -13.08
C ILE A 25 -0.48 7.75 -14.58
N SER A 26 -0.88 8.75 -15.32
CA SER A 26 -1.06 8.56 -16.78
C SER A 26 0.19 9.06 -17.51
N ASN A 27 0.45 10.33 -17.45
CA ASN A 27 1.66 10.88 -18.15
C ASN A 27 2.70 11.29 -17.10
N LYS A 28 2.44 12.35 -16.39
CA LYS A 28 3.42 12.82 -15.37
C LYS A 28 3.69 11.70 -14.36
N SER A 29 4.36 10.66 -14.78
CA SER A 29 4.66 9.53 -13.85
C SER A 29 6.18 9.44 -13.67
N SER A 30 6.73 10.20 -12.78
CA SER A 30 8.21 10.15 -12.56
C SER A 30 8.56 9.08 -11.53
N ASN A 31 8.40 7.84 -11.88
CA ASN A 31 8.73 6.74 -10.92
C ASN A 31 9.13 5.48 -11.70
N ASN A 32 8.32 5.07 -12.63
CA ASN A 32 8.65 3.85 -13.43
C ASN A 32 7.75 3.78 -14.66
N GLN A 33 7.96 2.81 -15.50
CA GLN A 33 7.11 2.69 -16.73
C GLN A 33 5.64 2.51 -16.32
N GLN A 34 4.98 1.51 -16.85
CA GLN A 34 3.56 1.29 -16.48
C GLN A 34 3.49 0.76 -15.05
N ASP A 35 4.25 1.33 -14.16
CA ASP A 35 4.24 0.86 -12.75
C ASP A 35 4.24 2.07 -11.80
N ILE A 36 3.19 2.23 -11.04
CA ILE A 36 3.16 3.39 -10.09
C ILE A 36 3.57 2.90 -8.70
N VAL A 37 4.61 3.47 -8.15
CA VAL A 37 5.07 3.02 -6.80
C VAL A 37 4.94 4.15 -5.79
N CYS A 38 4.29 3.90 -4.68
CA CYS A 38 4.16 4.95 -3.64
C CYS A 38 5.16 4.65 -2.52
N THR A 39 6.27 5.33 -2.50
CA THR A 39 7.28 5.07 -1.44
C THR A 39 7.08 6.04 -0.29
N VAL A 40 6.81 5.55 0.89
CA VAL A 40 6.62 6.44 2.06
C VAL A 40 7.26 5.81 3.29
N LYS A 41 7.61 6.60 4.27
CA LYS A 41 8.23 6.03 5.50
C LYS A 41 7.17 5.88 6.59
N ALA A 42 7.13 4.75 7.24
CA ALA A 42 6.12 4.53 8.31
C ALA A 42 6.76 4.72 9.68
N HIS A 43 6.00 5.16 10.66
CA HIS A 43 6.58 5.35 12.02
C HIS A 43 5.84 4.47 13.03
N ALA A 44 6.49 4.09 14.08
CA ALA A 44 5.85 3.20 15.09
C ALA A 44 4.55 3.85 15.59
N ASN A 45 4.45 5.15 15.52
CA ASN A 45 3.20 5.83 15.98
C ASN A 45 2.31 6.16 14.79
N ASP A 46 2.89 6.24 13.62
CA ASP A 46 2.08 6.57 12.41
C ASP A 46 1.29 5.34 11.95
N LEU A 47 0.05 5.52 11.58
CA LEU A 47 -0.75 4.35 11.10
C LEU A 47 -0.38 4.06 9.65
N ILE A 48 -0.45 2.82 9.24
CA ILE A 48 -0.08 2.48 7.84
C ILE A 48 -1.27 1.85 7.11
N GLY A 49 -1.45 2.18 5.87
CA GLY A 49 -2.59 1.59 5.10
C GLY A 49 -2.62 2.20 3.69
N PHE A 50 -3.58 1.82 2.89
CA PHE A 50 -3.65 2.39 1.50
C PHE A 50 -5.03 2.13 0.91
N LYS A 51 -5.33 2.73 -0.21
CA LYS A 51 -6.67 2.51 -0.84
C LYS A 51 -6.52 2.51 -2.37
N CYS A 52 -7.27 1.67 -3.03
CA CYS A 52 -7.20 1.60 -4.52
C CYS A 52 -8.61 1.86 -5.07
N PRO A 53 -8.71 2.39 -6.27
CA PRO A 53 -10.04 2.68 -6.89
C PRO A 53 -10.97 1.46 -6.87
N SER A 54 -12.25 1.68 -6.72
CA SER A 54 -13.21 0.55 -6.66
C SER A 54 -13.30 -0.15 -8.03
N ASN A 55 -12.80 0.45 -9.06
CA ASN A 55 -12.88 -0.18 -10.41
C ASN A 55 -11.64 -1.05 -10.66
N TYR A 56 -10.74 -1.13 -9.70
CA TYR A 56 -9.52 -1.95 -9.87
C TYR A 56 -9.57 -3.18 -8.95
N SER A 57 -8.71 -4.14 -9.18
CA SER A 57 -8.69 -5.34 -8.31
C SER A 57 -7.51 -5.25 -7.33
N VAL A 58 -7.70 -5.65 -6.11
CA VAL A 58 -6.58 -5.57 -5.12
C VAL A 58 -5.88 -6.94 -5.01
N GLU A 59 -4.61 -6.97 -5.30
CA GLU A 59 -3.84 -8.24 -5.20
C GLU A 59 -2.60 -7.97 -4.34
N PRO A 60 -2.38 -8.76 -3.31
CA PRO A 60 -1.21 -8.55 -2.42
C PRO A 60 0.08 -9.09 -3.03
N HIS A 61 1.01 -8.22 -3.34
CA HIS A 61 2.29 -8.70 -3.92
C HIS A 61 3.29 -8.90 -2.78
N ASP A 62 3.09 -8.20 -1.69
CA ASP A 62 3.99 -8.33 -0.52
C ASP A 62 3.33 -7.62 0.67
N CYS A 63 2.03 -7.70 0.76
CA CYS A 63 1.31 -7.02 1.88
C CYS A 63 1.81 -7.56 3.22
N PHE A 64 1.01 -7.48 4.26
CA PHE A 64 1.47 -7.99 5.59
C PHE A 64 0.71 -9.26 6.00
N VAL A 65 -0.59 -9.22 6.11
CA VAL A 65 -1.34 -10.45 6.52
C VAL A 65 -0.77 -11.65 5.75
N SER A 66 -1.08 -11.74 4.48
CA SER A 66 -0.54 -12.86 3.66
C SER A 66 -0.15 -12.31 2.30
N ALA A 67 1.02 -12.62 1.81
CA ALA A 67 1.44 -12.07 0.49
C ALA A 67 2.75 -12.70 0.04
N PHE A 68 3.26 -12.29 -1.09
CA PHE A 68 4.53 -12.85 -1.60
C PHE A 68 5.69 -11.97 -1.12
N ASN A 69 6.66 -12.55 -0.48
CA ASN A 69 7.81 -11.74 0.03
C ASN A 69 8.69 -11.30 -1.14
N LEU A 70 9.81 -10.70 -0.85
CA LEU A 70 10.72 -10.25 -1.94
C LEU A 70 11.23 -11.48 -2.70
N SER A 71 11.20 -12.63 -2.08
CA SER A 71 11.67 -13.86 -2.77
C SER A 71 10.53 -14.40 -3.65
N GLY A 72 9.37 -13.82 -3.52
CA GLY A 72 8.21 -14.29 -4.34
C GLY A 72 7.56 -15.49 -3.66
N LYS A 73 7.83 -15.69 -2.40
CA LYS A 73 7.23 -16.85 -1.67
C LYS A 73 6.04 -16.35 -0.85
N ASN A 74 4.98 -17.11 -0.81
CA ASN A 74 3.78 -16.67 -0.02
C ASN A 74 3.98 -17.02 1.46
N GLU A 75 4.17 -16.04 2.30
CA GLU A 75 4.36 -16.31 3.74
C GLU A 75 3.71 -15.20 4.58
N ASN A 76 3.04 -15.56 5.63
CA ASN A 76 2.37 -14.52 6.47
C ASN A 76 3.42 -13.56 7.02
N LEU A 77 3.08 -12.30 7.16
CA LEU A 77 4.07 -11.31 7.69
C LEU A 77 3.83 -11.07 9.19
N GLU A 78 2.94 -11.82 9.80
CA GLU A 78 2.65 -11.62 11.25
C GLU A 78 3.86 -12.08 12.07
N ASN A 79 4.48 -13.16 11.71
CA ASN A 79 5.66 -13.65 12.48
C ASN A 79 6.78 -12.60 12.39
N LYS A 80 6.80 -11.84 11.33
CA LYS A 80 7.85 -10.80 11.18
C LYS A 80 7.48 -9.58 12.02
N LEU A 81 6.27 -9.10 11.89
CA LEU A 81 5.83 -7.91 12.67
C LEU A 81 4.49 -8.22 13.33
N LYS A 82 4.37 -7.96 14.61
CA LYS A 82 3.08 -8.23 15.30
C LYS A 82 2.11 -7.08 15.04
N LEU A 83 1.41 -7.11 13.94
CA LEU A 83 0.45 -6.01 13.63
C LEU A 83 -0.82 -6.19 14.46
N THR A 84 -1.40 -5.09 14.88
CA THR A 84 -2.65 -5.17 15.71
C THR A 84 -3.72 -4.28 15.07
N ASN A 85 -4.97 -4.50 15.43
CA ASN A 85 -6.05 -3.65 14.85
C ASN A 85 -5.99 -3.71 13.32
N ILE A 86 -5.96 -4.89 12.76
CA ILE A 86 -5.90 -5.01 11.28
C ILE A 86 -7.29 -4.82 10.67
N ILE A 87 -7.39 -3.98 9.67
CA ILE A 87 -8.72 -3.75 9.02
C ILE A 87 -8.63 -4.15 7.54
N MET A 88 -9.44 -5.09 7.11
CA MET A 88 -9.39 -5.53 5.68
C MET A 88 -10.77 -5.31 5.03
N ASP A 89 -10.91 -4.26 4.26
CA ASP A 89 -12.21 -3.99 3.59
C ASP A 89 -12.04 -4.20 2.07
N HIS A 90 -12.45 -5.33 1.57
CA HIS A 90 -12.30 -5.59 0.10
C HIS A 90 -13.30 -4.74 -0.69
N TYR A 91 -14.48 -4.53 -0.19
CA TYR A 91 -15.48 -3.73 -0.95
C TYR A 91 -14.94 -2.31 -1.16
N ASN A 92 -14.39 -1.71 -0.15
CA ASN A 92 -13.83 -0.33 -0.31
C ASN A 92 -12.37 -0.44 -0.75
N ASN A 93 -11.85 -1.63 -0.80
CA ASN A 93 -10.43 -1.80 -1.25
C ASN A 93 -9.50 -0.93 -0.41
N THR A 94 -9.65 -0.97 0.90
CA THR A 94 -8.76 -0.14 1.77
C THR A 94 -8.23 -1.00 2.93
N PHE A 95 -6.99 -0.85 3.28
CA PHE A 95 -6.41 -1.66 4.39
C PHE A 95 -5.72 -0.75 5.42
N TYR A 96 -5.88 -1.04 6.69
CA TYR A 96 -5.22 -0.19 7.74
C TYR A 96 -4.64 -1.09 8.83
N SER A 97 -3.57 -0.67 9.44
CA SER A 97 -2.97 -1.50 10.54
C SER A 97 -2.18 -0.59 11.49
N ARG A 98 -1.96 -1.02 12.70
CA ARG A 98 -1.21 -0.17 13.67
C ARG A 98 0.22 -0.71 13.82
N LEU A 99 1.20 0.16 13.82
CA LEU A 99 2.61 -0.29 13.95
C LEU A 99 3.00 -0.34 15.44
N PRO A 100 3.68 -1.38 15.87
CA PRO A 100 4.12 -1.50 17.28
C PRO A 100 4.73 -0.18 17.79
N SER A 101 5.13 -0.13 19.02
CA SER A 101 5.72 1.14 19.56
C SER A 101 7.22 1.16 19.28
N LEU A 102 7.79 0.03 18.96
CA LEU A 102 9.27 -0.02 18.70
C LEU A 102 9.55 -0.66 17.34
N ILE A 103 10.34 0.00 16.52
CA ILE A 103 10.68 -0.57 15.18
C ILE A 103 12.08 -0.07 14.78
N SER A 104 13.06 -0.92 14.82
CA SER A 104 14.44 -0.49 14.44
C SER A 104 14.92 -1.27 13.22
N ASP A 105 14.12 -2.19 12.73
CA ASP A 105 14.55 -2.99 11.55
C ASP A 105 14.27 -2.21 10.26
N ASN A 106 15.01 -2.50 9.22
CA ASN A 106 14.79 -1.80 7.92
C ASN A 106 13.87 -2.64 7.04
N TRP A 107 12.93 -3.33 7.63
CA TRP A 107 12.03 -4.20 6.82
C TRP A 107 11.21 -3.36 5.85
N LYS A 108 10.78 -3.96 4.77
CA LYS A 108 9.98 -3.22 3.75
C LYS A 108 8.92 -4.16 3.19
N PHE A 109 7.80 -3.64 2.79
CA PHE A 109 6.73 -4.51 2.21
C PHE A 109 5.85 -3.68 1.27
N PHE A 110 5.07 -4.31 0.43
CA PHE A 110 4.23 -3.51 -0.50
C PHE A 110 2.99 -4.28 -0.95
N CYS A 111 2.00 -3.56 -1.43
CA CYS A 111 0.74 -4.20 -1.92
C CYS A 111 0.52 -3.77 -3.36
N VAL A 112 -0.21 -4.53 -4.15
CA VAL A 112 -0.41 -4.14 -5.57
C VAL A 112 -1.88 -4.15 -5.96
N CYS A 113 -2.28 -3.17 -6.75
CA CYS A 113 -3.68 -3.11 -7.26
C CYS A 113 -3.62 -3.04 -8.78
N SER A 114 -4.40 -3.81 -9.49
CA SER A 114 -4.29 -3.76 -10.98
C SER A 114 -5.41 -4.53 -11.66
N LYS A 115 -5.41 -4.53 -12.97
CA LYS A 115 -6.43 -5.27 -13.76
C LYS A 115 -5.79 -5.65 -15.10
N ASP A 116 -6.36 -6.59 -15.80
CA ASP A 116 -5.76 -6.98 -17.11
C ASP A 116 -5.70 -5.75 -18.03
N ASN A 117 -4.77 -5.71 -18.94
CA ASN A 117 -4.65 -4.54 -19.86
C ASN A 117 -4.78 -3.24 -19.06
N GLU A 118 -3.88 -2.99 -18.13
CA GLU A 118 -3.98 -1.75 -17.32
C GLU A 118 -2.66 -1.52 -16.55
N LYS A 119 -2.28 -0.28 -16.37
CA LYS A 119 -1.02 0.01 -15.63
C LYS A 119 -1.14 -0.56 -14.20
N LYS A 120 -0.08 -1.15 -13.70
CA LYS A 120 -0.14 -1.74 -12.33
C LYS A 120 0.17 -0.67 -11.28
N LEU A 121 -0.51 -0.71 -10.15
CA LEU A 121 -0.26 0.28 -9.08
C LEU A 121 0.43 -0.41 -7.90
N VAL A 122 1.60 0.03 -7.53
CA VAL A 122 2.32 -0.63 -6.40
C VAL A 122 2.35 0.29 -5.17
N PHE A 123 2.00 -0.24 -4.03
CA PHE A 123 2.02 0.56 -2.77
C PHE A 123 3.17 0.03 -1.89
N THR A 124 4.12 0.86 -1.55
CA THR A 124 5.26 0.34 -0.73
C THR A 124 5.65 1.29 0.41
N VAL A 125 6.00 0.74 1.54
CA VAL A 125 6.44 1.58 2.69
C VAL A 125 7.68 0.92 3.31
N GLU A 126 8.51 1.67 4.00
CA GLU A 126 9.74 1.07 4.60
C GLU A 126 9.89 1.53 6.06
N ALA A 127 10.58 0.76 6.85
CA ALA A 127 10.78 1.15 8.27
C ALA A 127 11.89 0.28 8.89
N GLU A 1 -3.28 13.18 11.77
CA GLU A 1 -4.62 12.52 11.82
C GLU A 1 -4.83 11.69 10.55
N LYS A 2 -4.13 12.02 9.50
CA LYS A 2 -4.29 11.25 8.23
C LYS A 2 -3.41 9.99 8.29
N VAL A 3 -3.83 8.93 7.67
CA VAL A 3 -3.03 7.67 7.69
C VAL A 3 -1.91 7.75 6.64
N LYS A 4 -0.71 7.38 7.02
CA LYS A 4 0.40 7.42 6.04
C LYS A 4 0.21 6.30 5.02
N GLY A 5 0.27 6.61 3.76
CA GLY A 5 0.08 5.56 2.73
C GLY A 5 -0.10 6.19 1.36
N CYS A 6 -0.76 5.51 0.45
CA CYS A 6 -0.96 6.08 -0.91
C CYS A 6 -2.42 5.90 -1.33
N ASP A 7 -3.03 6.94 -1.83
CA ASP A 7 -4.45 6.84 -2.27
C ASP A 7 -4.51 6.93 -3.80
N PHE A 8 -4.80 5.84 -4.46
CA PHE A 8 -4.88 5.88 -5.95
C PHE A 8 -6.30 6.24 -6.37
N THR A 9 -7.15 6.51 -5.42
CA THR A 9 -8.57 6.84 -5.75
C THR A 9 -8.78 8.37 -5.70
N THR A 10 -7.93 9.10 -5.05
CA THR A 10 -8.13 10.57 -4.97
C THR A 10 -6.80 11.27 -4.66
N SER A 11 -6.43 12.24 -5.45
CA SER A 11 -5.16 12.96 -5.19
C SER A 11 -5.28 13.70 -3.85
N GLU A 12 -6.47 14.06 -3.47
CA GLU A 12 -6.67 14.76 -2.18
C GLU A 12 -7.46 13.85 -1.24
N SER A 13 -6.83 12.85 -0.69
CA SER A 13 -7.55 11.93 0.22
C SER A 13 -7.89 12.62 1.53
N THR A 14 -8.96 12.22 2.16
CA THR A 14 -9.36 12.83 3.45
C THR A 14 -8.94 11.91 4.58
N ILE A 15 -8.36 10.78 4.24
CA ILE A 15 -7.91 9.81 5.28
C ILE A 15 -6.42 9.48 5.09
N PHE A 16 -5.83 9.88 3.99
CA PHE A 16 -4.39 9.56 3.76
C PHE A 16 -3.61 10.85 3.48
N SER A 17 -2.41 10.94 4.00
CA SER A 17 -1.59 12.16 3.79
C SER A 17 -1.13 12.28 2.32
N LYS A 18 -1.13 11.18 1.59
CA LYS A 18 -0.67 11.25 0.17
C LYS A 18 -1.67 10.53 -0.75
N GLY A 19 -1.87 11.07 -1.92
CA GLY A 19 -2.82 10.43 -2.87
C GLY A 19 -2.45 10.82 -4.31
N TYR A 20 -3.05 10.18 -5.27
CA TYR A 20 -2.75 10.50 -6.70
C TYR A 20 -4.05 10.75 -7.47
N SER A 21 -3.97 11.42 -8.58
CA SER A 21 -5.19 11.69 -9.39
C SER A 21 -5.39 10.56 -10.40
N ILE A 22 -6.62 10.26 -10.73
CA ILE A 22 -6.87 9.16 -11.71
C ILE A 22 -6.16 9.47 -13.03
N ASN A 23 -6.07 10.73 -13.37
CA ASN A 23 -5.39 11.11 -14.65
C ASN A 23 -3.90 10.77 -14.56
N GLU A 24 -3.31 10.96 -13.41
CA GLU A 24 -1.86 10.66 -13.25
C GLU A 24 -1.61 9.16 -13.38
N ILE A 25 -2.45 8.34 -12.81
CA ILE A 25 -2.23 6.87 -12.93
C ILE A 25 -2.79 6.36 -14.25
N SER A 26 -3.61 7.15 -14.91
CA SER A 26 -4.17 6.71 -16.21
C SER A 26 -3.25 7.14 -17.34
N ASN A 27 -3.22 8.42 -17.64
CA ASN A 27 -2.34 8.92 -18.74
C ASN A 27 -1.01 8.16 -18.70
N LYS A 28 -0.92 7.09 -19.44
CA LYS A 28 0.34 6.29 -19.45
C LYS A 28 1.26 6.79 -20.57
N SER A 29 1.47 8.08 -20.64
CA SER A 29 2.36 8.63 -21.70
C SER A 29 2.90 9.99 -21.26
N SER A 30 2.83 10.28 -19.99
CA SER A 30 3.33 11.58 -19.49
C SER A 30 4.86 11.56 -19.47
N ASN A 31 5.45 11.42 -18.30
CA ASN A 31 6.94 11.40 -18.22
C ASN A 31 7.40 9.98 -17.85
N ASN A 32 7.01 9.50 -16.70
CA ASN A 32 7.42 8.13 -16.30
C ASN A 32 6.33 7.12 -16.68
N GLN A 33 6.56 6.33 -17.70
CA GLN A 33 5.53 5.34 -18.11
C GLN A 33 5.94 3.94 -17.65
N GLN A 34 5.69 3.61 -16.42
CA GLN A 34 6.07 2.27 -15.91
C GLN A 34 5.29 1.95 -14.63
N ASP A 35 5.73 0.99 -13.87
CA ASP A 35 5.01 0.64 -12.62
C ASP A 35 4.96 1.86 -11.70
N ILE A 36 3.84 2.09 -11.05
CA ILE A 36 3.75 3.25 -10.13
C ILE A 36 4.03 2.78 -8.72
N VAL A 37 5.00 3.35 -8.06
CA VAL A 37 5.33 2.90 -6.67
C VAL A 37 5.17 4.06 -5.69
N CYS A 38 4.49 3.83 -4.60
CA CYS A 38 4.33 4.91 -3.59
C CYS A 38 5.30 4.64 -2.44
N THR A 39 6.39 5.36 -2.39
CA THR A 39 7.38 5.11 -1.30
C THR A 39 7.09 6.06 -0.14
N VAL A 40 6.82 5.50 1.01
CA VAL A 40 6.54 6.36 2.20
C VAL A 40 7.18 5.74 3.44
N LYS A 41 7.73 6.54 4.31
CA LYS A 41 8.38 5.98 5.53
C LYS A 41 7.32 5.82 6.63
N ALA A 42 7.26 4.65 7.23
CA ALA A 42 6.25 4.43 8.31
C ALA A 42 6.92 4.60 9.67
N HIS A 43 6.15 4.85 10.69
CA HIS A 43 6.74 5.03 12.06
C HIS A 43 5.92 4.23 13.07
N ALA A 44 6.54 3.85 14.16
CA ALA A 44 5.82 3.06 15.20
C ALA A 44 4.56 3.80 15.63
N ASN A 45 4.54 5.09 15.51
CA ASN A 45 3.34 5.86 15.91
C ASN A 45 2.50 6.21 14.68
N ASP A 46 3.12 6.31 13.54
CA ASP A 46 2.37 6.66 12.30
C ASP A 46 1.47 5.50 11.89
N LEU A 47 0.22 5.77 11.58
CA LEU A 47 -0.70 4.68 11.17
C LEU A 47 -0.39 4.33 9.71
N ILE A 48 -0.51 3.06 9.34
CA ILE A 48 -0.20 2.68 7.93
C ILE A 48 -1.47 2.12 7.26
N GLY A 49 -1.69 2.50 6.04
CA GLY A 49 -2.90 2.00 5.32
C GLY A 49 -2.98 2.65 3.94
N PHE A 50 -3.62 2.01 2.99
CA PHE A 50 -3.72 2.61 1.63
C PHE A 50 -5.08 2.32 1.03
N LYS A 51 -5.37 2.88 -0.11
CA LYS A 51 -6.71 2.63 -0.75
C LYS A 51 -6.56 2.64 -2.27
N CYS A 52 -7.32 1.81 -2.95
CA CYS A 52 -7.26 1.76 -4.44
C CYS A 52 -8.67 2.02 -4.98
N PRO A 53 -8.78 2.57 -6.17
CA PRO A 53 -10.12 2.85 -6.79
C PRO A 53 -11.04 1.62 -6.78
N SER A 54 -12.32 1.85 -6.74
CA SER A 54 -13.28 0.70 -6.70
C SER A 54 -13.32 0.00 -8.06
N ASN A 55 -12.79 0.59 -9.09
CA ASN A 55 -12.82 -0.06 -10.43
C ASN A 55 -11.58 -0.92 -10.64
N TYR A 56 -10.69 -0.94 -9.67
CA TYR A 56 -9.45 -1.76 -9.80
C TYR A 56 -9.51 -2.98 -8.88
N SER A 57 -8.67 -3.96 -9.10
CA SER A 57 -8.68 -5.18 -8.23
C SER A 57 -7.48 -5.11 -7.29
N VAL A 58 -7.68 -5.45 -6.04
CA VAL A 58 -6.54 -5.41 -5.08
C VAL A 58 -5.85 -6.76 -5.00
N GLU A 59 -4.57 -6.79 -5.29
CA GLU A 59 -3.81 -8.07 -5.22
C GLU A 59 -2.58 -7.83 -4.32
N PRO A 60 -2.40 -8.63 -3.29
CA PRO A 60 -1.25 -8.45 -2.37
C PRO A 60 0.05 -9.01 -2.97
N HIS A 61 1.00 -8.16 -3.27
CA HIS A 61 2.29 -8.66 -3.82
C HIS A 61 3.26 -8.86 -2.66
N ASP A 62 3.03 -8.17 -1.58
CA ASP A 62 3.91 -8.29 -0.39
C ASP A 62 3.26 -7.53 0.77
N CYS A 63 1.99 -7.77 0.99
CA CYS A 63 1.28 -7.06 2.10
C CYS A 63 1.76 -7.59 3.45
N PHE A 64 0.95 -7.49 4.47
CA PHE A 64 1.38 -7.98 5.82
C PHE A 64 0.57 -9.21 6.27
N VAL A 65 -0.73 -9.19 6.18
CA VAL A 65 -1.51 -10.39 6.64
C VAL A 65 -1.09 -11.61 5.82
N SER A 66 -1.03 -11.47 4.53
CA SER A 66 -0.60 -12.62 3.67
C SER A 66 -0.19 -12.07 2.31
N ALA A 67 0.95 -12.45 1.81
CA ALA A 67 1.39 -11.91 0.49
C ALA A 67 2.68 -12.60 0.03
N PHE A 68 3.18 -12.20 -1.10
CA PHE A 68 4.43 -12.82 -1.62
C PHE A 68 5.62 -11.99 -1.15
N ASN A 69 6.58 -12.60 -0.52
CA ASN A 69 7.76 -11.83 -0.02
C ASN A 69 8.62 -11.38 -1.19
N LEU A 70 9.76 -10.80 -0.92
CA LEU A 70 10.65 -10.34 -2.02
C LEU A 70 11.14 -11.57 -2.80
N SER A 71 11.09 -12.72 -2.20
CA SER A 71 11.55 -13.94 -2.91
C SER A 71 10.40 -14.45 -3.79
N GLY A 72 9.24 -13.87 -3.65
CA GLY A 72 8.07 -14.30 -4.47
C GLY A 72 7.40 -15.51 -3.81
N LYS A 73 7.66 -15.74 -2.56
CA LYS A 73 7.02 -16.89 -1.85
C LYS A 73 5.92 -16.37 -0.92
N ASN A 74 4.86 -17.12 -0.79
CA ASN A 74 3.73 -16.66 0.08
C ASN A 74 4.02 -17.01 1.54
N GLU A 75 4.13 -16.02 2.39
CA GLU A 75 4.42 -16.30 3.83
C GLU A 75 3.79 -15.21 4.70
N ASN A 76 3.16 -15.59 5.79
CA ASN A 76 2.52 -14.58 6.66
C ASN A 76 3.58 -13.60 7.17
N LEU A 77 3.24 -12.34 7.29
CA LEU A 77 4.23 -11.34 7.75
C LEU A 77 4.09 -11.12 9.27
N GLU A 78 3.26 -11.91 9.91
CA GLU A 78 3.07 -11.74 11.38
C GLU A 78 4.35 -12.14 12.13
N ASN A 79 5.00 -13.19 11.69
CA ASN A 79 6.25 -13.63 12.37
C ASN A 79 7.30 -12.51 12.25
N LYS A 80 7.31 -11.83 11.13
CA LYS A 80 8.29 -10.71 10.95
C LYS A 80 7.87 -9.51 11.81
N LEU A 81 6.62 -9.14 11.74
CA LEU A 81 6.13 -7.99 12.55
C LEU A 81 4.67 -8.21 12.91
N LYS A 82 4.35 -8.26 14.18
CA LYS A 82 2.94 -8.48 14.58
C LYS A 82 2.18 -7.14 14.52
N LEU A 83 1.25 -7.03 13.62
CA LEU A 83 0.46 -5.76 13.51
C LEU A 83 -0.78 -5.85 14.38
N THR A 84 -1.35 -4.71 14.73
CA THR A 84 -2.58 -4.71 15.59
C THR A 84 -3.66 -3.89 14.91
N ASN A 85 -4.91 -4.07 15.28
CA ASN A 85 -6.01 -3.29 14.66
C ASN A 85 -5.98 -3.47 13.14
N ILE A 86 -5.95 -4.69 12.68
CA ILE A 86 -5.91 -4.93 11.21
C ILE A 86 -7.30 -4.76 10.60
N ILE A 87 -7.41 -3.96 9.58
CA ILE A 87 -8.75 -3.74 8.92
C ILE A 87 -8.65 -4.12 7.45
N MET A 88 -9.45 -5.06 6.99
CA MET A 88 -9.38 -5.45 5.55
C MET A 88 -10.76 -5.25 4.90
N ASP A 89 -10.91 -4.20 4.13
CA ASP A 89 -12.21 -3.95 3.45
C ASP A 89 -12.03 -4.12 1.94
N HIS A 90 -12.44 -5.25 1.41
CA HIS A 90 -12.28 -5.48 -0.06
C HIS A 90 -13.27 -4.61 -0.85
N TYR A 91 -14.45 -4.41 -0.35
CA TYR A 91 -15.44 -3.58 -1.10
C TYR A 91 -14.89 -2.16 -1.26
N ASN A 92 -14.36 -1.58 -0.22
CA ASN A 92 -13.80 -0.21 -0.33
C ASN A 92 -12.34 -0.30 -0.76
N ASN A 93 -11.82 -1.49 -0.85
CA ASN A 93 -10.40 -1.65 -1.28
C ASN A 93 -9.48 -0.78 -0.41
N THR A 94 -9.64 -0.84 0.89
CA THR A 94 -8.77 -0.02 1.78
C THR A 94 -8.24 -0.89 2.93
N PHE A 95 -6.98 -0.76 3.24
CA PHE A 95 -6.39 -1.60 4.34
C PHE A 95 -5.71 -0.70 5.38
N TYR A 96 -5.86 -1.01 6.64
CA TYR A 96 -5.21 -0.18 7.70
C TYR A 96 -4.59 -1.10 8.76
N SER A 97 -3.49 -0.70 9.34
CA SER A 97 -2.85 -1.55 10.39
C SER A 97 -2.10 -0.65 11.36
N ARG A 98 -1.96 -1.07 12.60
CA ARG A 98 -1.22 -0.25 13.60
C ARG A 98 0.18 -0.82 13.80
N LEU A 99 1.17 0.03 13.76
CA LEU A 99 2.57 -0.45 13.95
C LEU A 99 2.92 -0.49 15.45
N PRO A 100 3.57 -1.52 15.91
CA PRO A 100 3.98 -1.63 17.34
C PRO A 100 4.59 -0.31 17.83
N SER A 101 5.03 -0.27 19.06
CA SER A 101 5.62 0.99 19.58
C SER A 101 7.12 1.02 19.30
N LEU A 102 7.72 -0.11 19.03
CA LEU A 102 9.19 -0.15 18.77
C LEU A 102 9.47 -0.81 17.41
N ILE A 103 10.23 -0.17 16.57
CA ILE A 103 10.58 -0.75 15.25
C ILE A 103 11.97 -0.25 14.83
N SER A 104 12.98 -1.07 14.97
CA SER A 104 14.36 -0.63 14.58
C SER A 104 14.84 -1.43 13.37
N ASP A 105 14.02 -2.30 12.86
CA ASP A 105 14.43 -3.12 11.68
C ASP A 105 14.20 -2.33 10.39
N ASN A 106 14.96 -2.61 9.37
CA ASN A 106 14.80 -1.90 8.07
C ASN A 106 13.91 -2.75 7.15
N TRP A 107 12.96 -3.45 7.71
CA TRP A 107 12.09 -4.32 6.87
C TRP A 107 11.26 -3.48 5.90
N LYS A 108 10.87 -4.07 4.81
CA LYS A 108 10.06 -3.34 3.79
C LYS A 108 8.99 -4.27 3.23
N PHE A 109 7.87 -3.73 2.83
CA PHE A 109 6.79 -4.61 2.27
C PHE A 109 5.93 -3.78 1.32
N PHE A 110 5.17 -4.40 0.46
CA PHE A 110 4.34 -3.60 -0.49
C PHE A 110 3.09 -4.37 -0.95
N CYS A 111 2.11 -3.65 -1.40
CA CYS A 111 0.85 -4.28 -1.92
C CYS A 111 0.64 -3.80 -3.36
N VAL A 112 -0.09 -4.53 -4.16
CA VAL A 112 -0.29 -4.10 -5.58
C VAL A 112 -1.78 -4.06 -5.96
N CYS A 113 -2.16 -3.03 -6.67
CA CYS A 113 -3.57 -2.90 -7.15
C CYS A 113 -3.51 -2.87 -8.68
N SER A 114 -4.30 -3.65 -9.37
CA SER A 114 -4.22 -3.62 -10.86
C SER A 114 -5.34 -4.44 -11.51
N LYS A 115 -5.36 -4.44 -12.81
CA LYS A 115 -6.37 -5.22 -13.58
C LYS A 115 -5.72 -5.64 -14.91
N ASP A 116 -6.30 -6.58 -15.60
CA ASP A 116 -5.71 -7.01 -16.90
C ASP A 116 -5.63 -5.79 -17.84
N ASN A 117 -4.67 -5.79 -18.73
CA ASN A 117 -4.54 -4.64 -19.68
C ASN A 117 -4.70 -3.32 -18.91
N GLU A 118 -3.84 -3.05 -17.97
CA GLU A 118 -3.96 -1.77 -17.20
C GLU A 118 -2.65 -1.48 -16.44
N LYS A 119 -2.28 -0.24 -16.34
CA LYS A 119 -1.02 0.11 -15.60
C LYS A 119 -1.09 -0.48 -14.19
N LYS A 120 -0.03 -1.09 -13.74
CA LYS A 120 -0.03 -1.69 -12.37
C LYS A 120 0.33 -0.63 -11.33
N LEU A 121 -0.32 -0.67 -10.19
CA LEU A 121 -0.03 0.31 -9.11
C LEU A 121 0.66 -0.41 -7.95
N VAL A 122 1.83 0.02 -7.54
CA VAL A 122 2.54 -0.66 -6.42
C VAL A 122 2.53 0.22 -5.16
N PHE A 123 2.14 -0.34 -4.05
CA PHE A 123 2.12 0.43 -2.78
C PHE A 123 3.27 -0.09 -1.91
N THR A 124 4.21 0.75 -1.55
CA THR A 124 5.37 0.26 -0.73
C THR A 124 5.73 1.24 0.41
N VAL A 125 6.08 0.69 1.54
CA VAL A 125 6.49 1.54 2.69
C VAL A 125 7.73 0.89 3.33
N GLU A 126 8.49 1.65 4.09
CA GLU A 126 9.71 1.06 4.73
C GLU A 126 9.75 1.41 6.22
N ALA A 127 10.30 0.53 7.01
CA ALA A 127 10.37 0.79 8.49
C ALA A 127 11.54 0.00 9.09
N GLU A 1 -4.93 13.39 12.51
CA GLU A 1 -4.35 14.08 11.32
C GLU A 1 -4.66 13.26 10.06
N LYS A 2 -3.68 12.57 9.53
CA LYS A 2 -3.93 11.75 8.31
C LYS A 2 -3.14 10.44 8.42
N VAL A 3 -3.64 9.38 7.83
CA VAL A 3 -2.93 8.07 7.91
C VAL A 3 -1.91 7.96 6.78
N LYS A 4 -0.72 7.50 7.07
CA LYS A 4 0.29 7.36 6.00
C LYS A 4 -0.17 6.30 5.02
N GLY A 5 -0.26 6.63 3.76
CA GLY A 5 -0.71 5.63 2.76
C GLY A 5 -0.81 6.28 1.39
N CYS A 6 -0.94 5.49 0.35
CA CYS A 6 -1.05 6.05 -1.02
C CYS A 6 -2.49 5.90 -1.51
N ASP A 7 -3.06 6.96 -2.00
CA ASP A 7 -4.47 6.90 -2.50
C ASP A 7 -4.46 7.00 -4.03
N PHE A 8 -4.77 5.92 -4.69
CA PHE A 8 -4.79 5.96 -6.19
C PHE A 8 -6.19 6.37 -6.65
N THR A 9 -7.07 6.63 -5.73
CA THR A 9 -8.46 7.01 -6.10
C THR A 9 -8.67 8.52 -5.99
N THR A 10 -7.81 9.21 -5.27
CA THR A 10 -8.00 10.68 -5.12
C THR A 10 -6.67 11.35 -4.77
N SER A 11 -6.27 12.34 -5.53
CA SER A 11 -5.00 13.04 -5.23
C SER A 11 -5.13 13.79 -3.91
N GLU A 12 -6.34 14.16 -3.56
CA GLU A 12 -6.57 14.89 -2.28
C GLU A 12 -7.38 14.01 -1.34
N SER A 13 -6.76 13.00 -0.78
CA SER A 13 -7.51 12.09 0.13
C SER A 13 -7.81 12.80 1.45
N THR A 14 -8.86 12.40 2.11
CA THR A 14 -9.22 13.00 3.41
C THR A 14 -8.78 12.07 4.53
N ILE A 15 -8.24 10.94 4.18
CA ILE A 15 -7.78 9.96 5.20
C ILE A 15 -6.30 9.60 4.98
N PHE A 16 -5.75 9.94 3.85
CA PHE A 16 -4.32 9.59 3.57
C PHE A 16 -3.52 10.86 3.30
N SER A 17 -2.34 10.95 3.85
CA SER A 17 -1.50 12.17 3.64
C SER A 17 -1.02 12.25 2.19
N LYS A 18 -1.04 11.16 1.46
CA LYS A 18 -0.56 11.21 0.05
C LYS A 18 -1.56 10.52 -0.88
N GLY A 19 -1.74 11.05 -2.06
CA GLY A 19 -2.70 10.43 -3.01
C GLY A 19 -2.31 10.81 -4.45
N TYR A 20 -2.89 10.17 -5.42
CA TYR A 20 -2.56 10.47 -6.85
C TYR A 20 -3.86 10.72 -7.63
N SER A 21 -3.76 11.39 -8.76
CA SER A 21 -4.97 11.65 -9.57
C SER A 21 -5.16 10.51 -10.58
N ILE A 22 -6.39 10.21 -10.93
CA ILE A 22 -6.62 9.11 -11.90
C ILE A 22 -5.89 9.40 -13.20
N ASN A 23 -5.77 10.66 -13.56
CA ASN A 23 -5.06 11.01 -14.82
C ASN A 23 -3.57 10.71 -14.67
N GLU A 24 -3.01 11.00 -13.53
CA GLU A 24 -1.55 10.75 -13.33
C GLU A 24 -1.24 9.26 -13.48
N ILE A 25 -2.04 8.42 -12.88
CA ILE A 25 -1.76 6.96 -12.99
C ILE A 25 -2.01 6.50 -14.44
N SER A 26 -3.11 6.92 -15.02
CA SER A 26 -3.40 6.52 -16.42
C SER A 26 -2.36 7.11 -17.35
N ASN A 27 -2.11 8.41 -17.23
CA ASN A 27 -1.09 9.09 -18.10
C ASN A 27 -0.40 8.04 -18.98
N LYS A 28 -0.98 7.73 -20.11
CA LYS A 28 -0.37 6.70 -21.00
C LYS A 28 1.14 6.87 -21.01
N SER A 29 1.86 5.94 -21.59
CA SER A 29 3.34 6.05 -21.62
C SER A 29 3.75 7.45 -22.07
N SER A 30 3.60 8.42 -21.22
CA SER A 30 3.98 9.81 -21.61
C SER A 30 4.90 10.41 -20.53
N ASN A 31 4.62 10.14 -19.29
CA ASN A 31 5.48 10.68 -18.19
C ASN A 31 6.08 9.53 -17.39
N ASN A 32 5.54 8.35 -17.53
CA ASN A 32 6.10 7.19 -16.78
C ASN A 32 5.61 5.89 -17.42
N GLN A 33 6.51 5.10 -17.94
CA GLN A 33 6.10 3.81 -18.58
C GLN A 33 6.57 2.64 -17.73
N GLN A 34 6.25 2.64 -16.46
CA GLN A 34 6.67 1.50 -15.58
C GLN A 34 5.66 1.32 -14.46
N ASP A 35 5.99 0.53 -13.48
CA ASP A 35 5.04 0.30 -12.35
C ASP A 35 5.00 1.54 -11.46
N ILE A 36 3.85 1.90 -10.95
CA ILE A 36 3.78 3.10 -10.07
C ILE A 36 4.03 2.65 -8.63
N VAL A 37 5.03 3.21 -8.00
CA VAL A 37 5.34 2.79 -6.59
C VAL A 37 5.19 3.97 -5.64
N CYS A 38 4.49 3.77 -4.55
CA CYS A 38 4.34 4.87 -3.56
C CYS A 38 5.31 4.61 -2.40
N THR A 39 6.43 5.29 -2.38
CA THR A 39 7.41 5.05 -1.29
C THR A 39 7.18 6.06 -0.17
N VAL A 40 6.89 5.59 1.01
CA VAL A 40 6.67 6.52 2.16
C VAL A 40 7.29 5.91 3.42
N LYS A 41 7.63 6.72 4.38
CA LYS A 41 8.23 6.18 5.63
C LYS A 41 7.14 6.03 6.69
N ALA A 42 7.06 4.89 7.33
CA ALA A 42 6.02 4.70 8.37
C ALA A 42 6.63 4.87 9.76
N HIS A 43 5.82 5.07 10.77
CA HIS A 43 6.37 5.25 12.14
C HIS A 43 5.59 4.37 13.12
N ALA A 44 6.24 3.91 14.16
CA ALA A 44 5.54 3.03 15.14
C ALA A 44 4.25 3.69 15.62
N ASN A 45 4.20 4.99 15.59
CA ASN A 45 2.97 5.69 16.06
C ASN A 45 2.11 6.09 14.84
N ASP A 46 2.73 6.22 13.70
CA ASP A 46 1.97 6.63 12.49
C ASP A 46 1.10 5.47 11.99
N LEU A 47 -0.11 5.74 11.62
CA LEU A 47 -0.99 4.66 11.10
C LEU A 47 -0.56 4.32 9.67
N ILE A 48 -0.61 3.07 9.28
CA ILE A 48 -0.20 2.69 7.90
C ILE A 48 -1.36 2.02 7.17
N GLY A 49 -1.50 2.29 5.90
CA GLY A 49 -2.60 1.66 5.12
C GLY A 49 -2.61 2.24 3.70
N PHE A 50 -3.57 1.87 2.90
CA PHE A 50 -3.61 2.41 1.50
C PHE A 50 -5.00 2.17 0.90
N LYS A 51 -5.29 2.76 -0.23
CA LYS A 51 -6.62 2.58 -0.86
C LYS A 51 -6.49 2.59 -2.37
N CYS A 52 -7.26 1.80 -3.07
CA CYS A 52 -7.20 1.76 -4.55
C CYS A 52 -8.61 2.01 -5.10
N PRO A 53 -8.74 2.56 -6.29
CA PRO A 53 -10.06 2.84 -6.91
C PRO A 53 -10.96 1.60 -6.90
N SER A 54 -12.26 1.81 -6.86
CA SER A 54 -13.21 0.66 -6.83
C SER A 54 -13.24 -0.05 -8.19
N ASN A 55 -12.65 0.53 -9.20
CA ASN A 55 -12.67 -0.12 -10.54
C ASN A 55 -11.45 -1.02 -10.70
N TYR A 56 -10.58 -1.07 -9.73
CA TYR A 56 -9.37 -1.92 -9.83
C TYR A 56 -9.47 -3.12 -8.87
N SER A 57 -8.66 -4.12 -9.07
CA SER A 57 -8.71 -5.30 -8.16
C SER A 57 -7.54 -5.24 -7.17
N VAL A 58 -7.72 -5.70 -5.97
CA VAL A 58 -6.61 -5.64 -4.97
C VAL A 58 -5.94 -7.01 -4.86
N GLU A 59 -4.64 -7.04 -5.07
CA GLU A 59 -3.88 -8.32 -4.96
C GLU A 59 -2.65 -8.07 -4.07
N PRO A 60 -2.45 -8.85 -3.05
CA PRO A 60 -1.29 -8.66 -2.14
C PRO A 60 0.00 -9.19 -2.74
N HIS A 61 0.94 -8.32 -3.03
CA HIS A 61 2.23 -8.79 -3.59
C HIS A 61 3.22 -8.96 -2.44
N ASP A 62 3.00 -8.24 -1.38
CA ASP A 62 3.89 -8.34 -0.19
C ASP A 62 3.22 -7.61 0.97
N CYS A 63 1.93 -7.72 1.09
CA CYS A 63 1.20 -7.02 2.18
C CYS A 63 1.66 -7.56 3.54
N PHE A 64 0.84 -7.46 4.56
CA PHE A 64 1.27 -7.94 5.90
C PHE A 64 0.53 -9.24 6.30
N VAL A 65 -0.78 -9.25 6.28
CA VAL A 65 -1.50 -10.49 6.66
C VAL A 65 -0.89 -11.68 5.90
N SER A 66 -1.13 -11.74 4.63
CA SER A 66 -0.55 -12.85 3.81
C SER A 66 -0.15 -12.29 2.44
N ALA A 67 1.05 -12.55 1.99
CA ALA A 67 1.47 -11.99 0.68
C ALA A 67 2.77 -12.64 0.20
N PHE A 68 3.25 -12.23 -0.93
CA PHE A 68 4.51 -12.82 -1.47
C PHE A 68 5.68 -11.93 -1.05
N ASN A 69 6.82 -12.50 -0.77
CA ASN A 69 8.00 -11.68 -0.36
C ASN A 69 8.74 -11.18 -1.59
N LEU A 70 9.88 -10.56 -1.40
CA LEU A 70 10.66 -10.05 -2.56
C LEU A 70 11.13 -11.24 -3.41
N SER A 71 11.07 -12.43 -2.86
CA SER A 71 11.49 -13.63 -3.62
C SER A 71 10.31 -14.15 -4.44
N GLY A 72 9.15 -13.57 -4.24
CA GLY A 72 7.95 -14.02 -4.99
C GLY A 72 7.39 -15.28 -4.35
N LYS A 73 7.73 -15.54 -3.12
CA LYS A 73 7.22 -16.77 -2.44
C LYS A 73 6.17 -16.37 -1.39
N ASN A 74 5.14 -17.15 -1.24
CA ASN A 74 4.07 -16.80 -0.25
C ASN A 74 4.64 -16.88 1.17
N GLU A 75 4.41 -15.86 1.97
CA GLU A 75 4.94 -15.85 3.36
C GLU A 75 4.01 -15.01 4.25
N ASN A 76 4.13 -15.16 5.55
CA ASN A 76 3.27 -14.37 6.48
C ASN A 76 4.12 -13.29 7.16
N LEU A 77 3.60 -12.10 7.29
CA LEU A 77 4.38 -11.00 7.95
C LEU A 77 4.14 -11.03 9.47
N GLU A 78 3.22 -11.83 9.92
CA GLU A 78 2.95 -11.87 11.39
C GLU A 78 4.22 -12.32 12.13
N ASN A 79 4.88 -13.34 11.64
CA ASN A 79 6.13 -13.80 12.32
C ASN A 79 7.18 -12.69 12.22
N LYS A 80 7.18 -11.96 11.13
CA LYS A 80 8.17 -10.85 10.98
C LYS A 80 7.81 -9.72 11.94
N LEU A 81 6.57 -9.28 11.92
CA LEU A 81 6.15 -8.18 12.84
C LEU A 81 4.66 -8.33 13.14
N LYS A 82 4.30 -8.47 14.38
CA LYS A 82 2.86 -8.62 14.72
C LYS A 82 2.16 -7.25 14.66
N LEU A 83 1.27 -7.07 13.73
CA LEU A 83 0.56 -5.76 13.62
C LEU A 83 -0.69 -5.77 14.51
N THR A 84 -1.22 -4.61 14.81
CA THR A 84 -2.43 -4.54 15.67
C THR A 84 -3.48 -3.66 14.99
N ASN A 85 -4.72 -3.76 15.40
CA ASN A 85 -5.79 -2.93 14.77
C ASN A 85 -5.80 -3.15 13.26
N ILE A 86 -5.83 -4.39 12.84
CA ILE A 86 -5.83 -4.68 11.38
C ILE A 86 -7.24 -4.52 10.79
N ILE A 87 -7.36 -3.80 9.70
CA ILE A 87 -8.70 -3.60 9.07
C ILE A 87 -8.61 -4.00 7.59
N MET A 88 -9.44 -4.91 7.14
CA MET A 88 -9.40 -5.32 5.71
C MET A 88 -10.77 -5.10 5.06
N ASP A 89 -10.90 -4.07 4.27
CA ASP A 89 -12.20 -3.80 3.58
C ASP A 89 -12.04 -4.02 2.08
N HIS A 90 -12.46 -5.15 1.58
CA HIS A 90 -12.32 -5.42 0.11
C HIS A 90 -13.30 -4.56 -0.70
N TYR A 91 -14.48 -4.34 -0.19
CA TYR A 91 -15.46 -3.51 -0.95
C TYR A 91 -14.89 -2.11 -1.18
N ASN A 92 -14.34 -1.51 -0.17
CA ASN A 92 -13.77 -0.15 -0.35
C ASN A 92 -12.31 -0.27 -0.77
N ASN A 93 -11.80 -1.47 -0.81
CA ASN A 93 -10.39 -1.68 -1.24
C ASN A 93 -9.44 -0.82 -0.40
N THR A 94 -9.58 -0.84 0.90
CA THR A 94 -8.69 -0.03 1.76
C THR A 94 -8.19 -0.89 2.94
N PHE A 95 -6.94 -0.76 3.29
CA PHE A 95 -6.39 -1.58 4.42
C PHE A 95 -5.69 -0.67 5.43
N TYR A 96 -5.86 -0.94 6.71
CA TYR A 96 -5.21 -0.11 7.75
C TYR A 96 -4.63 -1.01 8.84
N SER A 97 -3.55 -0.62 9.46
CA SER A 97 -2.96 -1.47 10.54
C SER A 97 -2.11 -0.57 11.46
N ARG A 98 -1.88 -1.00 12.68
CA ARG A 98 -1.05 -0.18 13.62
C ARG A 98 0.35 -0.80 13.74
N LEU A 99 1.35 0.01 13.74
CA LEU A 99 2.75 -0.50 13.85
C LEU A 99 3.13 -0.64 15.33
N PRO A 100 3.78 -1.71 15.72
CA PRO A 100 4.22 -1.90 17.13
C PRO A 100 4.89 -0.65 17.67
N SER A 101 4.86 -0.44 18.96
CA SER A 101 5.47 0.77 19.54
C SER A 101 6.98 0.77 19.26
N LEU A 102 7.61 -0.38 19.30
CA LEU A 102 9.08 -0.45 19.06
C LEU A 102 9.38 -1.15 17.74
N ILE A 103 10.20 -0.56 16.92
CA ILE A 103 10.57 -1.19 15.62
C ILE A 103 12.02 -0.85 15.29
N SER A 104 12.92 -1.78 15.47
CA SER A 104 14.36 -1.51 15.17
C SER A 104 14.81 -2.31 13.96
N ASP A 105 14.10 -2.20 12.87
CA ASP A 105 14.48 -2.96 11.64
C ASP A 105 14.18 -2.13 10.39
N ASN A 106 14.86 -2.42 9.31
CA ASN A 106 14.62 -1.66 8.04
C ASN A 106 13.77 -2.52 7.10
N TRP A 107 12.89 -3.31 7.64
CA TRP A 107 12.07 -4.20 6.77
C TRP A 107 11.15 -3.36 5.87
N LYS A 108 10.82 -3.88 4.72
CA LYS A 108 9.94 -3.14 3.77
C LYS A 108 8.85 -4.10 3.26
N PHE A 109 7.70 -3.57 2.92
CA PHE A 109 6.61 -4.46 2.41
C PHE A 109 5.73 -3.66 1.46
N PHE A 110 4.96 -4.31 0.62
CA PHE A 110 4.12 -3.54 -0.33
C PHE A 110 2.88 -4.33 -0.78
N CYS A 111 1.93 -3.64 -1.35
CA CYS A 111 0.69 -4.31 -1.85
C CYS A 111 0.49 -3.88 -3.31
N VAL A 112 -0.24 -4.63 -4.09
CA VAL A 112 -0.41 -4.25 -5.52
C VAL A 112 -1.89 -4.20 -5.94
N CYS A 113 -2.24 -3.19 -6.69
CA CYS A 113 -3.64 -3.06 -7.21
C CYS A 113 -3.56 -3.09 -8.73
N SER A 114 -4.35 -3.90 -9.40
CA SER A 114 -4.22 -3.94 -10.89
C SER A 114 -5.37 -4.73 -11.53
N LYS A 115 -5.35 -4.80 -12.84
CA LYS A 115 -6.38 -5.55 -13.60
C LYS A 115 -5.81 -5.89 -14.97
N ASP A 116 -6.45 -6.75 -15.70
CA ASP A 116 -5.92 -7.09 -17.06
C ASP A 116 -5.84 -5.81 -17.90
N ASN A 117 -4.93 -5.76 -18.84
CA ASN A 117 -4.80 -4.53 -19.70
C ASN A 117 -4.97 -3.28 -18.83
N GLU A 118 -4.12 -3.11 -17.83
CA GLU A 118 -4.23 -1.90 -16.96
C GLU A 118 -2.90 -1.63 -16.26
N LYS A 119 -2.50 -0.39 -16.20
CA LYS A 119 -1.21 -0.04 -15.51
C LYS A 119 -1.24 -0.61 -14.09
N LYS A 120 -0.16 -1.20 -13.66
CA LYS A 120 -0.12 -1.78 -12.29
C LYS A 120 0.27 -0.71 -11.25
N LEU A 121 -0.37 -0.71 -10.12
CA LEU A 121 -0.06 0.29 -9.06
C LEU A 121 0.59 -0.42 -7.87
N VAL A 122 1.76 0.02 -7.45
CA VAL A 122 2.43 -0.65 -6.30
C VAL A 122 2.45 0.28 -5.07
N PHE A 123 2.06 -0.23 -3.95
CA PHE A 123 2.07 0.57 -2.69
C PHE A 123 3.19 0.04 -1.80
N THR A 124 4.16 0.85 -1.46
CA THR A 124 5.28 0.34 -0.62
C THR A 124 5.68 1.33 0.49
N VAL A 125 5.99 0.80 1.65
CA VAL A 125 6.43 1.66 2.79
C VAL A 125 7.63 0.98 3.45
N GLU A 126 8.46 1.73 4.15
CA GLU A 126 9.65 1.11 4.81
C GLU A 126 9.68 1.48 6.29
N ALA A 127 10.25 0.62 7.10
CA ALA A 127 10.33 0.91 8.56
C ALA A 127 11.52 0.16 9.16
N GLU A 1 -5.36 12.79 12.98
CA GLU A 1 -4.17 12.95 12.08
C GLU A 1 -4.41 12.17 10.78
N LYS A 2 -3.71 12.53 9.74
CA LYS A 2 -3.89 11.80 8.45
C LYS A 2 -3.15 10.47 8.51
N VAL A 3 -3.62 9.47 7.81
CA VAL A 3 -2.96 8.14 7.83
C VAL A 3 -1.93 8.04 6.72
N LYS A 4 -0.76 7.52 7.01
CA LYS A 4 0.26 7.39 5.93
C LYS A 4 -0.19 6.32 4.95
N GLY A 5 -0.31 6.67 3.70
CA GLY A 5 -0.76 5.68 2.69
C GLY A 5 -0.82 6.32 1.32
N CYS A 6 -1.11 5.54 0.30
CA CYS A 6 -1.19 6.11 -1.08
C CYS A 6 -2.63 5.99 -1.58
N ASP A 7 -3.19 7.07 -2.06
CA ASP A 7 -4.58 7.02 -2.58
C ASP A 7 -4.56 7.09 -4.11
N PHE A 8 -4.86 6.01 -4.78
CA PHE A 8 -4.85 6.03 -6.26
C PHE A 8 -6.24 6.47 -6.75
N THR A 9 -7.12 6.74 -5.84
CA THR A 9 -8.50 7.15 -6.24
C THR A 9 -8.67 8.67 -6.11
N THR A 10 -7.80 9.33 -5.42
CA THR A 10 -7.95 10.81 -5.27
C THR A 10 -6.60 11.45 -4.88
N SER A 11 -6.19 12.47 -5.58
CA SER A 11 -4.90 13.12 -5.24
C SER A 11 -5.07 13.89 -3.93
N GLU A 12 -6.29 14.23 -3.58
CA GLU A 12 -6.54 14.97 -2.32
C GLU A 12 -7.35 14.07 -1.38
N SER A 13 -6.72 13.08 -0.81
CA SER A 13 -7.45 12.16 0.09
C SER A 13 -7.82 12.87 1.40
N THR A 14 -8.89 12.45 2.02
CA THR A 14 -9.30 13.07 3.30
C THR A 14 -8.87 12.16 4.45
N ILE A 15 -8.28 11.04 4.12
CA ILE A 15 -7.82 10.09 5.16
C ILE A 15 -6.33 9.78 4.99
N PHE A 16 -5.80 9.96 3.80
CA PHE A 16 -4.35 9.64 3.57
C PHE A 16 -3.57 10.93 3.31
N SER A 17 -2.37 11.02 3.82
CA SER A 17 -1.55 12.24 3.61
C SER A 17 -0.98 12.29 2.19
N LYS A 18 -0.90 11.17 1.51
CA LYS A 18 -0.33 11.19 0.13
C LYS A 18 -1.37 10.71 -0.88
N GLY A 19 -1.59 11.49 -1.92
CA GLY A 19 -2.59 11.09 -2.95
C GLY A 19 -1.97 11.26 -4.35
N TYR A 20 -2.44 10.51 -5.30
CA TYR A 20 -1.89 10.61 -6.69
C TYR A 20 -3.00 11.06 -7.65
N SER A 21 -2.66 11.85 -8.63
CA SER A 21 -3.68 12.32 -9.60
C SER A 21 -3.66 11.43 -10.83
N ILE A 22 -4.76 11.32 -11.53
CA ILE A 22 -4.79 10.45 -12.74
C ILE A 22 -3.57 10.75 -13.61
N ASN A 23 -3.11 11.98 -13.63
CA ASN A 23 -1.92 12.32 -14.45
C ASN A 23 -0.67 11.65 -13.87
N GLU A 24 -0.47 11.76 -12.59
CA GLU A 24 0.73 11.14 -11.96
C GLU A 24 0.84 9.68 -12.39
N ILE A 25 -0.22 8.93 -12.31
CA ILE A 25 -0.13 7.50 -12.71
C ILE A 25 0.10 7.40 -14.22
N SER A 26 -0.39 8.35 -14.97
CA SER A 26 -0.17 8.32 -16.45
C SER A 26 1.20 8.89 -16.78
N ASN A 27 1.87 9.44 -15.80
CA ASN A 27 3.23 10.01 -16.06
C ASN A 27 4.20 8.87 -16.38
N LYS A 28 3.87 8.06 -17.35
CA LYS A 28 4.76 6.94 -17.73
C LYS A 28 5.96 7.46 -18.53
N SER A 29 6.46 8.61 -18.16
CA SER A 29 7.63 9.18 -18.90
C SER A 29 8.92 8.49 -18.44
N SER A 30 9.27 8.67 -17.20
CA SER A 30 10.52 8.04 -16.68
C SER A 30 10.44 6.52 -16.88
N ASN A 31 11.40 5.79 -16.38
CA ASN A 31 11.38 4.31 -16.54
C ASN A 31 10.12 3.74 -15.89
N ASN A 32 9.76 4.24 -14.74
CA ASN A 32 8.54 3.73 -14.05
C ASN A 32 7.33 3.95 -14.97
N GLN A 33 7.22 3.19 -16.02
CA GLN A 33 6.07 3.36 -16.95
C GLN A 33 4.79 2.87 -16.27
N GLN A 34 4.21 1.81 -16.76
CA GLN A 34 2.96 1.29 -16.14
C GLN A 34 3.26 0.80 -14.72
N ASP A 35 4.32 1.27 -14.13
CA ASP A 35 4.67 0.85 -12.75
C ASP A 35 4.64 2.05 -11.81
N ILE A 36 3.59 2.21 -11.04
CA ILE A 36 3.52 3.36 -10.11
C ILE A 36 3.86 2.87 -8.70
N VAL A 37 4.83 3.47 -8.06
CA VAL A 37 5.20 3.01 -6.69
C VAL A 37 5.03 4.15 -5.69
N CYS A 38 4.36 3.91 -4.60
CA CYS A 38 4.20 4.96 -3.58
C CYS A 38 5.15 4.68 -2.42
N THR A 39 6.27 5.37 -2.37
CA THR A 39 7.24 5.11 -1.27
C THR A 39 7.00 6.09 -0.13
N VAL A 40 6.71 5.57 1.04
CA VAL A 40 6.48 6.47 2.21
C VAL A 40 7.12 5.84 3.46
N LYS A 41 7.42 6.63 4.44
CA LYS A 41 8.03 6.07 5.68
C LYS A 41 6.96 5.90 6.75
N ALA A 42 6.94 4.77 7.41
CA ALA A 42 5.90 4.55 8.47
C ALA A 42 6.52 4.79 9.84
N HIS A 43 5.71 5.02 10.84
CA HIS A 43 6.25 5.28 12.21
C HIS A 43 5.47 4.46 13.23
N ALA A 44 6.08 4.11 14.32
CA ALA A 44 5.38 3.31 15.36
C ALA A 44 4.08 4.00 15.77
N ASN A 45 4.03 5.30 15.65
CA ASN A 45 2.80 6.04 16.04
C ASN A 45 1.96 6.34 14.79
N ASP A 46 2.60 6.42 13.65
CA ASP A 46 1.86 6.74 12.40
C ASP A 46 1.07 5.51 11.93
N LEU A 47 -0.17 5.69 11.58
CA LEU A 47 -0.98 4.54 11.10
C LEU A 47 -0.59 4.25 9.66
N ILE A 48 -0.65 3.01 9.23
CA ILE A 48 -0.27 2.68 7.82
C ILE A 48 -1.44 2.03 7.10
N GLY A 49 -1.62 2.35 5.84
CA GLY A 49 -2.75 1.75 5.07
C GLY A 49 -2.76 2.35 3.66
N PHE A 50 -3.77 2.05 2.88
CA PHE A 50 -3.82 2.61 1.50
C PHE A 50 -5.19 2.33 0.88
N LYS A 51 -5.48 2.92 -0.26
CA LYS A 51 -6.81 2.69 -0.90
C LYS A 51 -6.64 2.69 -2.42
N CYS A 52 -7.38 1.86 -3.10
CA CYS A 52 -7.30 1.80 -4.59
C CYS A 52 -8.72 1.98 -5.16
N PRO A 53 -8.83 2.46 -6.37
CA PRO A 53 -10.16 2.67 -7.01
C PRO A 53 -11.04 1.43 -6.95
N SER A 54 -12.32 1.60 -6.77
CA SER A 54 -13.24 0.43 -6.68
C SER A 54 -13.32 -0.29 -8.03
N ASN A 55 -12.84 0.31 -9.08
CA ASN A 55 -12.92 -0.35 -10.41
C ASN A 55 -11.68 -1.23 -10.65
N TYR A 56 -10.82 -1.32 -9.68
CA TYR A 56 -9.59 -2.16 -9.84
C TYR A 56 -9.64 -3.37 -8.90
N SER A 57 -8.76 -4.31 -9.09
CA SER A 57 -8.75 -5.52 -8.20
C SER A 57 -7.58 -5.38 -7.22
N VAL A 58 -7.79 -5.73 -5.98
CA VAL A 58 -6.69 -5.60 -4.98
C VAL A 58 -5.98 -6.95 -4.79
N GLU A 59 -4.73 -7.00 -5.11
CA GLU A 59 -3.95 -8.27 -4.94
C GLU A 59 -2.69 -7.93 -4.10
N PRO A 60 -2.43 -8.67 -3.06
CA PRO A 60 -1.24 -8.41 -2.20
C PRO A 60 0.05 -8.92 -2.84
N HIS A 61 0.94 -8.05 -3.19
CA HIS A 61 2.23 -8.49 -3.80
C HIS A 61 3.22 -8.77 -2.66
N ASP A 62 3.00 -8.13 -1.54
CA ASP A 62 3.89 -8.33 -0.36
C ASP A 62 3.28 -7.61 0.83
N CYS A 63 1.98 -7.66 0.96
CA CYS A 63 1.30 -6.96 2.10
C CYS A 63 1.80 -7.54 3.43
N PHE A 64 1.00 -7.48 4.46
CA PHE A 64 1.45 -8.00 5.79
C PHE A 64 0.71 -9.30 6.16
N VAL A 65 -0.60 -9.27 6.24
CA VAL A 65 -1.33 -10.52 6.62
C VAL A 65 -0.77 -11.68 5.79
N SER A 66 -1.13 -11.74 4.53
CA SER A 66 -0.62 -12.83 3.65
C SER A 66 -0.21 -12.21 2.32
N ALA A 67 0.95 -12.53 1.83
CA ALA A 67 1.39 -11.91 0.53
C ALA A 67 2.69 -12.56 0.06
N PHE A 68 3.18 -12.11 -1.07
CA PHE A 68 4.45 -12.68 -1.62
C PHE A 68 5.61 -11.81 -1.14
N ASN A 69 6.63 -12.39 -0.55
CA ASN A 69 7.77 -11.58 -0.07
C ASN A 69 8.61 -11.10 -1.24
N LEU A 70 9.69 -10.43 -0.98
CA LEU A 70 10.56 -9.93 -2.09
C LEU A 70 11.12 -11.13 -2.85
N SER A 71 11.13 -12.28 -2.24
CA SER A 71 11.65 -13.49 -2.94
C SER A 71 10.54 -14.09 -3.78
N GLY A 72 9.34 -13.55 -3.67
CA GLY A 72 8.20 -14.07 -4.47
C GLY A 72 7.61 -15.29 -3.77
N LYS A 73 7.89 -15.46 -2.50
CA LYS A 73 7.33 -16.63 -1.77
C LYS A 73 6.11 -16.19 -0.97
N ASN A 74 5.07 -16.99 -0.94
CA ASN A 74 3.84 -16.60 -0.18
C ASN A 74 3.99 -16.99 1.29
N GLU A 75 4.15 -16.03 2.16
CA GLU A 75 4.29 -16.35 3.61
C GLU A 75 3.66 -15.23 4.45
N ASN A 76 2.99 -15.60 5.52
CA ASN A 76 2.33 -14.55 6.36
C ASN A 76 3.41 -13.62 6.94
N LEU A 77 3.08 -12.38 7.16
CA LEU A 77 4.08 -11.42 7.72
C LEU A 77 3.91 -11.32 9.23
N GLU A 78 3.08 -12.14 9.81
CA GLU A 78 2.87 -12.07 11.30
C GLU A 78 4.14 -12.54 12.01
N ASN A 79 4.78 -13.57 11.53
CA ASN A 79 6.01 -14.06 12.19
C ASN A 79 7.10 -12.97 12.09
N LYS A 80 7.17 -12.30 10.97
CA LYS A 80 8.19 -11.23 10.81
C LYS A 80 7.85 -10.06 11.74
N LEU A 81 6.65 -9.57 11.68
CA LEU A 81 6.24 -8.43 12.55
C LEU A 81 4.78 -8.61 12.97
N LYS A 82 4.52 -8.68 14.24
CA LYS A 82 3.11 -8.87 14.70
C LYS A 82 2.40 -7.52 14.69
N LEU A 83 1.55 -7.29 13.72
CA LEU A 83 0.82 -6.00 13.65
C LEU A 83 -0.43 -6.06 14.54
N THR A 84 -0.99 -4.91 14.85
CA THR A 84 -2.21 -4.89 15.72
C THR A 84 -3.28 -4.02 15.06
N ASN A 85 -4.52 -4.14 15.48
CA ASN A 85 -5.60 -3.32 14.88
C ASN A 85 -5.60 -3.51 13.36
N ILE A 86 -5.63 -4.73 12.90
CA ILE A 86 -5.62 -4.99 11.43
C ILE A 86 -7.03 -4.83 10.86
N ILE A 87 -7.17 -4.04 9.82
CA ILE A 87 -8.52 -3.84 9.20
C ILE A 87 -8.44 -4.17 7.70
N MET A 88 -9.25 -5.07 7.22
CA MET A 88 -9.20 -5.42 5.77
C MET A 88 -10.59 -5.22 5.13
N ASP A 89 -10.76 -4.16 4.38
CA ASP A 89 -12.07 -3.91 3.71
C ASP A 89 -11.92 -4.13 2.20
N HIS A 90 -12.34 -5.26 1.71
CA HIS A 90 -12.20 -5.53 0.24
C HIS A 90 -13.23 -4.70 -0.55
N TYR A 91 -14.39 -4.49 -0.01
CA TYR A 91 -15.41 -3.70 -0.76
C TYR A 91 -14.89 -2.29 -1.01
N ASN A 92 -14.31 -1.66 -0.03
CA ASN A 92 -13.78 -0.29 -0.23
C ASN A 92 -12.34 -0.37 -0.74
N ASN A 93 -11.80 -1.56 -0.80
CA ASN A 93 -10.41 -1.72 -1.31
C ASN A 93 -9.44 -0.88 -0.48
N THR A 94 -9.57 -0.91 0.82
CA THR A 94 -8.65 -0.11 1.69
C THR A 94 -8.10 -1.00 2.82
N PHE A 95 -6.83 -0.86 3.12
CA PHE A 95 -6.23 -1.71 4.20
C PHE A 95 -5.52 -0.82 5.22
N TYR A 96 -5.64 -1.13 6.49
CA TYR A 96 -4.96 -0.32 7.55
C TYR A 96 -4.33 -1.25 8.58
N SER A 97 -3.22 -0.86 9.14
CA SER A 97 -2.55 -1.72 10.17
C SER A 97 -1.73 -0.84 11.12
N ARG A 98 -1.57 -1.26 12.35
CA ARG A 98 -0.79 -0.44 13.33
C ARG A 98 0.57 -1.10 13.56
N LEU A 99 1.61 -0.30 13.64
CA LEU A 99 2.96 -0.86 13.86
C LEU A 99 3.29 -0.86 15.37
N PRO A 100 3.96 -1.88 15.86
CA PRO A 100 4.34 -1.94 17.30
C PRO A 100 4.93 -0.61 17.78
N SER A 101 4.88 -0.35 19.05
CA SER A 101 5.42 0.93 19.56
C SER A 101 6.94 0.96 19.38
N LEU A 102 7.55 -0.18 19.17
CA LEU A 102 9.04 -0.23 19.00
C LEU A 102 9.40 -0.85 17.64
N ILE A 103 10.27 -0.20 16.90
CA ILE A 103 10.69 -0.75 15.59
C ILE A 103 12.17 -0.42 15.37
N SER A 104 13.00 -1.40 15.13
CA SER A 104 14.45 -1.12 14.92
C SER A 104 14.95 -1.88 13.69
N ASP A 105 14.06 -2.36 12.86
CA ASP A 105 14.48 -3.11 11.64
C ASP A 105 14.21 -2.27 10.40
N ASN A 106 14.96 -2.52 9.34
CA ASN A 106 14.76 -1.76 8.08
C ASN A 106 13.85 -2.58 7.15
N TRP A 107 12.94 -3.33 7.70
CA TRP A 107 12.05 -4.17 6.85
C TRP A 107 11.13 -3.30 5.99
N LYS A 108 10.66 -3.83 4.90
CA LYS A 108 9.76 -3.07 4.00
C LYS A 108 8.70 -4.02 3.43
N PHE A 109 7.57 -3.51 3.03
CA PHE A 109 6.52 -4.40 2.45
C PHE A 109 5.67 -3.58 1.48
N PHE A 110 4.95 -4.22 0.60
CA PHE A 110 4.14 -3.45 -0.38
C PHE A 110 2.90 -4.24 -0.84
N CYS A 111 1.94 -3.53 -1.39
CA CYS A 111 0.69 -4.17 -1.90
C CYS A 111 0.47 -3.70 -3.33
N VAL A 112 -0.26 -4.44 -4.13
CA VAL A 112 -0.46 -4.01 -5.55
C VAL A 112 -1.94 -4.02 -5.95
N CYS A 113 -2.34 -3.06 -6.74
CA CYS A 113 -3.74 -2.99 -7.23
C CYS A 113 -3.67 -3.04 -8.77
N SER A 114 -4.44 -3.88 -9.42
CA SER A 114 -4.34 -3.94 -10.90
C SER A 114 -5.45 -4.80 -11.51
N LYS A 115 -5.46 -4.89 -12.81
CA LYS A 115 -6.46 -5.71 -13.54
C LYS A 115 -5.89 -6.05 -14.92
N ASP A 116 -6.49 -6.97 -15.62
CA ASP A 116 -5.95 -7.32 -16.97
C ASP A 116 -5.92 -6.06 -17.84
N ASN A 117 -5.01 -5.98 -18.77
CA ASN A 117 -4.94 -4.78 -19.66
C ASN A 117 -5.10 -3.50 -18.82
N GLU A 118 -4.22 -3.27 -17.88
CA GLU A 118 -4.33 -2.05 -17.03
C GLU A 118 -3.00 -1.76 -16.33
N LYS A 119 -2.62 -0.52 -16.24
CA LYS A 119 -1.33 -0.18 -15.55
C LYS A 119 -1.36 -0.74 -14.13
N LYS A 120 -0.23 -1.19 -13.64
CA LYS A 120 -0.20 -1.75 -12.25
C LYS A 120 0.19 -0.67 -11.25
N LEU A 121 -0.43 -0.68 -10.09
CA LEU A 121 -0.11 0.33 -9.04
C LEU A 121 0.57 -0.36 -7.86
N VAL A 122 1.73 0.09 -7.46
CA VAL A 122 2.43 -0.56 -6.31
C VAL A 122 2.45 0.35 -5.08
N PHE A 123 2.09 -0.17 -3.95
CA PHE A 123 2.10 0.64 -2.70
C PHE A 123 3.23 0.11 -1.82
N THR A 124 4.18 0.93 -1.45
CA THR A 124 5.32 0.41 -0.61
C THR A 124 5.69 1.38 0.52
N VAL A 125 6.01 0.83 1.66
CA VAL A 125 6.44 1.67 2.83
C VAL A 125 7.65 1.02 3.46
N GLU A 126 8.45 1.77 4.19
CA GLU A 126 9.68 1.17 4.81
C GLU A 126 9.71 1.49 6.31
N ALA A 127 10.31 0.64 7.09
CA ALA A 127 10.39 0.89 8.56
C ALA A 127 11.59 0.14 9.14
N GLU A 1 -4.82 12.43 13.21
CA GLU A 1 -4.02 13.02 12.11
C GLU A 1 -4.24 12.23 10.81
N LYS A 2 -3.54 12.55 9.77
CA LYS A 2 -3.72 11.80 8.50
C LYS A 2 -3.02 10.45 8.59
N VAL A 3 -3.43 9.50 7.79
CA VAL A 3 -2.78 8.15 7.85
C VAL A 3 -1.75 8.01 6.73
N LYS A 4 -0.59 7.51 7.04
CA LYS A 4 0.44 7.35 5.97
C LYS A 4 -0.03 6.29 5.00
N GLY A 5 -0.14 6.62 3.74
CA GLY A 5 -0.60 5.61 2.75
C GLY A 5 -0.80 6.28 1.39
N CYS A 6 -0.87 5.49 0.34
CA CYS A 6 -1.05 6.08 -1.02
C CYS A 6 -2.49 5.91 -1.48
N ASP A 7 -3.07 6.94 -2.04
CA ASP A 7 -4.48 6.83 -2.51
C ASP A 7 -4.49 6.92 -4.05
N PHE A 8 -4.78 5.83 -4.71
CA PHE A 8 -4.82 5.85 -6.20
C PHE A 8 -6.21 6.27 -6.65
N THR A 9 -7.10 6.50 -5.72
CA THR A 9 -8.49 6.89 -6.08
C THR A 9 -8.67 8.41 -5.99
N THR A 10 -7.79 9.09 -5.31
CA THR A 10 -7.94 10.58 -5.20
C THR A 10 -6.62 11.22 -4.80
N SER A 11 -6.21 12.24 -5.50
CA SER A 11 -4.93 12.91 -5.16
C SER A 11 -5.06 13.53 -3.77
N GLU A 12 -6.25 13.85 -3.36
CA GLU A 12 -6.46 14.45 -2.00
C GLU A 12 -7.26 13.46 -1.16
N SER A 13 -6.61 12.75 -0.28
CA SER A 13 -7.34 11.76 0.57
C SER A 13 -7.55 12.33 1.97
N THR A 14 -8.77 12.57 2.33
CA THR A 14 -9.07 13.10 3.69
C THR A 14 -8.71 12.02 4.71
N ILE A 15 -8.18 10.92 4.24
CA ILE A 15 -7.79 9.81 5.17
C ILE A 15 -6.31 9.46 4.99
N PHE A 16 -5.78 9.60 3.81
CA PHE A 16 -4.33 9.26 3.59
C PHE A 16 -3.54 10.54 3.26
N SER A 17 -2.31 10.60 3.67
CA SER A 17 -1.48 11.81 3.41
C SER A 17 -0.94 11.80 1.98
N LYS A 18 -0.88 10.66 1.34
CA LYS A 18 -0.32 10.63 -0.04
C LYS A 18 -1.37 10.10 -1.03
N GLY A 19 -1.56 10.79 -2.12
CA GLY A 19 -2.55 10.34 -3.13
C GLY A 19 -2.11 10.80 -4.53
N TYR A 20 -2.59 10.15 -5.56
CA TYR A 20 -2.21 10.55 -6.95
C TYR A 20 -3.44 10.99 -7.72
N SER A 21 -3.27 11.84 -8.69
CA SER A 21 -4.45 12.31 -9.48
C SER A 21 -4.67 11.37 -10.68
N ILE A 22 -5.89 11.20 -11.11
CA ILE A 22 -6.14 10.29 -12.26
C ILE A 22 -5.29 10.72 -13.45
N ASN A 23 -5.02 11.99 -13.57
CA ASN A 23 -4.19 12.46 -14.72
C ASN A 23 -2.75 11.96 -14.55
N GLU A 24 -2.24 12.01 -13.35
CA GLU A 24 -0.83 11.56 -13.13
C GLU A 24 -0.65 10.11 -13.61
N ILE A 25 -1.54 9.23 -13.22
CA ILE A 25 -1.39 7.80 -13.66
C ILE A 25 -1.49 7.73 -15.18
N SER A 26 -2.44 8.42 -15.76
CA SER A 26 -2.58 8.37 -17.24
C SER A 26 -1.43 9.17 -17.88
N ASN A 27 -0.98 10.21 -17.23
CA ASN A 27 0.13 11.02 -17.81
C ASN A 27 1.32 10.11 -18.10
N LYS A 28 1.22 9.30 -19.13
CA LYS A 28 2.33 8.39 -19.48
C LYS A 28 3.58 9.21 -19.84
N SER A 29 4.27 9.72 -18.86
CA SER A 29 5.48 10.54 -19.14
C SER A 29 6.66 10.02 -18.31
N SER A 30 6.80 10.50 -17.10
CA SER A 30 7.93 10.04 -16.24
C SER A 30 7.38 9.64 -14.87
N ASN A 31 6.65 10.50 -14.23
CA ASN A 31 6.08 10.16 -12.88
C ASN A 31 5.10 8.99 -13.02
N ASN A 32 4.80 8.59 -14.23
CA ASN A 32 3.84 7.46 -14.42
C ASN A 32 4.01 6.89 -15.82
N GLN A 33 4.35 5.63 -15.92
CA GLN A 33 4.53 5.01 -17.27
C GLN A 33 3.87 3.62 -17.29
N GLN A 34 4.20 2.79 -16.34
CA GLN A 34 3.59 1.43 -16.32
C GLN A 34 3.62 0.88 -14.89
N ASP A 35 4.48 1.42 -14.06
CA ASP A 35 4.56 0.94 -12.65
C ASP A 35 4.54 2.13 -11.70
N ILE A 36 3.46 2.34 -10.99
CA ILE A 36 3.39 3.49 -10.05
C ILE A 36 3.78 3.00 -8.65
N VAL A 37 4.83 3.53 -8.10
CA VAL A 37 5.26 3.07 -6.74
C VAL A 37 5.12 4.21 -5.74
N CYS A 38 4.44 3.97 -4.65
CA CYS A 38 4.31 5.02 -3.61
C CYS A 38 5.28 4.70 -2.47
N THR A 39 6.39 5.39 -2.40
CA THR A 39 7.36 5.10 -1.31
C THR A 39 7.14 6.06 -0.15
N VAL A 40 6.85 5.54 1.01
CA VAL A 40 6.62 6.42 2.20
C VAL A 40 7.26 5.77 3.42
N LYS A 41 7.58 6.54 4.43
CA LYS A 41 8.22 5.97 5.64
C LYS A 41 7.15 5.78 6.72
N ALA A 42 7.09 4.61 7.32
CA ALA A 42 6.06 4.38 8.38
C ALA A 42 6.66 4.71 9.75
N HIS A 43 5.83 4.91 10.73
CA HIS A 43 6.35 5.24 12.08
C HIS A 43 5.54 4.48 13.15
N ALA A 44 6.16 4.16 14.26
CA ALA A 44 5.43 3.41 15.33
C ALA A 44 4.18 4.19 15.75
N ASN A 45 4.18 5.49 15.56
CA ASN A 45 2.99 6.29 15.95
C ASN A 45 2.12 6.56 14.72
N ASP A 46 2.72 6.57 13.56
CA ASP A 46 1.94 6.86 12.33
C ASP A 46 1.17 5.61 11.89
N LEU A 47 -0.08 5.76 11.55
CA LEU A 47 -0.87 4.59 11.09
C LEU A 47 -0.49 4.27 9.64
N ILE A 48 -0.57 3.02 9.24
CA ILE A 48 -0.20 2.68 7.84
C ILE A 48 -1.39 2.03 7.13
N GLY A 49 -1.56 2.33 5.87
CA GLY A 49 -2.70 1.74 5.10
C GLY A 49 -2.71 2.31 3.69
N PHE A 50 -3.73 2.05 2.92
CA PHE A 50 -3.79 2.60 1.54
C PHE A 50 -5.17 2.31 0.92
N LYS A 51 -5.43 2.87 -0.22
CA LYS A 51 -6.76 2.63 -0.87
C LYS A 51 -6.60 2.62 -2.40
N CYS A 52 -7.36 1.81 -3.08
CA CYS A 52 -7.27 1.74 -4.56
C CYS A 52 -8.68 1.98 -5.14
N PRO A 53 -8.78 2.49 -6.33
CA PRO A 53 -10.09 2.77 -6.98
C PRO A 53 -11.01 1.54 -6.96
N SER A 54 -12.29 1.76 -6.82
CA SER A 54 -13.25 0.62 -6.76
C SER A 54 -13.33 -0.08 -8.13
N ASN A 55 -12.79 0.52 -9.15
CA ASN A 55 -12.86 -0.13 -10.50
C ASN A 55 -11.62 -1.01 -10.73
N TYR A 56 -10.74 -1.09 -9.76
CA TYR A 56 -9.52 -1.92 -9.93
C TYR A 56 -9.57 -3.13 -9.00
N SER A 57 -8.73 -4.10 -9.21
CA SER A 57 -8.71 -5.30 -8.33
C SER A 57 -7.52 -5.22 -7.37
N VAL A 58 -7.74 -5.43 -6.11
CA VAL A 58 -6.61 -5.36 -5.14
C VAL A 58 -5.94 -6.74 -5.01
N GLU A 59 -4.67 -6.80 -5.30
CA GLU A 59 -3.91 -8.07 -5.19
C GLU A 59 -2.70 -7.83 -4.30
N PRO A 60 -2.48 -8.64 -3.30
CA PRO A 60 -1.31 -8.47 -2.39
C PRO A 60 -0.02 -8.98 -3.01
N HIS A 61 0.92 -8.11 -3.27
CA HIS A 61 2.21 -8.56 -3.85
C HIS A 61 3.19 -8.81 -2.71
N ASP A 62 2.97 -8.15 -1.61
CA ASP A 62 3.85 -8.34 -0.43
C ASP A 62 3.22 -7.61 0.77
N CYS A 63 1.93 -7.70 0.89
CA CYS A 63 1.23 -7.01 2.03
C CYS A 63 1.69 -7.60 3.36
N PHE A 64 0.87 -7.56 4.38
CA PHE A 64 1.29 -8.10 5.71
C PHE A 64 0.50 -9.38 6.06
N VAL A 65 -0.80 -9.31 6.13
CA VAL A 65 -1.57 -10.55 6.48
C VAL A 65 -1.03 -11.72 5.66
N SER A 66 -1.29 -11.71 4.38
CA SER A 66 -0.79 -12.81 3.50
C SER A 66 -0.34 -12.18 2.18
N ALA A 67 0.84 -12.50 1.72
CA ALA A 67 1.31 -11.89 0.44
C ALA A 67 2.62 -12.55 -0.02
N PHE A 68 3.13 -12.13 -1.14
CA PHE A 68 4.41 -12.72 -1.65
C PHE A 68 5.57 -11.85 -1.16
N ASN A 69 6.53 -12.43 -0.50
CA ASN A 69 7.67 -11.63 0.01
C ASN A 69 8.53 -11.15 -1.16
N LEU A 70 9.62 -10.49 -0.87
CA LEU A 70 10.51 -10.00 -1.97
C LEU A 70 11.06 -11.21 -2.74
N SER A 71 11.07 -12.36 -2.12
CA SER A 71 11.59 -13.58 -2.80
C SER A 71 10.49 -14.14 -3.70
N GLY A 72 9.31 -13.57 -3.62
CA GLY A 72 8.18 -14.07 -4.45
C GLY A 72 7.56 -15.30 -3.79
N LYS A 73 7.78 -15.47 -2.52
CA LYS A 73 7.20 -16.65 -1.81
C LYS A 73 6.02 -16.19 -0.95
N ASN A 74 4.98 -16.97 -0.87
CA ASN A 74 3.80 -16.55 -0.05
C ASN A 74 4.02 -16.94 1.41
N GLU A 75 4.17 -15.97 2.28
CA GLU A 75 4.39 -16.26 3.72
C GLU A 75 3.76 -15.16 4.58
N ASN A 76 3.08 -15.53 5.62
CA ASN A 76 2.44 -14.50 6.50
C ASN A 76 3.52 -13.54 7.03
N LEU A 77 3.20 -12.29 7.19
CA LEU A 77 4.21 -11.32 7.69
C LEU A 77 4.02 -11.11 9.21
N GLU A 78 3.18 -11.88 9.82
CA GLU A 78 2.94 -11.72 11.28
C GLU A 78 4.20 -12.18 12.06
N ASN A 79 4.82 -13.24 11.63
CA ASN A 79 6.04 -13.70 12.33
C ASN A 79 7.11 -12.61 12.29
N LYS A 80 7.12 -11.82 11.24
CA LYS A 80 8.12 -10.72 11.14
C LYS A 80 7.72 -9.58 12.08
N LEU A 81 6.47 -9.18 12.03
CA LEU A 81 6.00 -8.08 12.92
C LEU A 81 4.64 -8.45 13.51
N LYS A 82 4.49 -8.38 14.79
CA LYS A 82 3.17 -8.73 15.42
C LYS A 82 2.19 -7.58 15.16
N LEU A 83 1.54 -7.58 14.03
CA LEU A 83 0.57 -6.49 13.70
C LEU A 83 -0.74 -6.72 14.47
N THR A 84 -1.31 -5.67 15.00
CA THR A 84 -2.59 -5.82 15.76
C THR A 84 -3.63 -4.85 15.19
N ASN A 85 -4.88 -5.01 15.55
CA ASN A 85 -5.93 -4.10 15.03
C ASN A 85 -5.89 -4.08 13.50
N ILE A 86 -5.89 -5.23 12.89
CA ILE A 86 -5.84 -5.30 11.40
C ILE A 86 -7.24 -5.03 10.82
N ILE A 87 -7.33 -4.15 9.86
CA ILE A 87 -8.65 -3.83 9.23
C ILE A 87 -8.58 -4.14 7.73
N MET A 88 -9.41 -5.02 7.24
CA MET A 88 -9.37 -5.36 5.78
C MET A 88 -10.74 -5.09 5.15
N ASP A 89 -10.88 -4.03 4.40
CA ASP A 89 -12.19 -3.72 3.76
C ASP A 89 -12.05 -3.96 2.24
N HIS A 90 -12.50 -5.08 1.76
CA HIS A 90 -12.38 -5.36 0.30
C HIS A 90 -13.37 -4.51 -0.50
N TYR A 91 -14.54 -4.28 0.02
CA TYR A 91 -15.54 -3.46 -0.73
C TYR A 91 -14.96 -2.06 -0.98
N ASN A 92 -14.39 -1.46 0.03
CA ASN A 92 -13.82 -0.09 -0.16
C ASN A 92 -12.37 -0.23 -0.65
N ASN A 93 -11.87 -1.44 -0.72
CA ASN A 93 -10.49 -1.65 -1.20
C ASN A 93 -9.50 -0.81 -0.38
N THR A 94 -9.61 -0.84 0.92
CA THR A 94 -8.67 -0.04 1.77
C THR A 94 -8.17 -0.92 2.93
N PHE A 95 -6.91 -0.79 3.28
CA PHE A 95 -6.36 -1.61 4.39
C PHE A 95 -5.65 -0.72 5.41
N TYR A 96 -5.80 -1.00 6.68
CA TYR A 96 -5.12 -0.17 7.73
C TYR A 96 -4.49 -1.10 8.78
N SER A 97 -3.38 -0.71 9.33
CA SER A 97 -2.72 -1.56 10.38
C SER A 97 -1.92 -0.67 11.33
N ARG A 98 -1.74 -1.09 12.55
CA ARG A 98 -0.97 -0.25 13.52
C ARG A 98 0.40 -0.91 13.78
N LEU A 99 1.43 -0.11 13.84
CA LEU A 99 2.80 -0.67 14.08
C LEU A 99 3.14 -0.59 15.57
N PRO A 100 3.79 -1.59 16.11
CA PRO A 100 4.19 -1.58 17.54
C PRO A 100 4.80 -0.24 17.94
N SER A 101 5.16 -0.08 19.19
CA SER A 101 5.75 1.22 19.62
C SER A 101 7.26 1.20 19.36
N LEU A 102 7.81 0.06 19.04
CA LEU A 102 9.28 0.00 18.78
C LEU A 102 9.55 -0.60 17.40
N ILE A 103 10.40 0.05 16.62
CA ILE A 103 10.74 -0.49 15.27
C ILE A 103 12.18 -0.12 14.95
N SER A 104 13.09 -1.05 15.03
CA SER A 104 14.52 -0.73 14.74
C SER A 104 14.97 -1.49 13.49
N ASP A 105 14.09 -2.26 12.90
CA ASP A 105 14.48 -3.04 11.69
C ASP A 105 14.20 -2.20 10.43
N ASN A 106 14.92 -2.46 9.37
CA ASN A 106 14.71 -1.70 8.11
C ASN A 106 13.83 -2.52 7.17
N TRP A 107 12.93 -3.30 7.71
CA TRP A 107 12.06 -4.15 6.84
C TRP A 107 11.15 -3.27 5.99
N LYS A 108 10.65 -3.83 4.91
CA LYS A 108 9.75 -3.06 4.00
C LYS A 108 8.73 -4.03 3.39
N PHE A 109 7.61 -3.52 2.96
CA PHE A 109 6.58 -4.42 2.35
C PHE A 109 5.73 -3.61 1.37
N PHE A 110 4.99 -4.26 0.50
CA PHE A 110 4.18 -3.49 -0.48
C PHE A 110 2.94 -4.26 -0.93
N CYS A 111 1.99 -3.57 -1.51
CA CYS A 111 0.74 -4.21 -2.02
C CYS A 111 0.52 -3.74 -3.45
N VAL A 112 -0.23 -4.47 -4.24
CA VAL A 112 -0.43 -4.03 -5.66
C VAL A 112 -1.90 -4.03 -6.05
N CYS A 113 -2.30 -3.07 -6.86
CA CYS A 113 -3.69 -2.99 -7.36
C CYS A 113 -3.63 -2.99 -8.88
N SER A 114 -4.42 -3.77 -9.56
CA SER A 114 -4.32 -3.78 -11.05
C SER A 114 -5.46 -4.58 -11.69
N LYS A 115 -5.47 -4.62 -13.00
CA LYS A 115 -6.50 -5.38 -13.75
C LYS A 115 -5.89 -5.76 -15.10
N ASP A 116 -6.51 -6.68 -15.82
CA ASP A 116 -5.95 -7.06 -17.14
C ASP A 116 -5.88 -5.82 -18.04
N ASN A 117 -4.96 -5.78 -18.95
CA ASN A 117 -4.84 -4.59 -19.86
C ASN A 117 -4.92 -3.31 -19.03
N GLU A 118 -4.00 -3.10 -18.12
CA GLU A 118 -4.04 -1.86 -17.29
C GLU A 118 -2.70 -1.66 -16.58
N LYS A 119 -2.28 -0.43 -16.40
CA LYS A 119 -1.00 -0.16 -15.70
C LYS A 119 -1.08 -0.72 -14.28
N LYS A 120 0.02 -1.19 -13.74
CA LYS A 120 0.00 -1.76 -12.35
C LYS A 120 0.34 -0.68 -11.32
N LEU A 121 -0.34 -0.69 -10.20
CA LEU A 121 -0.05 0.32 -9.14
C LEU A 121 0.62 -0.37 -7.95
N VAL A 122 1.78 0.06 -7.56
CA VAL A 122 2.48 -0.59 -6.42
C VAL A 122 2.52 0.33 -5.20
N PHE A 123 2.13 -0.18 -4.05
CA PHE A 123 2.16 0.64 -2.80
C PHE A 123 3.28 0.09 -1.91
N THR A 124 4.25 0.89 -1.54
CA THR A 124 5.36 0.35 -0.71
C THR A 124 5.75 1.30 0.43
N VAL A 125 6.07 0.75 1.56
CA VAL A 125 6.51 1.58 2.73
C VAL A 125 7.74 0.90 3.35
N GLU A 126 8.55 1.63 4.08
CA GLU A 126 9.76 1.01 4.69
C GLU A 126 9.92 1.50 6.14
N ALA A 127 10.64 0.75 6.94
CA ALA A 127 10.85 1.16 8.35
C ALA A 127 11.91 0.28 8.99
N GLU A 1 -3.32 14.01 11.83
CA GLU A 1 -4.02 12.72 12.12
C GLU A 1 -4.22 11.94 10.82
N LYS A 2 -3.50 12.28 9.79
CA LYS A 2 -3.64 11.56 8.50
C LYS A 2 -2.99 10.18 8.61
N VAL A 3 -3.38 9.27 7.78
CA VAL A 3 -2.78 7.90 7.84
C VAL A 3 -1.77 7.71 6.71
N LYS A 4 -0.60 7.20 7.01
CA LYS A 4 0.40 6.99 5.95
C LYS A 4 -0.15 5.99 4.94
N GLY A 5 -0.34 6.40 3.71
CA GLY A 5 -0.90 5.47 2.70
C GLY A 5 -1.03 6.18 1.36
N CYS A 6 -1.02 5.45 0.28
CA CYS A 6 -1.15 6.08 -1.06
C CYS A 6 -2.59 5.95 -1.55
N ASP A 7 -3.15 7.03 -2.03
CA ASP A 7 -4.55 6.97 -2.53
C ASP A 7 -4.55 7.01 -4.06
N PHE A 8 -4.86 5.91 -4.69
CA PHE A 8 -4.87 5.89 -6.18
C PHE A 8 -6.26 6.31 -6.66
N THR A 9 -7.15 6.58 -5.75
CA THR A 9 -8.53 6.98 -6.14
C THR A 9 -8.70 8.50 -6.03
N THR A 10 -7.82 9.17 -5.34
CA THR A 10 -7.98 10.65 -5.20
C THR A 10 -6.63 11.29 -4.87
N SER A 11 -6.21 12.25 -5.66
CA SER A 11 -4.90 12.92 -5.40
C SER A 11 -5.02 13.71 -4.10
N GLU A 12 -6.20 14.13 -3.77
CA GLU A 12 -6.40 14.92 -2.51
C GLU A 12 -7.16 14.05 -1.50
N SER A 13 -6.49 13.07 -0.95
CA SER A 13 -7.17 12.17 0.03
C SER A 13 -7.36 12.90 1.37
N THR A 14 -8.29 12.44 2.15
CA THR A 14 -8.52 13.07 3.48
C THR A 14 -7.91 12.19 4.57
N ILE A 15 -8.19 10.92 4.52
CA ILE A 15 -7.66 9.99 5.56
C ILE A 15 -6.26 9.50 5.16
N PHE A 16 -5.87 9.71 3.93
CA PHE A 16 -4.52 9.24 3.50
C PHE A 16 -3.60 10.45 3.26
N SER A 17 -2.38 10.36 3.72
CA SER A 17 -1.43 11.50 3.55
C SER A 17 -0.94 11.61 2.11
N LYS A 18 -0.92 10.53 1.37
CA LYS A 18 -0.43 10.59 -0.04
C LYS A 18 -1.49 10.09 -1.02
N GLY A 19 -1.69 10.80 -2.08
CA GLY A 19 -2.71 10.37 -3.09
C GLY A 19 -2.21 10.74 -4.49
N TYR A 20 -2.69 10.04 -5.50
CA TYR A 20 -2.26 10.34 -6.90
C TYR A 20 -3.48 10.68 -7.76
N SER A 21 -3.30 11.45 -8.79
CA SER A 21 -4.45 11.81 -9.67
C SER A 21 -4.58 10.75 -10.76
N ILE A 22 -5.79 10.51 -11.23
CA ILE A 22 -5.97 9.50 -12.30
C ILE A 22 -5.13 9.88 -13.52
N ASN A 23 -4.92 11.14 -13.75
CA ASN A 23 -4.11 11.58 -14.91
C ASN A 23 -2.65 11.13 -14.73
N GLU A 24 -2.15 11.24 -13.54
CA GLU A 24 -0.73 10.83 -13.29
C GLU A 24 -0.57 9.33 -13.51
N ILE A 25 -1.46 8.53 -13.00
CA ILE A 25 -1.34 7.06 -13.20
C ILE A 25 -1.86 6.68 -14.58
N SER A 26 -2.56 7.56 -15.23
CA SER A 26 -3.09 7.25 -16.59
C SER A 26 -2.13 7.80 -17.65
N ASN A 27 -2.07 9.10 -17.78
CA ASN A 27 -1.15 9.70 -18.80
C ASN A 27 0.26 9.14 -18.60
N LYS A 28 0.53 8.01 -19.19
CA LYS A 28 1.89 7.40 -19.05
C LYS A 28 2.96 8.46 -19.34
N SER A 29 3.48 9.07 -18.31
CA SER A 29 4.53 10.12 -18.53
C SER A 29 5.89 9.58 -18.12
N SER A 30 6.35 9.93 -16.95
CA SER A 30 7.68 9.45 -16.47
C SER A 30 7.53 8.77 -15.11
N ASN A 31 7.29 9.54 -14.08
CA ASN A 31 7.14 8.94 -12.73
C ASN A 31 5.89 8.05 -12.70
N ASN A 32 5.35 7.73 -13.84
CA ASN A 32 4.14 6.86 -13.89
C ASN A 32 3.87 6.42 -15.33
N GLN A 33 4.56 5.41 -15.78
CA GLN A 33 4.34 4.93 -17.18
C GLN A 33 4.32 3.40 -17.21
N GLN A 34 5.12 2.77 -16.39
CA GLN A 34 5.17 1.29 -16.38
C GLN A 34 4.70 0.76 -15.03
N ASP A 35 5.17 1.35 -13.96
CA ASP A 35 4.75 0.87 -12.62
C ASP A 35 4.66 2.06 -11.65
N ILE A 36 3.53 2.25 -11.02
CA ILE A 36 3.40 3.39 -10.08
C ILE A 36 3.81 2.91 -8.69
N VAL A 37 4.78 3.54 -8.09
CA VAL A 37 5.23 3.10 -6.73
C VAL A 37 5.09 4.24 -5.72
N CYS A 38 4.40 3.99 -4.64
CA CYS A 38 4.25 5.05 -3.61
C CYS A 38 5.20 4.74 -2.46
N THR A 39 6.31 5.41 -2.38
CA THR A 39 7.28 5.14 -1.28
C THR A 39 7.04 6.10 -0.12
N VAL A 40 6.74 5.57 1.05
CA VAL A 40 6.50 6.44 2.23
C VAL A 40 7.14 5.80 3.46
N LYS A 41 7.46 6.58 4.46
CA LYS A 41 8.08 6.00 5.68
C LYS A 41 7.01 5.83 6.76
N ALA A 42 6.96 4.68 7.38
CA ALA A 42 5.94 4.45 8.44
C ALA A 42 6.56 4.69 9.81
N HIS A 43 5.75 4.96 10.80
CA HIS A 43 6.31 5.22 12.17
C HIS A 43 5.49 4.43 13.20
N ALA A 44 6.10 4.10 14.31
CA ALA A 44 5.37 3.33 15.36
C ALA A 44 4.08 4.05 15.74
N ASN A 45 4.03 5.35 15.55
CA ASN A 45 2.80 6.11 15.91
C ASN A 45 1.98 6.36 14.64
N ASP A 46 2.61 6.39 13.51
CA ASP A 46 1.87 6.66 12.24
C ASP A 46 1.09 5.42 11.82
N LEU A 47 -0.15 5.58 11.44
CA LEU A 47 -0.95 4.40 11.01
C LEU A 47 -0.51 4.00 9.60
N ILE A 48 -0.56 2.73 9.28
CA ILE A 48 -0.13 2.30 7.91
C ILE A 48 -1.32 1.68 7.17
N GLY A 49 -1.48 2.02 5.93
CA GLY A 49 -2.62 1.46 5.14
C GLY A 49 -2.63 2.09 3.74
N PHE A 50 -3.61 1.75 2.93
CA PHE A 50 -3.67 2.35 1.56
C PHE A 50 -5.05 2.13 0.96
N LYS A 51 -5.34 2.77 -0.15
CA LYS A 51 -6.67 2.59 -0.78
C LYS A 51 -6.53 2.61 -2.30
N CYS A 52 -7.30 1.81 -2.99
CA CYS A 52 -7.24 1.77 -4.48
C CYS A 52 -8.67 1.99 -5.02
N PRO A 53 -8.80 2.53 -6.21
CA PRO A 53 -10.13 2.78 -6.82
C PRO A 53 -11.02 1.54 -6.82
N SER A 54 -12.31 1.72 -6.73
CA SER A 54 -13.24 0.55 -6.70
C SER A 54 -13.32 -0.12 -8.08
N ASN A 55 -12.78 0.50 -9.09
CA ASN A 55 -12.84 -0.12 -10.45
C ASN A 55 -11.61 -0.99 -10.69
N TYR A 56 -10.74 -1.08 -9.73
CA TYR A 56 -9.51 -1.92 -9.90
C TYR A 56 -9.58 -3.15 -9.01
N SER A 57 -8.73 -4.12 -9.24
CA SER A 57 -8.74 -5.34 -8.39
C SER A 57 -7.57 -5.28 -7.40
N VAL A 58 -7.81 -5.57 -6.15
CA VAL A 58 -6.70 -5.50 -5.15
C VAL A 58 -6.01 -6.87 -5.04
N GLU A 59 -4.73 -6.89 -5.26
CA GLU A 59 -3.96 -8.16 -5.14
C GLU A 59 -2.73 -7.89 -4.26
N PRO A 60 -2.49 -8.69 -3.26
CA PRO A 60 -1.32 -8.49 -2.35
C PRO A 60 -0.03 -8.98 -2.99
N HIS A 61 0.88 -8.08 -3.28
CA HIS A 61 2.18 -8.51 -3.87
C HIS A 61 3.17 -8.75 -2.73
N ASP A 62 2.95 -8.09 -1.63
CA ASP A 62 3.85 -8.26 -0.45
C ASP A 62 3.21 -7.57 0.75
N CYS A 63 1.91 -7.63 0.85
CA CYS A 63 1.20 -6.97 1.98
C CYS A 63 1.69 -7.55 3.32
N PHE A 64 0.89 -7.47 4.35
CA PHE A 64 1.34 -8.01 5.68
C PHE A 64 0.54 -9.26 6.07
N VAL A 65 -0.77 -9.18 6.15
CA VAL A 65 -1.55 -10.39 6.55
C VAL A 65 -1.05 -11.60 5.76
N SER A 66 -1.05 -11.49 4.46
CA SER A 66 -0.57 -12.61 3.62
C SER A 66 -0.17 -12.06 2.26
N ALA A 67 1.01 -12.37 1.78
CA ALA A 67 1.42 -11.82 0.46
C ALA A 67 2.75 -12.45 0.01
N PHE A 68 3.24 -12.05 -1.13
CA PHE A 68 4.51 -12.61 -1.64
C PHE A 68 5.67 -11.70 -1.18
N ASN A 69 6.63 -12.24 -0.49
CA ASN A 69 7.76 -11.40 -0.01
C ASN A 69 8.63 -10.98 -1.20
N LEU A 70 9.74 -10.34 -0.93
CA LEU A 70 10.63 -9.90 -2.04
C LEU A 70 11.16 -11.13 -2.78
N SER A 71 11.15 -12.27 -2.13
CA SER A 71 11.64 -13.50 -2.78
C SER A 71 10.52 -14.09 -3.65
N GLY A 72 9.34 -13.52 -3.56
CA GLY A 72 8.20 -14.02 -4.37
C GLY A 72 7.58 -15.24 -3.68
N LYS A 73 7.82 -15.40 -2.41
CA LYS A 73 7.25 -16.57 -1.68
C LYS A 73 6.05 -16.09 -0.85
N ASN A 74 4.99 -16.87 -0.82
CA ASN A 74 3.80 -16.45 -0.04
C ASN A 74 3.97 -16.84 1.44
N GLU A 75 4.17 -15.88 2.29
CA GLU A 75 4.35 -16.18 3.73
C GLU A 75 3.72 -15.08 4.59
N ASN A 76 3.05 -15.43 5.64
CA ASN A 76 2.41 -14.40 6.50
C ASN A 76 3.49 -13.45 7.04
N LEU A 77 3.16 -12.20 7.19
CA LEU A 77 4.17 -11.21 7.70
C LEU A 77 3.99 -11.01 9.21
N GLU A 78 3.14 -11.78 9.83
CA GLU A 78 2.91 -11.61 11.29
C GLU A 78 4.14 -12.08 12.07
N ASN A 79 4.78 -13.13 11.63
CA ASN A 79 5.99 -13.62 12.34
C ASN A 79 7.08 -12.54 12.30
N LYS A 80 7.12 -11.78 11.24
CA LYS A 80 8.14 -10.70 11.14
C LYS A 80 7.77 -9.56 12.08
N LEU A 81 6.56 -9.10 12.02
CA LEU A 81 6.12 -7.99 12.91
C LEU A 81 4.71 -8.27 13.42
N LYS A 82 4.50 -8.20 14.71
CA LYS A 82 3.14 -8.48 15.25
C LYS A 82 2.25 -7.25 15.05
N LEU A 83 1.60 -7.15 13.93
CA LEU A 83 0.71 -5.98 13.66
C LEU A 83 -0.56 -6.08 14.51
N THR A 84 -1.13 -4.96 14.85
CA THR A 84 -2.39 -4.98 15.67
C THR A 84 -3.46 -4.13 14.99
N ASN A 85 -4.69 -4.29 15.38
CA ASN A 85 -5.78 -3.47 14.75
C ASN A 85 -5.77 -3.70 13.23
N ILE A 86 -5.82 -4.93 12.81
CA ILE A 86 -5.81 -5.22 11.34
C ILE A 86 -7.21 -5.00 10.75
N ILE A 87 -7.32 -4.18 9.74
CA ILE A 87 -8.65 -3.92 9.11
C ILE A 87 -8.57 -4.25 7.62
N MET A 88 -9.40 -5.14 7.15
CA MET A 88 -9.36 -5.50 5.69
C MET A 88 -10.74 -5.27 5.06
N ASP A 89 -10.90 -4.20 4.33
CA ASP A 89 -12.21 -3.91 3.67
C ASP A 89 -12.06 -4.07 2.16
N HIS A 90 -12.50 -5.18 1.62
CA HIS A 90 -12.38 -5.40 0.15
C HIS A 90 -13.37 -4.52 -0.62
N TYR A 91 -14.54 -4.31 -0.08
CA TYR A 91 -15.54 -3.47 -0.80
C TYR A 91 -14.98 -2.07 -1.01
N ASN A 92 -14.39 -1.49 0.01
CA ASN A 92 -13.83 -0.12 -0.15
C ASN A 92 -12.36 -0.24 -0.60
N ASN A 93 -11.87 -1.44 -0.68
CA ASN A 93 -10.45 -1.64 -1.13
C ASN A 93 -9.51 -0.80 -0.27
N THR A 94 -9.64 -0.86 1.03
CA THR A 94 -8.73 -0.07 1.92
C THR A 94 -8.23 -0.97 3.05
N PHE A 95 -6.96 -0.86 3.38
CA PHE A 95 -6.40 -1.72 4.47
C PHE A 95 -5.67 -0.84 5.49
N TYR A 96 -5.80 -1.14 6.76
CA TYR A 96 -5.10 -0.34 7.81
C TYR A 96 -4.50 -1.27 8.87
N SER A 97 -3.41 -0.90 9.47
CA SER A 97 -2.79 -1.76 10.51
C SER A 97 -2.01 -0.88 11.49
N ARG A 98 -1.83 -1.34 12.71
CA ARG A 98 -1.06 -0.53 13.70
C ARG A 98 0.35 -1.09 13.85
N LEU A 99 1.35 -0.23 13.88
CA LEU A 99 2.75 -0.70 14.01
C LEU A 99 3.12 -0.79 15.50
N PRO A 100 3.79 -1.84 15.92
CA PRO A 100 4.23 -1.98 17.33
C PRO A 100 4.85 -0.69 17.86
N SER A 101 5.21 -0.64 19.11
CA SER A 101 5.82 0.59 19.66
C SER A 101 7.32 0.62 19.39
N LEU A 102 7.89 -0.51 19.01
CA LEU A 102 9.35 -0.56 18.75
C LEU A 102 9.63 -1.00 17.31
N ILE A 103 10.45 -0.28 16.60
CA ILE A 103 10.79 -0.67 15.20
C ILE A 103 12.22 -0.21 14.89
N SER A 104 13.17 -1.10 14.89
CA SER A 104 14.58 -0.70 14.61
C SER A 104 15.08 -1.45 13.38
N ASP A 105 14.24 -2.23 12.74
CA ASP A 105 14.69 -2.99 11.55
C ASP A 105 14.37 -2.19 10.28
N ASN A 106 15.06 -2.49 9.21
CA ASN A 106 14.80 -1.78 7.92
C ASN A 106 13.83 -2.59 7.06
N TRP A 107 12.92 -3.27 7.69
CA TRP A 107 11.96 -4.12 6.91
C TRP A 107 11.07 -3.26 6.02
N LYS A 108 10.58 -3.82 4.95
CA LYS A 108 9.72 -3.06 4.01
C LYS A 108 8.66 -4.01 3.43
N PHE A 109 7.54 -3.50 3.00
CA PHE A 109 6.50 -4.39 2.41
C PHE A 109 5.65 -3.57 1.43
N PHE A 110 4.91 -4.21 0.56
CA PHE A 110 4.08 -3.42 -0.40
C PHE A 110 2.85 -4.20 -0.86
N CYS A 111 1.89 -3.50 -1.40
CA CYS A 111 0.65 -4.14 -1.92
C CYS A 111 0.44 -3.68 -3.37
N VAL A 112 -0.30 -4.42 -4.17
CA VAL A 112 -0.49 -4.00 -5.59
C VAL A 112 -1.96 -4.00 -5.99
N CYS A 113 -2.35 -3.03 -6.78
CA CYS A 113 -3.75 -2.95 -7.30
C CYS A 113 -3.67 -2.94 -8.83
N SER A 114 -4.44 -3.74 -9.52
CA SER A 114 -4.32 -3.73 -11.00
C SER A 114 -5.44 -4.56 -11.66
N LYS A 115 -5.43 -4.59 -12.97
CA LYS A 115 -6.44 -5.36 -13.75
C LYS A 115 -5.80 -5.74 -15.09
N ASP A 116 -6.38 -6.67 -15.81
CA ASP A 116 -5.79 -7.04 -17.12
C ASP A 116 -5.72 -5.80 -18.01
N ASN A 117 -4.79 -5.77 -18.94
CA ASN A 117 -4.68 -4.59 -19.84
C ASN A 117 -4.80 -3.30 -19.02
N GLU A 118 -3.92 -3.08 -18.08
CA GLU A 118 -4.00 -1.83 -17.26
C GLU A 118 -2.69 -1.62 -16.49
N LYS A 119 -2.30 -0.37 -16.30
CA LYS A 119 -1.04 -0.09 -15.56
C LYS A 119 -1.19 -0.59 -14.11
N LYS A 120 -0.18 -1.24 -13.59
CA LYS A 120 -0.27 -1.76 -12.19
C LYS A 120 0.12 -0.66 -11.19
N LEU A 121 -0.51 -0.66 -10.03
CA LEU A 121 -0.17 0.37 -9.00
C LEU A 121 0.52 -0.31 -7.82
N VAL A 122 1.70 0.13 -7.47
CA VAL A 122 2.42 -0.53 -6.32
C VAL A 122 2.46 0.41 -5.11
N PHE A 123 2.08 -0.10 -3.97
CA PHE A 123 2.11 0.71 -2.71
C PHE A 123 3.22 0.15 -1.82
N THR A 124 4.18 0.96 -1.43
CA THR A 124 5.29 0.42 -0.58
C THR A 124 5.67 1.37 0.55
N VAL A 125 6.00 0.80 1.69
CA VAL A 125 6.42 1.63 2.86
C VAL A 125 7.68 0.97 3.48
N GLU A 126 8.48 1.71 4.18
CA GLU A 126 9.71 1.11 4.79
C GLU A 126 9.86 1.57 6.24
N ALA A 127 10.55 0.79 7.04
CA ALA A 127 10.75 1.17 8.46
C ALA A 127 11.89 0.35 9.05
N GLU A 1 -2.90 13.75 12.27
CA GLU A 1 -3.87 12.63 12.45
C GLU A 1 -4.14 11.97 11.10
N LYS A 2 -3.45 12.39 10.08
CA LYS A 2 -3.67 11.78 8.73
C LYS A 2 -3.00 10.41 8.68
N VAL A 3 -3.61 9.46 8.02
CA VAL A 3 -3.03 8.10 7.93
C VAL A 3 -1.95 8.06 6.86
N LYS A 4 -0.80 7.50 7.15
CA LYS A 4 0.27 7.42 6.12
C LYS A 4 -0.10 6.35 5.10
N GLY A 5 -0.14 6.69 3.84
CA GLY A 5 -0.50 5.70 2.81
C GLY A 5 -0.61 6.37 1.45
N CYS A 6 -0.91 5.61 0.43
CA CYS A 6 -1.04 6.21 -0.93
C CYS A 6 -2.48 6.04 -1.42
N ASP A 7 -3.06 7.09 -1.93
CA ASP A 7 -4.46 7.01 -2.42
C ASP A 7 -4.47 7.08 -3.95
N PHE A 8 -4.76 5.99 -4.61
CA PHE A 8 -4.79 5.98 -6.10
C PHE A 8 -6.20 6.38 -6.56
N THR A 9 -7.09 6.62 -5.63
CA THR A 9 -8.48 6.98 -6.02
C THR A 9 -8.70 8.48 -5.89
N THR A 10 -7.86 9.17 -5.17
CA THR A 10 -8.07 10.64 -5.01
C THR A 10 -6.73 11.32 -4.67
N SER A 11 -6.35 12.31 -5.43
CA SER A 11 -5.07 13.02 -5.13
C SER A 11 -5.23 13.78 -3.81
N GLU A 12 -6.44 14.12 -3.47
CA GLU A 12 -6.69 14.85 -2.19
C GLU A 12 -7.50 13.96 -1.25
N SER A 13 -6.87 12.97 -0.67
CA SER A 13 -7.63 12.05 0.23
C SER A 13 -7.96 12.76 1.53
N THR A 14 -9.03 12.34 2.18
CA THR A 14 -9.42 12.97 3.47
C THR A 14 -8.97 12.04 4.60
N ILE A 15 -8.35 10.95 4.26
CA ILE A 15 -7.87 9.99 5.30
C ILE A 15 -6.38 9.72 5.12
N PHE A 16 -5.85 9.90 3.93
CA PHE A 16 -4.40 9.63 3.69
C PHE A 16 -3.66 10.95 3.42
N SER A 17 -2.47 11.07 3.95
CA SER A 17 -1.69 12.33 3.75
C SER A 17 -1.17 12.44 2.31
N LYS A 18 -1.12 11.35 1.59
CA LYS A 18 -0.60 11.41 0.18
C LYS A 18 -1.55 10.70 -0.79
N GLY A 19 -1.70 11.23 -1.97
CA GLY A 19 -2.59 10.58 -2.96
C GLY A 19 -2.11 10.92 -4.38
N TYR A 20 -2.50 10.14 -5.36
CA TYR A 20 -2.08 10.42 -6.76
C TYR A 20 -3.31 10.69 -7.62
N SER A 21 -3.14 11.39 -8.72
CA SER A 21 -4.29 11.68 -9.61
C SER A 21 -4.31 10.66 -10.75
N ILE A 22 -5.45 10.47 -11.37
CA ILE A 22 -5.52 9.48 -12.47
C ILE A 22 -4.58 9.90 -13.60
N ASN A 23 -4.24 11.16 -13.67
CA ASN A 23 -3.32 11.62 -14.75
C ASN A 23 -1.87 11.30 -14.37
N GLU A 24 -1.45 11.70 -13.20
CA GLU A 24 -0.05 11.43 -12.78
C GLU A 24 0.27 9.95 -12.95
N ILE A 25 -0.66 9.08 -12.68
CA ILE A 25 -0.39 7.62 -12.84
C ILE A 25 -0.40 7.25 -14.32
N SER A 26 -0.89 8.13 -15.16
CA SER A 26 -0.92 7.81 -16.62
C SER A 26 0.18 8.59 -17.33
N ASN A 27 0.56 9.72 -16.79
CA ASN A 27 1.64 10.53 -17.45
C ASN A 27 2.78 9.61 -17.90
N LYS A 28 2.59 8.92 -18.99
CA LYS A 28 3.64 7.99 -19.49
C LYS A 28 4.96 8.74 -19.63
N SER A 29 5.72 8.84 -18.58
CA SER A 29 7.03 9.54 -18.66
C SER A 29 8.06 8.82 -17.78
N SER A 30 8.06 9.11 -16.51
CA SER A 30 9.03 8.45 -15.60
C SER A 30 8.65 6.97 -15.44
N ASN A 31 9.39 6.23 -14.65
CA ASN A 31 9.08 4.79 -14.46
C ASN A 31 7.59 4.64 -14.09
N ASN A 32 6.96 5.70 -13.67
CA ASN A 32 5.53 5.62 -13.30
C ASN A 32 4.70 5.30 -14.55
N GLN A 33 5.35 5.07 -15.66
CA GLN A 33 4.59 4.76 -16.90
C GLN A 33 4.39 3.24 -17.01
N GLN A 34 5.07 2.48 -16.20
CA GLN A 34 4.92 0.99 -16.26
C GLN A 34 4.49 0.47 -14.88
N ASP A 35 4.97 1.08 -13.84
CA ASP A 35 4.60 0.62 -12.46
C ASP A 35 4.57 1.80 -11.52
N ILE A 36 3.41 2.13 -10.99
CA ILE A 36 3.33 3.29 -10.04
C ILE A 36 3.76 2.82 -8.67
N VAL A 37 4.74 3.46 -8.08
CA VAL A 37 5.22 3.04 -6.73
C VAL A 37 5.09 4.19 -5.74
N CYS A 38 4.43 3.96 -4.64
CA CYS A 38 4.29 5.03 -3.62
C CYS A 38 5.28 4.75 -2.49
N THR A 39 6.40 5.41 -2.47
CA THR A 39 7.40 5.17 -1.40
C THR A 39 7.18 6.16 -0.26
N VAL A 40 6.90 5.65 0.92
CA VAL A 40 6.70 6.56 2.08
C VAL A 40 7.30 5.93 3.33
N LYS A 41 7.69 6.72 4.29
CA LYS A 41 8.27 6.14 5.53
C LYS A 41 7.17 6.01 6.59
N ALA A 42 7.10 4.89 7.24
CA ALA A 42 6.03 4.68 8.27
C ALA A 42 6.67 4.67 9.66
N HIS A 43 6.21 5.53 10.54
CA HIS A 43 6.78 5.56 11.92
C HIS A 43 6.04 4.55 12.80
N ALA A 44 6.72 3.98 13.75
CA ALA A 44 6.06 2.97 14.64
C ALA A 44 4.74 3.54 15.18
N ASN A 45 4.69 4.81 15.43
CA ASN A 45 3.44 5.42 15.96
C ASN A 45 2.55 5.86 14.79
N ASP A 46 3.12 5.98 13.63
CA ASP A 46 2.31 6.42 12.45
C ASP A 46 1.43 5.27 11.96
N LEU A 47 0.19 5.54 11.64
CA LEU A 47 -0.70 4.46 11.14
C LEU A 47 -0.35 4.18 9.68
N ILE A 48 -0.44 2.95 9.24
CA ILE A 48 -0.10 2.63 7.82
C ILE A 48 -1.32 2.00 7.12
N GLY A 49 -1.50 2.33 5.87
CA GLY A 49 -2.66 1.75 5.11
C GLY A 49 -2.65 2.31 3.69
N PHE A 50 -3.66 2.01 2.91
CA PHE A 50 -3.71 2.53 1.52
C PHE A 50 -5.07 2.25 0.90
N LYS A 51 -5.36 2.81 -0.24
CA LYS A 51 -6.68 2.58 -0.89
C LYS A 51 -6.52 2.58 -2.41
N CYS A 52 -7.26 1.76 -3.11
CA CYS A 52 -7.18 1.70 -4.58
C CYS A 52 -8.57 1.92 -5.17
N PRO A 53 -8.67 2.41 -6.37
CA PRO A 53 -9.98 2.68 -7.03
C PRO A 53 -10.89 1.45 -7.00
N SER A 54 -12.17 1.67 -6.86
CA SER A 54 -13.13 0.53 -6.80
C SER A 54 -13.21 -0.19 -8.16
N ASN A 55 -12.71 0.41 -9.19
CA ASN A 55 -12.78 -0.24 -10.54
C ASN A 55 -11.54 -1.12 -10.76
N TYR A 56 -10.67 -1.20 -9.79
CA TYR A 56 -9.44 -2.05 -9.95
C TYR A 56 -9.52 -3.26 -9.03
N SER A 57 -8.68 -4.24 -9.25
CA SER A 57 -8.69 -5.45 -8.38
C SER A 57 -7.52 -5.36 -7.39
N VAL A 58 -7.77 -5.62 -6.13
CA VAL A 58 -6.67 -5.54 -5.13
C VAL A 58 -5.97 -6.89 -5.00
N GLU A 59 -4.69 -6.91 -5.28
CA GLU A 59 -3.91 -8.18 -5.15
C GLU A 59 -2.68 -7.89 -4.28
N PRO A 60 -2.44 -8.67 -3.25
CA PRO A 60 -1.27 -8.46 -2.36
C PRO A 60 0.02 -8.97 -2.98
N HIS A 61 0.94 -8.09 -3.28
CA HIS A 61 2.23 -8.54 -3.87
C HIS A 61 3.21 -8.78 -2.71
N ASP A 62 2.99 -8.11 -1.61
CA ASP A 62 3.88 -8.29 -0.44
C ASP A 62 3.26 -7.55 0.74
N CYS A 63 1.95 -7.57 0.84
CA CYS A 63 1.25 -6.86 1.96
C CYS A 63 1.77 -7.39 3.30
N PHE A 64 0.99 -7.28 4.35
CA PHE A 64 1.47 -7.77 5.68
C PHE A 64 0.72 -9.05 6.10
N VAL A 65 -0.58 -9.03 6.17
CA VAL A 65 -1.32 -10.26 6.59
C VAL A 65 -0.73 -11.46 5.82
N SER A 66 -1.04 -11.56 4.56
CA SER A 66 -0.50 -12.69 3.74
C SER A 66 -0.14 -12.13 2.36
N ALA A 67 1.05 -12.42 1.89
CA ALA A 67 1.44 -11.87 0.55
C ALA A 67 2.77 -12.48 0.10
N PHE A 68 3.25 -12.06 -1.04
CA PHE A 68 4.54 -12.61 -1.56
C PHE A 68 5.67 -11.68 -1.12
N ASN A 69 6.70 -12.21 -0.53
CA ASN A 69 7.83 -11.34 -0.07
C ASN A 69 8.68 -10.93 -1.27
N LEU A 70 9.77 -10.25 -1.02
CA LEU A 70 10.65 -9.83 -2.14
C LEU A 70 11.21 -11.06 -2.85
N SER A 71 11.20 -12.19 -2.18
CA SER A 71 11.72 -13.43 -2.80
C SER A 71 10.61 -14.05 -3.65
N GLY A 72 9.42 -13.51 -3.57
CA GLY A 72 8.29 -14.06 -4.36
C GLY A 72 7.70 -15.26 -3.64
N LYS A 73 7.96 -15.39 -2.36
CA LYS A 73 7.41 -16.55 -1.59
C LYS A 73 6.19 -16.08 -0.79
N ASN A 74 5.14 -16.87 -0.78
CA ASN A 74 3.92 -16.46 -0.03
C ASN A 74 4.05 -16.87 1.45
N GLU A 75 4.14 -15.91 2.33
CA GLU A 75 4.27 -16.24 3.78
C GLU A 75 3.64 -15.12 4.63
N ASN A 76 2.98 -15.49 5.70
CA ASN A 76 2.33 -14.45 6.55
C ASN A 76 3.41 -13.51 7.10
N LEU A 77 3.09 -12.26 7.28
CA LEU A 77 4.09 -11.30 7.82
C LEU A 77 3.86 -11.08 9.32
N GLU A 78 2.95 -11.81 9.91
CA GLU A 78 2.68 -11.63 11.36
C GLU A 78 3.80 -12.26 12.19
N ASN A 79 4.29 -13.40 11.77
CA ASN A 79 5.38 -14.05 12.54
C ASN A 79 6.58 -13.11 12.63
N LYS A 80 6.59 -12.08 11.82
CA LYS A 80 7.73 -11.11 11.85
C LYS A 80 7.26 -9.80 12.50
N LEU A 81 6.03 -9.43 12.27
CA LEU A 81 5.50 -8.16 12.86
C LEU A 81 4.24 -8.47 13.67
N LYS A 82 4.17 -8.02 14.89
CA LYS A 82 2.96 -8.28 15.71
C LYS A 82 1.81 -7.41 15.20
N LEU A 83 1.12 -7.85 14.18
CA LEU A 83 0.00 -7.05 13.62
C LEU A 83 -1.17 -7.02 14.60
N THR A 84 -1.68 -5.85 14.89
CA THR A 84 -2.82 -5.75 15.85
C THR A 84 -3.88 -4.81 15.26
N ASN A 85 -5.12 -5.02 15.60
CA ASN A 85 -6.20 -4.13 15.07
C ASN A 85 -6.12 -4.07 13.55
N ILE A 86 -6.05 -5.21 12.91
CA ILE A 86 -5.96 -5.23 11.43
C ILE A 86 -7.34 -4.98 10.80
N ILE A 87 -7.41 -4.07 9.87
CA ILE A 87 -8.72 -3.77 9.21
C ILE A 87 -8.60 -4.09 7.71
N MET A 88 -9.41 -4.99 7.21
CA MET A 88 -9.34 -5.34 5.77
C MET A 88 -10.72 -5.17 5.12
N ASP A 89 -10.88 -4.15 4.31
CA ASP A 89 -12.19 -3.93 3.63
C ASP A 89 -12.01 -4.11 2.13
N HIS A 90 -12.42 -5.24 1.60
CA HIS A 90 -12.28 -5.48 0.14
C HIS A 90 -13.26 -4.62 -0.66
N TYR A 91 -14.44 -4.41 -0.14
CA TYR A 91 -15.45 -3.60 -0.89
C TYR A 91 -14.89 -2.18 -1.09
N ASN A 92 -14.32 -1.60 -0.07
CA ASN A 92 -13.75 -0.23 -0.22
C ASN A 92 -12.29 -0.33 -0.68
N ASN A 93 -11.78 -1.53 -0.74
CA ASN A 93 -10.37 -1.72 -1.21
C ASN A 93 -9.42 -0.87 -0.38
N THR A 94 -9.55 -0.91 0.93
CA THR A 94 -8.63 -0.11 1.79
C THR A 94 -8.08 -0.99 2.92
N PHE A 95 -6.82 -0.87 3.22
CA PHE A 95 -6.21 -1.73 4.30
C PHE A 95 -5.49 -0.84 5.31
N TYR A 96 -5.62 -1.14 6.59
CA TYR A 96 -4.93 -0.32 7.63
C TYR A 96 -4.29 -1.26 8.66
N SER A 97 -3.17 -0.87 9.22
CA SER A 97 -2.51 -1.73 10.24
C SER A 97 -1.73 -0.84 11.22
N ARG A 98 -1.57 -1.26 12.44
CA ARG A 98 -0.83 -0.42 13.43
C ARG A 98 0.59 -0.98 13.61
N LEU A 99 1.58 -0.12 13.60
CA LEU A 99 2.98 -0.58 13.76
C LEU A 99 3.37 -0.52 15.25
N PRO A 100 4.09 -1.50 15.75
CA PRO A 100 4.54 -1.50 17.17
C PRO A 100 5.13 -0.14 17.55
N SER A 101 5.26 0.12 18.82
CA SER A 101 5.81 1.44 19.25
C SER A 101 7.33 1.45 19.05
N LEU A 102 7.92 0.30 18.76
CA LEU A 102 9.39 0.25 18.58
C LEU A 102 9.74 -0.61 17.35
N ILE A 103 10.56 -0.10 16.47
CA ILE A 103 10.96 -0.88 15.26
C ILE A 103 12.41 -0.52 14.91
N SER A 104 13.33 -1.40 15.15
CA SER A 104 14.76 -1.11 14.82
C SER A 104 15.14 -1.79 13.51
N ASP A 105 14.24 -2.53 12.93
CA ASP A 105 14.57 -3.22 11.65
C ASP A 105 14.24 -2.31 10.47
N ASN A 106 14.87 -2.54 9.35
CA ASN A 106 14.61 -1.69 8.14
C ASN A 106 13.76 -2.49 7.15
N TRP A 107 12.89 -3.33 7.63
CA TRP A 107 12.07 -4.16 6.71
C TRP A 107 11.12 -3.29 5.90
N LYS A 108 10.61 -3.81 4.81
CA LYS A 108 9.68 -3.04 3.95
C LYS A 108 8.61 -3.99 3.40
N PHE A 109 7.51 -3.47 2.95
CA PHE A 109 6.45 -4.35 2.39
C PHE A 109 5.60 -3.54 1.41
N PHE A 110 4.87 -4.19 0.52
CA PHE A 110 4.06 -3.41 -0.46
C PHE A 110 2.83 -4.19 -0.91
N CYS A 111 1.86 -3.47 -1.43
CA CYS A 111 0.60 -4.12 -1.93
C CYS A 111 0.41 -3.69 -3.39
N VAL A 112 -0.32 -4.44 -4.17
CA VAL A 112 -0.50 -4.05 -5.60
C VAL A 112 -1.97 -4.09 -6.02
N CYS A 113 -2.36 -3.16 -6.87
CA CYS A 113 -3.75 -3.11 -7.39
C CYS A 113 -3.66 -3.12 -8.92
N SER A 114 -4.41 -3.94 -9.60
CA SER A 114 -4.29 -3.95 -11.09
C SER A 114 -5.44 -4.72 -11.75
N LYS A 115 -5.42 -4.75 -13.06
CA LYS A 115 -6.46 -5.48 -13.84
C LYS A 115 -5.85 -5.84 -15.20
N ASP A 116 -6.47 -6.74 -15.92
CA ASP A 116 -5.91 -7.11 -17.26
C ASP A 116 -5.82 -5.86 -18.13
N ASN A 117 -4.90 -5.81 -19.04
CA ASN A 117 -4.76 -4.62 -19.94
C ASN A 117 -4.89 -3.34 -19.09
N GLU A 118 -4.01 -3.13 -18.15
CA GLU A 118 -4.09 -1.90 -17.30
C GLU A 118 -2.77 -1.68 -16.56
N LYS A 119 -2.38 -0.45 -16.38
CA LYS A 119 -1.10 -0.17 -15.65
C LYS A 119 -1.24 -0.68 -14.20
N LYS A 120 -0.22 -1.32 -13.69
CA LYS A 120 -0.29 -1.84 -12.29
C LYS A 120 0.09 -0.75 -11.29
N LEU A 121 -0.55 -0.75 -10.15
CA LEU A 121 -0.23 0.28 -9.10
C LEU A 121 0.46 -0.39 -7.92
N VAL A 122 1.64 0.05 -7.55
CA VAL A 122 2.36 -0.58 -6.41
C VAL A 122 2.41 0.36 -5.21
N PHE A 123 2.04 -0.14 -4.06
CA PHE A 123 2.08 0.69 -2.81
C PHE A 123 3.20 0.15 -1.92
N THR A 124 4.16 0.97 -1.55
CA THR A 124 5.28 0.45 -0.71
C THR A 124 5.66 1.42 0.41
N VAL A 125 5.99 0.89 1.55
CA VAL A 125 6.43 1.73 2.70
C VAL A 125 7.66 1.07 3.34
N GLU A 126 8.46 1.82 4.06
CA GLU A 126 9.68 1.22 4.69
C GLU A 126 9.66 1.46 6.21
N ALA A 127 10.16 0.51 6.96
CA ALA A 127 10.20 0.67 8.43
C ALA A 127 11.50 0.09 8.98
N GLU A 1 -4.88 11.93 13.78
CA GLU A 1 -3.95 12.48 12.75
C GLU A 1 -4.19 11.79 11.42
N LYS A 2 -3.49 12.18 10.39
CA LYS A 2 -3.68 11.54 9.07
C LYS A 2 -2.97 10.18 9.07
N VAL A 3 -3.30 9.32 8.13
CA VAL A 3 -2.67 7.97 8.08
C VAL A 3 -1.66 7.91 6.94
N LYS A 4 -0.49 7.38 7.19
CA LYS A 4 0.51 7.29 6.09
C LYS A 4 0.05 6.23 5.09
N GLY A 5 -0.09 6.60 3.84
CA GLY A 5 -0.55 5.60 2.83
C GLY A 5 -0.73 6.30 1.49
N CYS A 6 -0.84 5.53 0.44
CA CYS A 6 -1.01 6.14 -0.92
C CYS A 6 -2.45 5.91 -1.39
N ASP A 7 -3.05 6.90 -1.99
CA ASP A 7 -4.44 6.75 -2.49
C ASP A 7 -4.45 6.85 -4.02
N PHE A 8 -4.68 5.76 -4.69
CA PHE A 8 -4.71 5.80 -6.19
C PHE A 8 -6.12 6.18 -6.65
N THR A 9 -7.01 6.37 -5.71
CA THR A 9 -8.41 6.72 -6.08
C THR A 9 -8.65 8.23 -5.95
N THR A 10 -7.80 8.93 -5.24
CA THR A 10 -8.01 10.39 -5.08
C THR A 10 -6.70 11.08 -4.71
N SER A 11 -6.32 12.10 -5.44
CA SER A 11 -5.06 12.82 -5.11
C SER A 11 -5.17 13.42 -3.71
N GLU A 12 -6.38 13.74 -3.30
CA GLU A 12 -6.58 14.33 -1.95
C GLU A 12 -7.27 13.30 -1.06
N SER A 13 -6.56 12.74 -0.12
CA SER A 13 -7.17 11.71 0.77
C SER A 13 -7.40 12.28 2.17
N THR A 14 -8.63 12.51 2.52
CA THR A 14 -8.93 13.04 3.87
C THR A 14 -8.57 11.98 4.91
N ILE A 15 -8.03 10.88 4.46
CA ILE A 15 -7.64 9.79 5.40
C ILE A 15 -6.16 9.43 5.22
N PHE A 16 -5.64 9.59 4.03
CA PHE A 16 -4.20 9.23 3.79
C PHE A 16 -3.39 10.49 3.50
N SER A 17 -2.16 10.53 3.96
CA SER A 17 -1.30 11.73 3.73
C SER A 17 -0.82 11.78 2.28
N LYS A 18 -0.78 10.67 1.59
CA LYS A 18 -0.28 10.69 0.18
C LYS A 18 -1.37 10.21 -0.78
N GLY A 19 -1.63 10.97 -1.81
CA GLY A 19 -2.68 10.56 -2.80
C GLY A 19 -2.20 10.90 -4.21
N TYR A 20 -2.69 10.20 -5.20
CA TYR A 20 -2.27 10.48 -6.61
C TYR A 20 -3.50 10.76 -7.47
N SER A 21 -3.34 11.49 -8.53
CA SER A 21 -4.51 11.79 -9.41
C SER A 21 -4.60 10.72 -10.50
N ILE A 22 -5.78 10.47 -11.02
CA ILE A 22 -5.92 9.43 -12.08
C ILE A 22 -4.90 9.71 -13.19
N ASN A 23 -4.61 10.94 -13.46
CA ASN A 23 -3.63 11.27 -14.53
C ASN A 23 -2.22 10.85 -14.09
N GLU A 24 -1.85 11.18 -12.88
CA GLU A 24 -0.48 10.83 -12.39
C GLU A 24 -0.27 9.31 -12.51
N ILE A 25 -1.20 8.52 -12.06
CA ILE A 25 -1.03 7.05 -12.15
C ILE A 25 -1.03 6.62 -13.62
N SER A 26 -1.88 7.20 -14.42
CA SER A 26 -1.92 6.83 -15.87
C SER A 26 -1.94 8.11 -16.71
N ASN A 27 -0.78 8.66 -16.99
CA ASN A 27 -0.73 9.90 -17.81
C ASN A 27 -0.69 9.53 -19.30
N LYS A 28 -1.61 10.03 -20.07
CA LYS A 28 -1.63 9.69 -21.52
C LYS A 28 -0.53 10.48 -22.24
N SER A 29 0.00 11.49 -21.61
CA SER A 29 1.08 12.30 -22.25
C SER A 29 2.44 11.72 -21.85
N SER A 30 2.89 11.99 -20.66
CA SER A 30 4.21 11.46 -20.20
C SER A 30 4.38 10.03 -20.71
N ASN A 31 5.60 9.60 -20.88
CA ASN A 31 5.84 8.21 -21.38
C ASN A 31 6.12 7.29 -20.20
N ASN A 32 6.97 7.70 -19.29
CA ASN A 32 7.29 6.84 -18.11
C ASN A 32 6.05 6.03 -17.71
N GLN A 33 5.89 4.85 -18.26
CA GLN A 33 4.71 4.01 -17.92
C GLN A 33 5.15 2.56 -17.73
N GLN A 34 4.98 2.03 -16.55
CA GLN A 34 5.39 0.62 -16.30
C GLN A 34 4.86 0.16 -14.94
N ASP A 35 5.25 0.81 -13.89
CA ASP A 35 4.78 0.41 -12.54
C ASP A 35 4.76 1.64 -11.62
N ILE A 36 3.61 2.03 -11.15
CA ILE A 36 3.54 3.20 -10.24
C ILE A 36 3.87 2.74 -8.82
N VAL A 37 4.84 3.37 -8.19
CA VAL A 37 5.21 2.94 -6.81
C VAL A 37 5.06 4.10 -5.83
N CYS A 38 4.40 3.88 -4.74
CA CYS A 38 4.25 4.95 -3.73
C CYS A 38 5.24 4.70 -2.59
N THR A 39 6.35 5.39 -2.58
CA THR A 39 7.35 5.16 -1.50
C THR A 39 7.11 6.15 -0.36
N VAL A 40 6.82 5.65 0.81
CA VAL A 40 6.60 6.56 1.98
C VAL A 40 7.26 5.96 3.21
N LYS A 41 7.58 6.76 4.19
CA LYS A 41 8.23 6.23 5.41
C LYS A 41 7.18 6.06 6.51
N ALA A 42 7.15 4.92 7.15
CA ALA A 42 6.15 4.69 8.22
C ALA A 42 6.81 4.83 9.59
N HIS A 43 6.06 5.22 10.59
CA HIS A 43 6.65 5.37 11.95
C HIS A 43 5.88 4.51 12.96
N ALA A 44 6.53 4.10 14.01
CA ALA A 44 5.86 3.24 15.02
C ALA A 44 4.58 3.93 15.53
N ASN A 45 4.55 5.23 15.47
CA ASN A 45 3.34 5.97 15.95
C ASN A 45 2.43 6.29 14.76
N ASP A 46 2.99 6.36 13.59
CA ASP A 46 2.16 6.67 12.39
C ASP A 46 1.39 5.43 11.93
N LEU A 47 0.14 5.59 11.59
CA LEU A 47 -0.65 4.42 11.12
C LEU A 47 -0.29 4.14 9.67
N ILE A 48 -0.36 2.90 9.24
CA ILE A 48 -0.02 2.59 7.81
C ILE A 48 -1.22 1.94 7.11
N GLY A 49 -1.41 2.24 5.86
CA GLY A 49 -2.55 1.65 5.10
C GLY A 49 -2.57 2.23 3.68
N PHE A 50 -3.59 1.94 2.92
CA PHE A 50 -3.65 2.48 1.53
C PHE A 50 -5.04 2.19 0.93
N LYS A 51 -5.33 2.78 -0.20
CA LYS A 51 -6.67 2.54 -0.84
C LYS A 51 -6.52 2.54 -2.36
N CYS A 52 -7.27 1.70 -3.03
CA CYS A 52 -7.20 1.64 -4.52
C CYS A 52 -8.60 1.89 -5.08
N PRO A 53 -8.70 2.42 -6.27
CA PRO A 53 -10.03 2.69 -6.91
C PRO A 53 -10.94 1.46 -6.90
N SER A 54 -12.22 1.68 -6.74
CA SER A 54 -13.18 0.53 -6.69
C SER A 54 -13.25 -0.16 -8.06
N ASN A 55 -12.73 0.45 -9.08
CA ASN A 55 -12.80 -0.20 -10.43
C ASN A 55 -11.56 -1.07 -10.66
N TYR A 56 -10.68 -1.14 -9.69
CA TYR A 56 -9.45 -1.98 -9.85
C TYR A 56 -9.52 -3.19 -8.91
N SER A 57 -8.67 -4.17 -9.14
CA SER A 57 -8.67 -5.37 -8.26
C SER A 57 -7.50 -5.27 -7.27
N VAL A 58 -7.71 -5.66 -6.04
CA VAL A 58 -6.60 -5.58 -5.05
C VAL A 58 -5.91 -6.94 -4.92
N GLU A 59 -4.64 -6.98 -5.24
CA GLU A 59 -3.86 -8.24 -5.13
C GLU A 59 -2.63 -7.98 -4.25
N PRO A 60 -2.42 -8.75 -3.21
CA PRO A 60 -1.26 -8.54 -2.31
C PRO A 60 0.05 -9.08 -2.91
N HIS A 61 0.97 -8.21 -3.20
CA HIS A 61 2.27 -8.67 -3.76
C HIS A 61 3.25 -8.85 -2.61
N ASP A 62 3.02 -8.16 -1.53
CA ASP A 62 3.90 -8.28 -0.34
C ASP A 62 3.25 -7.53 0.82
N CYS A 63 1.95 -7.66 0.96
CA CYS A 63 1.22 -6.96 2.05
C CYS A 63 1.70 -7.50 3.41
N PHE A 64 0.85 -7.45 4.42
CA PHE A 64 1.29 -7.94 5.76
C PHE A 64 0.54 -9.23 6.15
N VAL A 65 -0.76 -9.22 6.20
CA VAL A 65 -1.49 -10.47 6.58
C VAL A 65 -0.89 -11.64 5.81
N SER A 66 -1.13 -11.70 4.52
CA SER A 66 -0.56 -12.79 3.69
C SER A 66 -0.16 -12.21 2.34
N ALA A 67 1.03 -12.51 1.87
CA ALA A 67 1.45 -11.93 0.56
C ALA A 67 2.76 -12.57 0.10
N PHE A 68 3.25 -12.16 -1.04
CA PHE A 68 4.53 -12.73 -1.56
C PHE A 68 5.68 -11.82 -1.13
N ASN A 69 6.79 -12.38 -0.75
CA ASN A 69 7.94 -11.53 -0.31
C ASN A 69 8.68 -10.99 -1.54
N LEU A 70 9.82 -10.38 -1.32
CA LEU A 70 10.61 -9.84 -2.47
C LEU A 70 11.09 -10.99 -3.33
N SER A 71 11.06 -12.19 -2.81
CA SER A 71 11.50 -13.36 -3.60
C SER A 71 10.33 -13.89 -4.43
N GLY A 72 9.16 -13.34 -4.21
CA GLY A 72 7.97 -13.79 -4.97
C GLY A 72 7.42 -15.08 -4.37
N LYS A 73 7.76 -15.35 -3.13
CA LYS A 73 7.26 -16.59 -2.47
C LYS A 73 6.20 -16.22 -1.43
N ASN A 74 5.15 -17.00 -1.33
CA ASN A 74 4.08 -16.67 -0.34
C ASN A 74 4.64 -16.75 1.09
N GLU A 75 4.35 -15.78 1.91
CA GLU A 75 4.87 -15.78 3.30
C GLU A 75 3.93 -14.97 4.20
N ASN A 76 4.04 -15.13 5.50
CA ASN A 76 3.16 -14.36 6.43
C ASN A 76 3.98 -13.28 7.14
N LEU A 77 3.44 -12.11 7.29
CA LEU A 77 4.20 -11.01 7.97
C LEU A 77 3.80 -10.93 9.45
N GLU A 78 2.70 -11.54 9.82
CA GLU A 78 2.26 -11.49 11.24
C GLU A 78 3.33 -12.12 12.13
N ASN A 79 3.87 -13.24 11.72
CA ASN A 79 4.92 -13.89 12.55
C ASN A 79 6.16 -12.98 12.58
N LYS A 80 6.20 -12.00 11.72
CA LYS A 80 7.36 -11.07 11.71
C LYS A 80 6.98 -9.78 12.45
N LEU A 81 5.79 -9.30 12.22
CA LEU A 81 5.34 -8.04 12.89
C LEU A 81 4.02 -8.30 13.62
N LYS A 82 3.94 -8.00 14.88
CA LYS A 82 2.67 -8.25 15.62
C LYS A 82 1.69 -7.09 15.35
N LEU A 83 0.99 -7.15 14.25
CA LEU A 83 0.02 -6.06 13.92
C LEU A 83 -1.24 -6.21 14.77
N THR A 84 -1.82 -5.10 15.18
CA THR A 84 -3.06 -5.15 16.01
C THR A 84 -4.14 -4.27 15.36
N ASN A 85 -5.38 -4.52 15.66
CA ASN A 85 -6.47 -3.69 15.07
C ASN A 85 -6.37 -3.71 13.55
N ILE A 86 -6.28 -4.88 12.97
CA ILE A 86 -6.16 -4.99 11.49
C ILE A 86 -7.54 -4.77 10.83
N ILE A 87 -7.61 -3.90 9.85
CA ILE A 87 -8.91 -3.65 9.17
C ILE A 87 -8.78 -4.03 7.69
N MET A 88 -9.56 -4.97 7.22
CA MET A 88 -9.47 -5.37 5.78
C MET A 88 -10.82 -5.16 5.09
N ASP A 89 -10.95 -4.11 4.32
CA ASP A 89 -12.24 -3.85 3.61
C ASP A 89 -12.04 -4.06 2.11
N HIS A 90 -12.43 -5.20 1.60
CA HIS A 90 -12.25 -5.46 0.14
C HIS A 90 -13.24 -4.63 -0.68
N TYR A 91 -14.43 -4.43 -0.18
CA TYR A 91 -15.43 -3.63 -0.95
C TYR A 91 -14.88 -2.22 -1.18
N ASN A 92 -14.33 -1.61 -0.17
CA ASN A 92 -13.78 -0.24 -0.34
C ASN A 92 -12.32 -0.34 -0.77
N ASN A 93 -11.78 -1.53 -0.82
CA ASN A 93 -10.38 -1.71 -1.25
C ASN A 93 -9.45 -0.85 -0.39
N THR A 94 -9.59 -0.88 0.91
CA THR A 94 -8.71 -0.06 1.78
C THR A 94 -8.20 -0.92 2.95
N PHE A 95 -6.95 -0.76 3.31
CA PHE A 95 -6.39 -1.57 4.43
C PHE A 95 -5.70 -0.67 5.45
N TYR A 96 -5.85 -0.97 6.72
CA TYR A 96 -5.19 -0.13 7.78
C TYR A 96 -4.56 -1.04 8.83
N SER A 97 -3.47 -0.63 9.41
CA SER A 97 -2.82 -1.47 10.46
C SER A 97 -2.04 -0.56 11.41
N ARG A 98 -1.74 -1.03 12.60
CA ARG A 98 -0.99 -0.18 13.58
C ARG A 98 0.43 -0.73 13.73
N LEU A 99 1.40 0.13 13.77
CA LEU A 99 2.82 -0.33 13.92
C LEU A 99 3.20 -0.34 15.40
N PRO A 100 3.89 -1.35 15.87
CA PRO A 100 4.32 -1.42 17.28
C PRO A 100 4.92 -0.10 17.76
N SER A 101 5.17 0.05 19.02
CA SER A 101 5.74 1.33 19.52
C SER A 101 7.25 1.35 19.27
N LEU A 102 7.81 0.24 18.88
CA LEU A 102 9.29 0.20 18.63
C LEU A 102 9.60 -0.55 17.34
N ILE A 103 10.39 0.03 16.47
CA ILE A 103 10.76 -0.67 15.20
C ILE A 103 12.18 -0.26 14.81
N SER A 104 13.15 -1.10 15.04
CA SER A 104 14.55 -0.75 14.69
C SER A 104 14.96 -1.46 13.40
N ASP A 105 14.13 -2.33 12.90
CA ASP A 105 14.47 -3.06 11.65
C ASP A 105 14.16 -2.20 10.43
N ASN A 106 14.83 -2.43 9.34
CA ASN A 106 14.59 -1.63 8.10
C ASN A 106 13.76 -2.47 7.12
N TRP A 107 12.88 -3.29 7.62
CA TRP A 107 12.09 -4.16 6.71
C TRP A 107 11.17 -3.31 5.83
N LYS A 108 10.85 -3.83 4.67
CA LYS A 108 9.95 -3.08 3.73
C LYS A 108 8.88 -4.03 3.21
N PHE A 109 7.74 -3.51 2.82
CA PHE A 109 6.67 -4.40 2.29
C PHE A 109 5.80 -3.59 1.31
N PHE A 110 5.04 -4.25 0.47
CA PHE A 110 4.21 -3.48 -0.50
C PHE A 110 2.96 -4.27 -0.93
N CYS A 111 1.99 -3.56 -1.46
CA CYS A 111 0.73 -4.22 -1.94
C CYS A 111 0.52 -3.80 -3.40
N VAL A 112 -0.20 -4.55 -4.17
CA VAL A 112 -0.39 -4.17 -5.60
C VAL A 112 -1.87 -4.16 -6.01
N CYS A 113 -2.26 -3.18 -6.77
CA CYS A 113 -3.67 -3.09 -7.27
C CYS A 113 -3.59 -3.06 -8.80
N SER A 114 -4.37 -3.85 -9.49
CA SER A 114 -4.26 -3.82 -10.98
C SER A 114 -5.38 -4.62 -11.65
N LYS A 115 -5.39 -4.63 -12.95
CA LYS A 115 -6.40 -5.39 -13.74
C LYS A 115 -5.77 -5.78 -15.07
N ASP A 116 -6.35 -6.72 -15.77
CA ASP A 116 -5.76 -7.13 -17.09
C ASP A 116 -5.71 -5.89 -18.00
N ASN A 117 -4.77 -5.85 -18.91
CA ASN A 117 -4.67 -4.69 -19.84
C ASN A 117 -4.80 -3.39 -19.03
N GLU A 118 -3.90 -3.13 -18.11
CA GLU A 118 -3.97 -1.88 -17.31
C GLU A 118 -2.65 -1.65 -16.56
N LYS A 119 -2.27 -0.41 -16.39
CA LYS A 119 -1.00 -0.11 -15.67
C LYS A 119 -1.09 -0.64 -14.24
N LYS A 120 -0.07 -1.31 -13.76
CA LYS A 120 -0.13 -1.86 -12.38
C LYS A 120 0.22 -0.77 -11.35
N LEU A 121 -0.43 -0.80 -10.22
CA LEU A 121 -0.16 0.22 -9.16
C LEU A 121 0.53 -0.46 -7.98
N VAL A 122 1.70 -0.01 -7.60
CA VAL A 122 2.42 -0.67 -6.46
C VAL A 122 2.45 0.27 -5.24
N PHE A 123 2.08 -0.25 -4.10
CA PHE A 123 2.11 0.57 -2.84
C PHE A 123 3.26 0.06 -1.97
N THR A 124 4.21 0.90 -1.64
CA THR A 124 5.36 0.39 -0.81
C THR A 124 5.74 1.39 0.30
N VAL A 125 6.07 0.87 1.45
CA VAL A 125 6.50 1.72 2.59
C VAL A 125 7.72 1.08 3.24
N GLU A 126 8.51 1.84 3.97
CA GLU A 126 9.72 1.25 4.61
C GLU A 126 9.71 1.50 6.12
N ALA A 127 10.23 0.58 6.89
CA ALA A 127 10.25 0.77 8.37
C ALA A 127 11.52 0.12 8.93
N GLU A 1 -4.95 12.30 13.55
CA GLU A 1 -3.89 12.64 12.56
C GLU A 1 -4.19 11.95 11.22
N LYS A 2 -3.52 12.35 10.18
CA LYS A 2 -3.77 11.72 8.85
C LYS A 2 -3.07 10.36 8.80
N VAL A 3 -3.58 9.45 8.02
CA VAL A 3 -2.95 8.10 7.94
C VAL A 3 -1.96 8.05 6.78
N LYS A 4 -0.78 7.52 7.01
CA LYS A 4 0.22 7.44 5.91
C LYS A 4 -0.22 6.35 4.94
N GLY A 5 -0.32 6.66 3.68
CA GLY A 5 -0.74 5.63 2.69
C GLY A 5 -0.90 6.27 1.32
N CYS A 6 -1.01 5.46 0.29
CA CYS A 6 -1.16 6.01 -1.08
C CYS A 6 -2.60 5.84 -1.55
N ASP A 7 -3.20 6.88 -2.06
CA ASP A 7 -4.61 6.78 -2.54
C ASP A 7 -4.64 6.87 -4.07
N PHE A 8 -4.94 5.79 -4.74
CA PHE A 8 -4.99 5.81 -6.22
C PHE A 8 -6.39 6.25 -6.66
N THR A 9 -7.25 6.52 -5.72
CA THR A 9 -8.65 6.92 -6.06
C THR A 9 -8.83 8.42 -5.85
N THR A 10 -7.97 9.06 -5.12
CA THR A 10 -8.14 10.53 -4.88
C THR A 10 -6.79 11.19 -4.60
N SER A 11 -6.42 12.15 -5.40
CA SER A 11 -5.11 12.83 -5.16
C SER A 11 -5.16 13.53 -3.80
N GLU A 12 -6.33 13.95 -3.39
CA GLU A 12 -6.45 14.63 -2.08
C GLU A 12 -7.20 13.70 -1.11
N SER A 13 -6.56 12.67 -0.66
CA SER A 13 -7.24 11.72 0.26
C SER A 13 -7.43 12.36 1.64
N THR A 14 -8.65 12.63 2.00
CA THR A 14 -8.93 13.23 3.33
C THR A 14 -8.64 12.18 4.40
N ILE A 15 -8.16 11.03 3.99
CA ILE A 15 -7.84 9.95 4.97
C ILE A 15 -6.39 9.51 4.84
N PHE A 16 -5.83 9.57 3.65
CA PHE A 16 -4.41 9.15 3.46
C PHE A 16 -3.52 10.36 3.26
N SER A 17 -2.31 10.31 3.74
CA SER A 17 -1.38 11.46 3.60
C SER A 17 -0.92 11.62 2.15
N LYS A 18 -0.92 10.56 1.38
CA LYS A 18 -0.45 10.68 -0.04
C LYS A 18 -1.52 10.17 -1.00
N GLY A 19 -1.75 10.89 -2.07
CA GLY A 19 -2.77 10.45 -3.06
C GLY A 19 -2.28 10.79 -4.47
N TYR A 20 -2.80 10.12 -5.47
CA TYR A 20 -2.38 10.39 -6.87
C TYR A 20 -3.59 10.75 -7.72
N SER A 21 -3.40 11.52 -8.76
CA SER A 21 -4.54 11.90 -9.63
C SER A 21 -4.54 11.00 -10.88
N ILE A 22 -5.64 10.94 -11.58
CA ILE A 22 -5.70 10.08 -12.80
C ILE A 22 -4.58 10.49 -13.76
N ASN A 23 -4.04 11.68 -13.60
CA ASN A 23 -2.94 12.13 -14.49
C ASN A 23 -1.61 11.63 -13.93
N GLU A 24 -1.31 11.95 -12.70
CA GLU A 24 -0.01 11.52 -12.10
C GLU A 24 0.24 10.05 -12.42
N ILE A 25 -0.76 9.22 -12.36
CA ILE A 25 -0.55 7.77 -12.65
C ILE A 25 -0.08 7.62 -14.11
N SER A 26 -0.41 8.55 -14.95
CA SER A 26 0.03 8.47 -16.37
C SER A 26 1.38 9.18 -16.52
N ASN A 27 1.39 10.34 -17.12
CA ASN A 27 2.68 11.09 -17.27
C ASN A 27 2.93 11.89 -15.99
N LYS A 28 4.05 11.66 -15.35
CA LYS A 28 4.36 12.40 -14.10
C LYS A 28 5.85 12.73 -14.05
N SER A 29 6.68 11.74 -13.83
CA SER A 29 8.15 11.99 -13.77
C SER A 29 8.89 10.67 -14.03
N SER A 30 8.93 9.82 -13.04
CA SER A 30 9.63 8.52 -13.21
C SER A 30 8.82 7.63 -14.14
N ASN A 31 9.14 6.36 -14.21
CA ASN A 31 8.38 5.44 -15.11
C ASN A 31 6.94 5.29 -14.60
N ASN A 32 6.38 6.32 -14.03
CA ASN A 32 4.99 6.24 -13.52
C ASN A 32 4.02 6.00 -14.69
N GLN A 33 4.54 5.71 -15.85
CA GLN A 33 3.64 5.48 -17.02
C GLN A 33 3.35 3.98 -17.15
N GLN A 34 4.01 3.17 -16.37
CA GLN A 34 3.76 1.70 -16.45
C GLN A 34 3.67 1.12 -15.04
N ASP A 35 4.42 1.65 -14.11
CA ASP A 35 4.38 1.12 -12.71
C ASP A 35 4.35 2.28 -11.73
N ILE A 36 3.28 2.46 -11.00
CA ILE A 36 3.22 3.59 -10.04
C ILE A 36 3.68 3.08 -8.66
N VAL A 37 4.74 3.63 -8.13
CA VAL A 37 5.22 3.16 -6.81
C VAL A 37 5.08 4.28 -5.77
N CYS A 38 4.40 4.00 -4.69
CA CYS A 38 4.25 5.03 -3.62
C CYS A 38 5.22 4.71 -2.49
N THR A 39 6.31 5.40 -2.42
CA THR A 39 7.31 5.12 -1.34
C THR A 39 7.10 6.10 -0.19
N VAL A 40 6.85 5.59 0.99
CA VAL A 40 6.65 6.49 2.16
C VAL A 40 7.33 5.88 3.38
N LYS A 41 7.71 6.69 4.34
CA LYS A 41 8.37 6.14 5.55
C LYS A 41 7.33 5.93 6.66
N ALA A 42 7.23 4.73 7.16
CA ALA A 42 6.22 4.46 8.23
C ALA A 42 6.82 4.75 9.59
N HIS A 43 6.00 4.90 10.60
CA HIS A 43 6.54 5.21 11.96
C HIS A 43 5.72 4.43 13.00
N ALA A 44 6.36 4.05 14.08
CA ALA A 44 5.64 3.27 15.14
C ALA A 44 4.41 4.05 15.61
N ASN A 45 4.42 5.35 15.45
CA ASN A 45 3.24 6.16 15.88
C ASN A 45 2.35 6.47 14.68
N ASP A 46 2.92 6.52 13.52
CA ASP A 46 2.12 6.84 12.29
C ASP A 46 1.32 5.61 11.86
N LEU A 47 0.07 5.79 11.50
CA LEU A 47 -0.73 4.63 11.04
C LEU A 47 -0.35 4.31 9.60
N ILE A 48 -0.43 3.06 9.22
CA ILE A 48 -0.05 2.69 7.81
C ILE A 48 -1.23 2.01 7.11
N GLY A 49 -1.40 2.28 5.85
CA GLY A 49 -2.53 1.65 5.10
C GLY A 49 -2.58 2.22 3.68
N PHE A 50 -3.55 1.84 2.89
CA PHE A 50 -3.63 2.37 1.51
C PHE A 50 -5.02 2.09 0.93
N LYS A 51 -5.33 2.65 -0.21
CA LYS A 51 -6.67 2.43 -0.82
C LYS A 51 -6.56 2.47 -2.35
N CYS A 52 -7.36 1.68 -3.03
CA CYS A 52 -7.33 1.68 -4.51
C CYS A 52 -8.76 1.91 -5.02
N PRO A 53 -8.91 2.49 -6.19
CA PRO A 53 -10.27 2.75 -6.77
C PRO A 53 -11.16 1.50 -6.76
N SER A 54 -12.45 1.68 -6.72
CA SER A 54 -13.37 0.52 -6.69
C SER A 54 -13.42 -0.18 -8.05
N ASN A 55 -12.85 0.42 -9.06
CA ASN A 55 -12.88 -0.22 -10.41
C ASN A 55 -11.63 -1.08 -10.62
N TYR A 56 -10.74 -1.08 -9.67
CA TYR A 56 -9.49 -1.90 -9.81
C TYR A 56 -9.53 -3.11 -8.88
N SER A 57 -8.68 -4.08 -9.10
CA SER A 57 -8.65 -5.28 -8.22
C SER A 57 -7.44 -5.20 -7.28
N VAL A 58 -7.63 -5.48 -6.02
CA VAL A 58 -6.47 -5.41 -5.08
C VAL A 58 -5.80 -6.79 -4.96
N GLU A 59 -4.54 -6.85 -5.31
CA GLU A 59 -3.79 -8.12 -5.22
C GLU A 59 -2.56 -7.89 -4.33
N PRO A 60 -2.37 -8.68 -3.30
CA PRO A 60 -1.21 -8.51 -2.40
C PRO A 60 0.09 -9.06 -3.00
N HIS A 61 1.03 -8.22 -3.27
CA HIS A 61 2.32 -8.70 -3.84
C HIS A 61 3.30 -8.91 -2.68
N ASP A 62 3.08 -8.23 -1.60
CA ASP A 62 3.96 -8.37 -0.41
C ASP A 62 3.30 -7.63 0.76
N CYS A 63 2.00 -7.76 0.89
CA CYS A 63 1.28 -7.06 2.00
C CYS A 63 1.76 -7.61 3.35
N PHE A 64 0.94 -7.52 4.37
CA PHE A 64 1.37 -8.02 5.71
C PHE A 64 0.61 -9.29 6.12
N VAL A 65 -0.69 -9.25 6.18
CA VAL A 65 -1.44 -10.48 6.59
C VAL A 65 -0.86 -11.69 5.83
N SER A 66 -0.91 -11.65 4.53
CA SER A 66 -0.35 -12.77 3.72
C SER A 66 -0.01 -12.25 2.33
N ALA A 67 1.14 -12.56 1.82
CA ALA A 67 1.51 -12.03 0.47
C ALA A 67 2.80 -12.68 -0.02
N PHE A 68 3.26 -12.28 -1.17
CA PHE A 68 4.51 -12.87 -1.73
C PHE A 68 5.69 -11.99 -1.32
N ASN A 69 6.82 -12.57 -1.04
CA ASN A 69 8.00 -11.74 -0.63
C ASN A 69 8.73 -11.24 -1.86
N LEU A 70 9.91 -10.69 -1.68
CA LEU A 70 10.68 -10.18 -2.85
C LEU A 70 11.10 -11.37 -3.73
N SER A 71 11.02 -12.56 -3.20
CA SER A 71 11.39 -13.76 -3.99
C SER A 71 10.16 -14.26 -4.74
N GLY A 72 9.01 -13.70 -4.43
CA GLY A 72 7.76 -14.14 -5.12
C GLY A 72 7.20 -15.38 -4.43
N LYS A 73 7.57 -15.60 -3.19
CA LYS A 73 7.07 -16.81 -2.46
C LYS A 73 6.04 -16.36 -1.42
N ASN A 74 4.97 -17.10 -1.28
CA ASN A 74 3.91 -16.70 -0.27
C ASN A 74 4.47 -16.87 1.14
N GLU A 75 4.21 -15.90 1.99
CA GLU A 75 4.73 -15.99 3.40
C GLU A 75 3.84 -15.14 4.32
N ASN A 76 3.96 -15.33 5.61
CA ASN A 76 3.14 -14.51 6.56
C ASN A 76 4.01 -13.43 7.20
N LEU A 77 3.51 -12.22 7.29
CA LEU A 77 4.32 -11.11 7.88
C LEU A 77 3.95 -10.92 9.35
N GLU A 78 2.90 -11.54 9.81
CA GLU A 78 2.49 -11.38 11.24
C GLU A 78 3.62 -11.85 12.15
N ASN A 79 4.22 -12.97 11.85
CA ASN A 79 5.34 -13.46 12.70
C ASN A 79 6.51 -12.48 12.60
N LYS A 80 6.55 -11.70 11.55
CA LYS A 80 7.65 -10.71 11.39
C LYS A 80 7.33 -9.47 12.23
N LEU A 81 6.12 -8.96 12.10
CA LEU A 81 5.74 -7.75 12.88
C LEU A 81 4.43 -8.04 13.63
N LYS A 82 4.40 -7.78 14.90
CA LYS A 82 3.16 -8.05 15.68
C LYS A 82 2.11 -6.98 15.35
N LEU A 83 1.39 -7.18 14.28
CA LEU A 83 0.35 -6.18 13.87
C LEU A 83 -0.91 -6.37 14.71
N THR A 84 -1.48 -5.31 15.19
CA THR A 84 -2.73 -5.42 16.00
C THR A 84 -3.80 -4.48 15.41
N ASN A 85 -5.04 -4.70 15.75
CA ASN A 85 -6.13 -3.84 15.20
C ASN A 85 -6.06 -3.83 13.68
N ILE A 86 -6.01 -4.98 13.07
CA ILE A 86 -5.93 -5.05 11.59
C ILE A 86 -7.32 -4.83 10.97
N ILE A 87 -7.42 -3.96 9.99
CA ILE A 87 -8.73 -3.69 9.35
C ILE A 87 -8.64 -4.04 7.86
N MET A 88 -9.44 -4.97 7.38
CA MET A 88 -9.38 -5.33 5.93
C MET A 88 -10.76 -5.13 5.28
N ASP A 89 -10.91 -4.09 4.50
CA ASP A 89 -12.21 -3.84 3.84
C ASP A 89 -12.07 -4.07 2.33
N HIS A 90 -12.49 -5.20 1.84
CA HIS A 90 -12.36 -5.48 0.38
C HIS A 90 -13.38 -4.65 -0.42
N TYR A 91 -14.54 -4.41 0.13
CA TYR A 91 -15.56 -3.62 -0.63
C TYR A 91 -15.01 -2.23 -0.92
N ASN A 92 -14.41 -1.59 0.06
CA ASN A 92 -13.84 -0.23 -0.17
C ASN A 92 -12.40 -0.36 -0.64
N ASN A 93 -11.89 -1.56 -0.69
CA ASN A 93 -10.49 -1.77 -1.16
C ASN A 93 -9.53 -0.91 -0.35
N THR A 94 -9.64 -0.93 0.96
CA THR A 94 -8.71 -0.11 1.80
C THR A 94 -8.18 -0.97 2.95
N PHE A 95 -6.91 -0.84 3.26
CA PHE A 95 -6.33 -1.66 4.37
C PHE A 95 -5.62 -0.74 5.38
N TYR A 96 -5.77 -1.02 6.65
CA TYR A 96 -5.10 -0.16 7.68
C TYR A 96 -4.45 -1.07 8.74
N SER A 97 -3.35 -0.66 9.30
CA SER A 97 -2.68 -1.49 10.35
C SER A 97 -1.93 -0.57 11.31
N ARG A 98 -1.77 -0.97 12.55
CA ARG A 98 -1.04 -0.10 13.52
C ARG A 98 0.37 -0.67 13.74
N LEU A 99 1.36 0.19 13.75
CA LEU A 99 2.76 -0.28 13.95
C LEU A 99 3.09 -0.28 15.45
N PRO A 100 3.75 -1.29 15.94
CA PRO A 100 4.13 -1.36 17.38
C PRO A 100 4.74 -0.04 17.85
N SER A 101 4.79 0.18 19.14
CA SER A 101 5.35 1.45 19.64
C SER A 101 6.87 1.47 19.44
N LEU A 102 7.46 0.32 19.21
CA LEU A 102 8.94 0.28 19.02
C LEU A 102 9.29 -0.57 17.79
N ILE A 103 10.12 -0.06 16.92
CA ILE A 103 10.53 -0.83 15.71
C ILE A 103 12.01 -0.55 15.42
N SER A 104 12.82 -1.56 15.33
CA SER A 104 14.27 -1.34 15.06
C SER A 104 14.74 -2.24 13.92
N ASP A 105 14.08 -2.19 12.79
CA ASP A 105 14.48 -3.07 11.65
C ASP A 105 14.25 -2.33 10.33
N ASN A 106 15.03 -2.65 9.33
CA ASN A 106 14.86 -1.98 8.00
C ASN A 106 13.91 -2.82 7.14
N TRP A 107 12.95 -3.45 7.75
CA TRP A 107 12.00 -4.30 6.98
C TRP A 107 11.18 -3.46 6.00
N LYS A 108 10.80 -4.05 4.90
CA LYS A 108 10.01 -3.31 3.88
C LYS A 108 8.93 -4.24 3.32
N PHE A 109 7.82 -3.70 2.87
CA PHE A 109 6.75 -4.57 2.31
C PHE A 109 5.90 -3.73 1.35
N PHE A 110 5.13 -4.35 0.50
CA PHE A 110 4.30 -3.56 -0.46
C PHE A 110 3.05 -4.33 -0.91
N CYS A 111 2.07 -3.60 -1.38
CA CYS A 111 0.81 -4.22 -1.88
C CYS A 111 0.61 -3.77 -3.33
N VAL A 112 -0.13 -4.51 -4.12
CA VAL A 112 -0.31 -4.10 -5.55
C VAL A 112 -1.78 -4.07 -5.94
N CYS A 113 -2.17 -3.07 -6.69
CA CYS A 113 -3.57 -2.95 -7.18
C CYS A 113 -3.51 -2.90 -8.71
N SER A 114 -4.30 -3.67 -9.42
CA SER A 114 -4.19 -3.61 -10.91
C SER A 114 -5.31 -4.43 -11.57
N LYS A 115 -5.30 -4.43 -12.89
CA LYS A 115 -6.31 -5.20 -13.67
C LYS A 115 -5.67 -5.60 -14.99
N ASP A 116 -6.22 -6.55 -15.69
CA ASP A 116 -5.61 -6.95 -16.99
C ASP A 116 -5.57 -5.73 -17.92
N ASN A 117 -4.66 -5.72 -18.85
CA ASN A 117 -4.56 -4.56 -19.79
C ASN A 117 -4.69 -3.25 -19.00
N GLU A 118 -3.81 -3.00 -18.07
CA GLU A 118 -3.90 -1.73 -17.28
C GLU A 118 -2.59 -1.49 -16.52
N LYS A 119 -2.21 -0.24 -16.35
CA LYS A 119 -0.95 0.06 -15.63
C LYS A 119 -1.03 -0.54 -14.22
N LYS A 120 0.07 -1.03 -13.70
CA LYS A 120 0.04 -1.64 -12.34
C LYS A 120 0.36 -0.59 -11.27
N LEU A 121 -0.34 -0.64 -10.16
CA LEU A 121 -0.07 0.35 -9.07
C LEU A 121 0.62 -0.36 -7.91
N VAL A 122 1.81 0.06 -7.53
CA VAL A 122 2.52 -0.61 -6.41
C VAL A 122 2.56 0.29 -5.18
N PHE A 123 2.17 -0.24 -4.05
CA PHE A 123 2.19 0.55 -2.78
C PHE A 123 3.34 0.03 -1.91
N THR A 124 4.29 0.84 -1.56
CA THR A 124 5.43 0.32 -0.73
C THR A 124 5.79 1.29 0.41
N VAL A 125 6.11 0.73 1.56
CA VAL A 125 6.52 1.57 2.72
C VAL A 125 7.75 0.92 3.36
N GLU A 126 8.55 1.67 4.07
CA GLU A 126 9.78 1.08 4.69
C GLU A 126 9.84 1.46 6.18
N ALA A 127 10.44 0.61 6.98
CA ALA A 127 10.55 0.90 8.43
C ALA A 127 11.69 0.08 9.03
N GLU A 1 -5.41 12.77 13.31
CA GLU A 1 -4.12 12.76 12.55
C GLU A 1 -4.33 12.08 11.21
N LYS A 2 -3.61 12.47 10.20
CA LYS A 2 -3.76 11.82 8.87
C LYS A 2 -3.11 10.44 8.89
N VAL A 3 -3.47 9.59 7.97
CA VAL A 3 -2.89 8.21 7.95
C VAL A 3 -1.85 8.10 6.83
N LYS A 4 -0.69 7.60 7.13
CA LYS A 4 0.36 7.46 6.08
C LYS A 4 -0.10 6.39 5.09
N GLY A 5 -0.21 6.74 3.83
CA GLY A 5 -0.65 5.73 2.83
C GLY A 5 -0.75 6.39 1.46
N CYS A 6 -1.04 5.62 0.44
CA CYS A 6 -1.15 6.19 -0.93
C CYS A 6 -2.58 6.03 -1.44
N ASP A 7 -3.16 7.09 -1.94
CA ASP A 7 -4.56 7.01 -2.45
C ASP A 7 -4.53 7.08 -3.98
N PHE A 8 -4.83 6.00 -4.65
CA PHE A 8 -4.83 6.03 -6.14
C PHE A 8 -6.22 6.44 -6.63
N THR A 9 -7.11 6.71 -5.71
CA THR A 9 -8.50 7.10 -6.10
C THR A 9 -8.69 8.60 -5.99
N THR A 10 -7.83 9.28 -5.28
CA THR A 10 -8.00 10.76 -5.13
C THR A 10 -6.67 11.42 -4.76
N SER A 11 -6.28 12.44 -5.49
CA SER A 11 -5.00 13.13 -5.17
C SER A 11 -5.15 13.86 -3.84
N GLU A 12 -6.36 14.21 -3.49
CA GLU A 12 -6.59 14.91 -2.19
C GLU A 12 -7.41 14.01 -1.27
N SER A 13 -6.80 12.99 -0.73
CA SER A 13 -7.55 12.06 0.16
C SER A 13 -7.90 12.75 1.48
N THR A 14 -8.97 12.34 2.09
CA THR A 14 -9.38 12.94 3.39
C THR A 14 -8.93 12.02 4.52
N ILE A 15 -8.30 10.93 4.18
CA ILE A 15 -7.82 9.98 5.22
C ILE A 15 -6.32 9.72 5.04
N PHE A 16 -5.80 9.88 3.85
CA PHE A 16 -4.35 9.62 3.63
C PHE A 16 -3.62 10.94 3.33
N SER A 17 -2.44 11.10 3.88
CA SER A 17 -1.68 12.36 3.65
C SER A 17 -1.14 12.42 2.23
N LYS A 18 -1.08 11.32 1.53
CA LYS A 18 -0.54 11.35 0.14
C LYS A 18 -1.49 10.62 -0.83
N GLY A 19 -1.63 11.13 -2.02
CA GLY A 19 -2.53 10.47 -3.01
C GLY A 19 -2.21 10.98 -4.42
N TYR A 20 -2.70 10.33 -5.43
CA TYR A 20 -2.43 10.76 -6.83
C TYR A 20 -3.75 10.94 -7.58
N SER A 21 -3.71 11.55 -8.73
CA SER A 21 -4.96 11.75 -9.52
C SER A 21 -5.00 10.73 -10.66
N ILE A 22 -6.14 10.54 -11.27
CA ILE A 22 -6.23 9.55 -12.39
C ILE A 22 -5.31 10.00 -13.54
N ASN A 23 -4.97 11.26 -13.58
CA ASN A 23 -4.08 11.75 -14.68
C ASN A 23 -2.75 10.99 -14.63
N GLU A 24 -2.29 10.67 -13.44
CA GLU A 24 -0.99 9.94 -13.33
C GLU A 24 -1.14 8.51 -13.86
N ILE A 25 -2.27 7.89 -13.64
CA ILE A 25 -2.45 6.50 -14.14
C ILE A 25 -3.27 6.52 -15.43
N SER A 26 -3.74 7.67 -15.83
CA SER A 26 -4.54 7.76 -17.09
C SER A 26 -3.76 7.13 -18.23
N ASN A 27 -4.18 7.34 -19.45
CA ASN A 27 -3.46 6.77 -20.62
C ASN A 27 -2.86 7.90 -21.46
N LYS A 28 -3.02 9.12 -21.01
CA LYS A 28 -2.49 10.27 -21.79
C LYS A 28 -0.97 10.13 -21.91
N SER A 29 -0.22 10.82 -21.08
CA SER A 29 1.27 10.72 -21.15
C SER A 29 1.84 10.80 -19.74
N SER A 30 1.63 9.78 -18.95
CA SER A 30 2.17 9.80 -17.55
C SER A 30 3.68 9.58 -17.58
N ASN A 31 4.41 10.29 -16.76
CA ASN A 31 5.90 10.13 -16.75
C ASN A 31 6.26 8.74 -16.23
N ASN A 32 5.75 8.37 -15.09
CA ASN A 32 6.06 7.02 -14.54
C ASN A 32 5.47 5.94 -15.45
N GLN A 33 6.30 5.06 -15.95
CA GLN A 33 5.78 3.99 -16.85
C GLN A 33 4.55 3.35 -16.22
N GLN A 34 3.98 2.36 -16.86
CA GLN A 34 2.77 1.70 -16.28
C GLN A 34 3.09 1.14 -14.91
N ASP A 35 4.17 1.58 -14.31
CA ASP A 35 4.53 1.07 -12.96
C ASP A 35 4.53 2.24 -11.98
N ILE A 36 3.50 2.38 -11.18
CA ILE A 36 3.46 3.49 -10.20
C ILE A 36 3.81 2.95 -8.81
N VAL A 37 4.78 3.53 -8.16
CA VAL A 37 5.15 3.02 -6.81
C VAL A 37 5.01 4.14 -5.77
N CYS A 38 4.33 3.88 -4.69
CA CYS A 38 4.18 4.92 -3.64
C CYS A 38 5.17 4.62 -2.52
N THR A 39 6.29 5.28 -2.50
CA THR A 39 7.29 5.03 -1.43
C THR A 39 7.11 6.03 -0.30
N VAL A 40 6.85 5.56 0.89
CA VAL A 40 6.67 6.49 2.05
C VAL A 40 7.33 5.87 3.29
N LYS A 41 7.70 6.69 4.24
CA LYS A 41 8.32 6.13 5.47
C LYS A 41 7.26 5.98 6.55
N ALA A 42 7.19 4.82 7.16
CA ALA A 42 6.16 4.60 8.22
C ALA A 42 6.81 4.74 9.60
N HIS A 43 6.04 5.09 10.59
CA HIS A 43 6.62 5.26 11.97
C HIS A 43 5.81 4.39 12.96
N ALA A 44 6.45 3.96 14.01
CA ALA A 44 5.75 3.11 15.02
C ALA A 44 4.48 3.84 15.51
N ASN A 45 4.47 5.13 15.44
CA ASN A 45 3.27 5.89 15.92
C ASN A 45 2.40 6.26 14.71
N ASP A 46 2.98 6.36 13.56
CA ASP A 46 2.18 6.73 12.35
C ASP A 46 1.33 5.55 11.90
N LEU A 47 0.08 5.80 11.57
CA LEU A 47 -0.80 4.68 11.11
C LEU A 47 -0.44 4.36 9.66
N ILE A 48 -0.52 3.11 9.28
CA ILE A 48 -0.17 2.75 7.88
C ILE A 48 -1.38 2.12 7.17
N GLY A 49 -1.56 2.42 5.91
CA GLY A 49 -2.71 1.84 5.16
C GLY A 49 -2.71 2.39 3.73
N PHE A 50 -3.71 2.08 2.96
CA PHE A 50 -3.76 2.60 1.56
C PHE A 50 -5.13 2.30 0.94
N LYS A 51 -5.41 2.86 -0.21
CA LYS A 51 -6.73 2.62 -0.86
C LYS A 51 -6.56 2.63 -2.38
N CYS A 52 -7.31 1.81 -3.07
CA CYS A 52 -7.22 1.76 -4.56
C CYS A 52 -8.63 2.00 -5.14
N PRO A 53 -8.72 2.52 -6.34
CA PRO A 53 -10.04 2.78 -6.99
C PRO A 53 -10.96 1.55 -6.97
N SER A 54 -12.24 1.77 -6.88
CA SER A 54 -13.19 0.63 -6.84
C SER A 54 -13.22 -0.12 -8.18
N ASN A 55 -12.67 0.47 -9.21
CA ASN A 55 -12.69 -0.21 -10.54
C ASN A 55 -11.45 -1.09 -10.71
N TYR A 56 -10.59 -1.12 -9.72
CA TYR A 56 -9.37 -1.97 -9.82
C TYR A 56 -9.46 -3.16 -8.85
N SER A 57 -8.62 -4.14 -9.03
CA SER A 57 -8.66 -5.33 -8.11
C SER A 57 -7.46 -5.25 -7.16
N VAL A 58 -7.68 -5.51 -5.90
CA VAL A 58 -6.54 -5.44 -4.94
C VAL A 58 -5.86 -6.81 -4.82
N GLU A 59 -4.61 -6.87 -5.17
CA GLU A 59 -3.84 -8.15 -5.08
C GLU A 59 -2.60 -7.89 -4.21
N PRO A 60 -2.38 -8.69 -3.19
CA PRO A 60 -1.21 -8.50 -2.30
C PRO A 60 0.09 -9.02 -2.92
N HIS A 61 1.01 -8.15 -3.21
CA HIS A 61 2.30 -8.60 -3.79
C HIS A 61 3.27 -8.86 -2.64
N ASP A 62 3.06 -8.22 -1.54
CA ASP A 62 3.94 -8.40 -0.36
C ASP A 62 3.33 -7.66 0.83
N CYS A 63 2.03 -7.71 0.96
CA CYS A 63 1.35 -6.99 2.07
C CYS A 63 1.83 -7.55 3.42
N PHE A 64 1.03 -7.46 4.45
CA PHE A 64 1.48 -7.97 5.78
C PHE A 64 0.71 -9.26 6.17
N VAL A 65 -0.59 -9.23 6.20
CA VAL A 65 -1.33 -10.48 6.59
C VAL A 65 -0.77 -11.65 5.78
N SER A 66 -1.12 -11.72 4.52
CA SER A 66 -0.60 -12.81 3.66
C SER A 66 -0.19 -12.22 2.32
N ALA A 67 0.98 -12.54 1.83
CA ALA A 67 1.42 -11.96 0.53
C ALA A 67 2.74 -12.59 0.09
N PHE A 68 3.24 -12.17 -1.05
CA PHE A 68 4.52 -12.73 -1.56
C PHE A 68 5.67 -11.84 -1.09
N ASN A 69 6.69 -12.41 -0.52
CA ASN A 69 7.83 -11.58 -0.04
C ASN A 69 8.69 -11.14 -1.21
N LEU A 70 9.79 -10.49 -0.94
CA LEU A 70 10.69 -10.04 -2.05
C LEU A 70 11.23 -11.27 -2.78
N SER A 71 11.22 -12.40 -2.15
CA SER A 71 11.72 -13.63 -2.82
C SER A 71 10.61 -14.22 -3.68
N GLY A 72 9.43 -13.65 -3.60
CA GLY A 72 8.29 -14.17 -4.40
C GLY A 72 7.68 -15.39 -3.71
N LYS A 73 7.93 -15.54 -2.44
CA LYS A 73 7.37 -16.71 -1.71
C LYS A 73 6.13 -16.26 -0.91
N ASN A 74 5.10 -17.06 -0.88
CA ASN A 74 3.88 -16.66 -0.13
C ASN A 74 4.02 -17.04 1.34
N GLU A 75 4.10 -16.06 2.21
CA GLU A 75 4.25 -16.35 3.66
C GLU A 75 3.62 -15.22 4.49
N ASN A 76 2.96 -15.55 5.56
CA ASN A 76 2.32 -14.50 6.40
C ASN A 76 3.40 -13.58 6.98
N LEU A 77 3.08 -12.34 7.19
CA LEU A 77 4.10 -11.39 7.75
C LEU A 77 3.93 -11.28 9.27
N GLU A 78 3.08 -12.09 9.85
CA GLU A 78 2.87 -12.01 11.32
C GLU A 78 4.12 -12.50 12.06
N ASN A 79 4.75 -13.54 11.57
CA ASN A 79 5.98 -14.04 12.24
C ASN A 79 7.06 -12.96 12.20
N LYS A 80 7.05 -12.14 11.18
CA LYS A 80 8.06 -11.05 11.08
C LYS A 80 7.66 -9.92 12.04
N LEU A 81 6.42 -9.52 12.01
CA LEU A 81 5.96 -8.43 12.91
C LEU A 81 4.48 -8.65 13.26
N LYS A 82 4.17 -8.72 14.52
CA LYS A 82 2.75 -8.94 14.91
C LYS A 82 1.98 -7.61 14.84
N LEU A 83 1.26 -7.39 13.79
CA LEU A 83 0.49 -6.12 13.65
C LEU A 83 -0.76 -6.17 14.54
N THR A 84 -1.31 -5.04 14.88
CA THR A 84 -2.53 -5.01 15.73
C THR A 84 -3.59 -4.13 15.08
N ASN A 85 -4.84 -4.29 15.45
CA ASN A 85 -5.92 -3.46 14.85
C ASN A 85 -5.87 -3.58 13.33
N ILE A 86 -5.86 -4.77 12.82
CA ILE A 86 -5.79 -4.96 11.34
C ILE A 86 -7.20 -4.79 10.74
N ILE A 87 -7.31 -3.99 9.70
CA ILE A 87 -8.64 -3.78 9.05
C ILE A 87 -8.54 -4.15 7.56
N MET A 88 -9.34 -5.08 7.11
CA MET A 88 -9.27 -5.46 5.66
C MET A 88 -10.64 -5.26 5.00
N ASP A 89 -10.77 -4.21 4.21
CA ASP A 89 -12.07 -3.95 3.53
C ASP A 89 -11.88 -4.15 2.02
N HIS A 90 -12.30 -5.27 1.50
CA HIS A 90 -12.13 -5.52 0.04
C HIS A 90 -13.13 -4.68 -0.77
N TYR A 91 -14.31 -4.48 -0.27
CA TYR A 91 -15.32 -3.68 -1.02
C TYR A 91 -14.77 -2.26 -1.24
N ASN A 92 -14.24 -1.65 -0.21
CA ASN A 92 -13.68 -0.27 -0.38
C ASN A 92 -12.22 -0.37 -0.82
N ASN A 93 -11.69 -1.57 -0.87
CA ASN A 93 -10.28 -1.74 -1.31
C ASN A 93 -9.35 -0.88 -0.46
N THR A 94 -9.50 -0.92 0.84
CA THR A 94 -8.61 -0.09 1.72
C THR A 94 -8.07 -0.97 2.87
N PHE A 95 -6.82 -0.84 3.19
CA PHE A 95 -6.24 -1.67 4.29
C PHE A 95 -5.55 -0.78 5.32
N TYR A 96 -5.71 -1.07 6.59
CA TYR A 96 -5.05 -0.24 7.64
C TYR A 96 -4.45 -1.15 8.70
N SER A 97 -3.35 -0.75 9.29
CA SER A 97 -2.72 -1.60 10.36
C SER A 97 -1.90 -0.70 11.28
N ARG A 98 -1.72 -1.10 12.52
CA ARG A 98 -0.94 -0.26 13.48
C ARG A 98 0.48 -0.82 13.61
N LEU A 99 1.46 0.04 13.62
CA LEU A 99 2.87 -0.42 13.74
C LEU A 99 3.26 -0.52 15.22
N PRO A 100 3.90 -1.59 15.64
CA PRO A 100 4.32 -1.73 17.05
C PRO A 100 4.99 -0.46 17.57
N SER A 101 4.98 -0.25 18.86
CA SER A 101 5.61 0.98 19.40
C SER A 101 7.11 0.97 19.12
N LEU A 102 7.76 -0.14 19.31
CA LEU A 102 9.24 -0.20 19.08
C LEU A 102 9.53 -0.94 17.77
N ILE A 103 10.28 -0.34 16.89
CA ILE A 103 10.63 -1.00 15.59
C ILE A 103 11.98 -0.47 15.11
N SER A 104 13.02 -1.24 15.26
CA SER A 104 14.37 -0.78 14.81
C SER A 104 14.79 -1.54 13.55
N ASP A 105 13.95 -2.41 13.06
CA ASP A 105 14.31 -3.19 11.85
C ASP A 105 14.06 -2.34 10.60
N ASN A 106 14.80 -2.59 9.55
CA ASN A 106 14.62 -1.81 8.28
C ASN A 106 13.76 -2.62 7.32
N TRP A 107 12.84 -3.40 7.82
CA TRP A 107 12.01 -4.25 6.94
C TRP A 107 11.11 -3.38 6.05
N LYS A 108 10.66 -3.92 4.95
CA LYS A 108 9.78 -3.16 4.02
C LYS A 108 8.72 -4.10 3.46
N PHE A 109 7.61 -3.57 3.01
CA PHE A 109 6.55 -4.46 2.44
C PHE A 109 5.71 -3.64 1.46
N PHE A 110 4.99 -4.28 0.57
CA PHE A 110 4.17 -3.50 -0.41
C PHE A 110 2.93 -4.27 -0.86
N CYS A 111 1.96 -3.56 -1.36
CA CYS A 111 0.70 -4.19 -1.86
C CYS A 111 0.49 -3.74 -3.31
N VAL A 112 -0.22 -4.49 -4.10
CA VAL A 112 -0.40 -4.08 -5.53
C VAL A 112 -1.88 -4.10 -5.94
N CYS A 113 -2.27 -3.12 -6.73
CA CYS A 113 -3.67 -3.05 -7.25
C CYS A 113 -3.59 -3.10 -8.78
N SER A 114 -4.36 -3.93 -9.43
CA SER A 114 -4.25 -3.98 -10.92
C SER A 114 -5.39 -4.78 -11.56
N LYS A 115 -5.38 -4.86 -12.85
CA LYS A 115 -6.42 -5.62 -13.60
C LYS A 115 -5.85 -5.95 -14.98
N ASP A 116 -6.50 -6.82 -15.72
CA ASP A 116 -5.97 -7.15 -17.08
C ASP A 116 -5.91 -5.87 -17.92
N ASN A 117 -5.00 -5.81 -18.87
CA ASN A 117 -4.89 -4.59 -19.72
C ASN A 117 -5.06 -3.34 -18.85
N GLU A 118 -4.22 -3.16 -17.85
CA GLU A 118 -4.35 -1.95 -16.98
C GLU A 118 -3.02 -1.66 -16.29
N LYS A 119 -2.64 -0.41 -16.23
CA LYS A 119 -1.34 -0.06 -15.56
C LYS A 119 -1.33 -0.63 -14.15
N LYS A 120 -0.21 -1.14 -13.70
CA LYS A 120 -0.15 -1.73 -12.33
C LYS A 120 0.22 -0.64 -11.30
N LEU A 121 -0.43 -0.68 -10.16
CA LEU A 121 -0.12 0.34 -9.10
C LEU A 121 0.56 -0.36 -7.92
N VAL A 122 1.73 0.06 -7.54
CA VAL A 122 2.44 -0.59 -6.39
C VAL A 122 2.44 0.31 -5.16
N PHE A 123 2.05 -0.22 -4.04
CA PHE A 123 2.06 0.57 -2.77
C PHE A 123 3.19 0.04 -1.89
N THR A 124 4.15 0.86 -1.53
CA THR A 124 5.27 0.35 -0.69
C THR A 124 5.65 1.32 0.43
N VAL A 125 6.00 0.78 1.57
CA VAL A 125 6.43 1.63 2.72
C VAL A 125 7.67 0.98 3.36
N GLU A 126 8.44 1.73 4.09
CA GLU A 126 9.65 1.13 4.73
C GLU A 126 9.68 1.44 6.23
N ALA A 127 10.23 0.54 7.01
CA ALA A 127 10.30 0.78 8.48
C ALA A 127 11.50 0.03 9.06
N GLU A 1 -5.73 13.26 12.71
CA GLU A 1 -4.45 12.62 12.31
C GLU A 1 -4.66 11.81 11.02
N LYS A 2 -3.96 12.16 9.97
CA LYS A 2 -4.13 11.41 8.70
C LYS A 2 -3.32 10.12 8.76
N VAL A 3 -3.64 9.17 7.93
CA VAL A 3 -2.89 7.87 7.95
C VAL A 3 -1.81 7.87 6.87
N LYS A 4 -0.62 7.43 7.19
CA LYS A 4 0.44 7.38 6.16
C LYS A 4 0.09 6.31 5.13
N GLY A 5 0.05 6.67 3.88
CA GLY A 5 -0.29 5.66 2.84
C GLY A 5 -0.43 6.33 1.48
N CYS A 6 -0.91 5.63 0.50
CA CYS A 6 -1.06 6.23 -0.86
C CYS A 6 -2.50 6.04 -1.35
N ASP A 7 -3.10 7.09 -1.85
CA ASP A 7 -4.49 6.99 -2.35
C ASP A 7 -4.48 7.05 -3.88
N PHE A 8 -4.75 5.95 -4.54
CA PHE A 8 -4.76 5.95 -6.03
C PHE A 8 -6.16 6.33 -6.51
N THR A 9 -7.05 6.60 -5.59
CA THR A 9 -8.45 6.96 -5.97
C THR A 9 -8.66 8.47 -5.87
N THR A 10 -7.81 9.17 -5.18
CA THR A 10 -8.00 10.64 -5.04
C THR A 10 -6.68 11.33 -4.70
N SER A 11 -6.30 12.32 -5.45
CA SER A 11 -5.03 13.03 -5.14
C SER A 11 -5.16 13.74 -3.79
N GLU A 12 -6.37 14.06 -3.41
CA GLU A 12 -6.60 14.75 -2.10
C GLU A 12 -7.39 13.81 -1.19
N SER A 13 -6.76 12.79 -0.68
CA SER A 13 -7.49 11.84 0.20
C SER A 13 -7.83 12.50 1.54
N THR A 14 -8.90 12.07 2.14
CA THR A 14 -9.30 12.64 3.46
C THR A 14 -8.87 11.67 4.56
N ILE A 15 -8.25 10.59 4.18
CA ILE A 15 -7.79 9.59 5.19
C ILE A 15 -6.28 9.34 5.05
N PHE A 16 -5.73 9.60 3.89
CA PHE A 16 -4.27 9.38 3.70
C PHE A 16 -3.55 10.71 3.42
N SER A 17 -2.42 10.91 4.05
CA SER A 17 -1.68 12.18 3.86
C SER A 17 -1.14 12.30 2.43
N LYS A 18 -1.07 11.22 1.70
CA LYS A 18 -0.54 11.30 0.31
C LYS A 18 -1.49 10.60 -0.68
N GLY A 19 -1.64 11.18 -1.84
CA GLY A 19 -2.55 10.57 -2.85
C GLY A 19 -2.11 11.00 -4.26
N TYR A 20 -2.54 10.30 -5.26
CA TYR A 20 -2.14 10.65 -6.66
C TYR A 20 -3.40 10.96 -7.48
N SER A 21 -3.25 11.73 -8.52
CA SER A 21 -4.43 12.07 -9.37
C SER A 21 -4.56 11.02 -10.49
N ILE A 22 -5.75 10.80 -10.98
CA ILE A 22 -5.92 9.79 -12.06
C ILE A 22 -4.99 10.13 -13.22
N ASN A 23 -4.75 11.39 -13.47
CA ASN A 23 -3.85 11.78 -14.59
C ASN A 23 -2.42 11.36 -14.27
N GLU A 24 -1.96 11.59 -13.07
CA GLU A 24 -0.57 11.21 -12.70
C GLU A 24 -0.34 9.72 -12.97
N ILE A 25 -1.28 8.88 -12.61
CA ILE A 25 -1.10 7.42 -12.84
C ILE A 25 -1.42 7.10 -14.30
N SER A 26 -2.08 7.98 -15.00
CA SER A 26 -2.40 7.72 -16.42
C SER A 26 -2.43 9.04 -17.19
N ASN A 27 -1.28 9.64 -17.41
CA ASN A 27 -1.22 10.92 -18.16
C ASN A 27 -0.71 10.66 -19.58
N LYS A 28 -1.32 11.28 -20.55
CA LYS A 28 -0.87 11.07 -21.96
C LYS A 28 0.66 11.01 -22.01
N SER A 29 1.33 11.89 -21.28
CA SER A 29 2.82 11.86 -21.28
C SER A 29 3.29 11.12 -20.02
N SER A 30 4.20 10.20 -20.16
CA SER A 30 4.70 9.44 -18.98
C SER A 30 6.10 9.94 -18.59
N ASN A 31 6.26 10.40 -17.39
CA ASN A 31 7.60 10.90 -16.94
C ASN A 31 8.29 9.80 -16.13
N ASN A 32 7.82 8.59 -16.22
CA ASN A 32 8.45 7.48 -15.46
C ASN A 32 7.89 6.13 -15.94
N GLN A 33 8.33 5.05 -15.35
CA GLN A 33 7.82 3.72 -15.78
C GLN A 33 6.30 3.67 -15.57
N GLN A 34 5.62 2.80 -16.25
CA GLN A 34 4.14 2.73 -16.10
C GLN A 34 3.80 2.32 -14.67
N ASP A 35 4.53 1.38 -14.12
CA ASP A 35 4.23 0.93 -12.73
C ASP A 35 4.23 2.15 -11.80
N ILE A 36 3.22 2.30 -10.99
CA ILE A 36 3.18 3.46 -10.07
C ILE A 36 3.61 2.99 -8.68
N VAL A 37 4.66 3.56 -8.14
CA VAL A 37 5.13 3.12 -6.80
C VAL A 37 5.01 4.26 -5.79
N CYS A 38 4.36 4.01 -4.68
CA CYS A 38 4.23 5.07 -3.65
C CYS A 38 5.24 4.76 -2.53
N THR A 39 6.35 5.45 -2.51
CA THR A 39 7.35 5.17 -1.45
C THR A 39 7.15 6.13 -0.28
N VAL A 40 6.89 5.61 0.89
CA VAL A 40 6.70 6.48 2.07
C VAL A 40 7.35 5.84 3.30
N LYS A 41 7.82 6.63 4.22
CA LYS A 41 8.46 6.05 5.43
C LYS A 41 7.40 5.85 6.51
N ALA A 42 7.36 4.68 7.10
CA ALA A 42 6.34 4.42 8.17
C ALA A 42 7.02 4.51 9.53
N HIS A 43 6.27 4.88 10.54
CA HIS A 43 6.86 4.99 11.92
C HIS A 43 6.09 4.09 12.87
N ALA A 44 6.73 3.63 13.91
CA ALA A 44 6.03 2.74 14.89
C ALA A 44 4.78 3.43 15.42
N ASN A 45 4.76 4.74 15.42
CA ASN A 45 3.56 5.46 15.92
C ASN A 45 2.67 5.89 14.75
N ASP A 46 3.26 6.05 13.59
CA ASP A 46 2.45 6.48 12.41
C ASP A 46 1.58 5.32 11.92
N LEU A 47 0.34 5.58 11.61
CA LEU A 47 -0.54 4.49 11.11
C LEU A 47 -0.20 4.23 9.65
N ILE A 48 -0.29 3.00 9.20
CA ILE A 48 0.04 2.70 7.78
C ILE A 48 -1.16 2.03 7.08
N GLY A 49 -1.34 2.32 5.82
CA GLY A 49 -2.49 1.72 5.08
C GLY A 49 -2.52 2.27 3.66
N PHE A 50 -3.53 1.97 2.90
CA PHE A 50 -3.60 2.50 1.50
C PHE A 50 -4.97 2.19 0.90
N LYS A 51 -5.28 2.76 -0.25
CA LYS A 51 -6.60 2.49 -0.87
C LYS A 51 -6.46 2.50 -2.40
N CYS A 52 -7.21 1.65 -3.07
CA CYS A 52 -7.14 1.61 -4.56
C CYS A 52 -8.54 1.85 -5.11
N PRO A 53 -8.66 2.37 -6.31
CA PRO A 53 -9.99 2.65 -6.94
C PRO A 53 -10.90 1.42 -6.91
N SER A 54 -12.18 1.64 -6.75
CA SER A 54 -13.15 0.51 -6.69
C SER A 54 -13.25 -0.19 -8.06
N ASN A 55 -12.76 0.43 -9.10
CA ASN A 55 -12.86 -0.20 -10.45
C ASN A 55 -11.63 -1.07 -10.71
N TYR A 56 -10.73 -1.16 -9.76
CA TYR A 56 -9.50 -2.00 -9.95
C TYR A 56 -9.56 -3.23 -9.05
N SER A 57 -8.69 -4.19 -9.30
CA SER A 57 -8.69 -5.41 -8.44
C SER A 57 -7.52 -5.33 -7.46
N VAL A 58 -7.74 -5.63 -6.21
CA VAL A 58 -6.63 -5.54 -5.22
C VAL A 58 -5.92 -6.89 -5.11
N GLU A 59 -4.64 -6.90 -5.32
CA GLU A 59 -3.84 -8.16 -5.22
C GLU A 59 -2.62 -7.88 -4.34
N PRO A 60 -2.40 -8.64 -3.30
CA PRO A 60 -1.24 -8.42 -2.40
C PRO A 60 0.06 -8.97 -3.00
N HIS A 61 0.99 -8.11 -3.30
CA HIS A 61 2.28 -8.59 -3.88
C HIS A 61 3.25 -8.81 -2.72
N ASP A 62 3.01 -8.16 -1.62
CA ASP A 62 3.89 -8.32 -0.43
C ASP A 62 3.26 -7.57 0.74
N CYS A 63 1.96 -7.61 0.85
CA CYS A 63 1.27 -6.89 1.95
C CYS A 63 1.77 -7.41 3.30
N PHE A 64 0.96 -7.34 4.34
CA PHE A 64 1.41 -7.82 5.68
C PHE A 64 0.65 -9.09 6.10
N VAL A 65 -0.65 -9.05 6.19
CA VAL A 65 -1.40 -10.28 6.60
C VAL A 65 -0.84 -11.47 5.84
N SER A 66 -1.14 -11.57 4.57
CA SER A 66 -0.63 -12.70 3.75
C SER A 66 -0.23 -12.15 2.38
N ALA A 67 0.95 -12.45 1.91
CA ALA A 67 1.37 -11.92 0.60
C ALA A 67 2.71 -12.52 0.16
N PHE A 68 3.20 -12.11 -0.97
CA PHE A 68 4.50 -12.66 -1.47
C PHE A 68 5.63 -11.72 -1.01
N ASN A 69 6.60 -12.23 -0.31
CA ASN A 69 7.70 -11.35 0.18
C ASN A 69 8.60 -10.96 -1.01
N LEU A 70 9.67 -10.27 -0.74
CA LEU A 70 10.57 -9.86 -1.85
C LEU A 70 11.17 -11.10 -2.50
N SER A 71 11.19 -12.19 -1.80
CA SER A 71 11.74 -13.45 -2.39
C SER A 71 10.66 -14.08 -3.28
N GLY A 72 9.48 -13.54 -3.25
CA GLY A 72 8.38 -14.10 -4.09
C GLY A 72 7.76 -15.31 -3.38
N LYS A 73 7.98 -15.43 -2.10
CA LYS A 73 7.39 -16.58 -1.36
C LYS A 73 6.15 -16.12 -0.59
N ASN A 74 5.11 -16.91 -0.58
CA ASN A 74 3.87 -16.49 0.14
C ASN A 74 3.96 -16.89 1.61
N GLU A 75 4.08 -15.92 2.48
CA GLU A 75 4.18 -16.24 3.94
C GLU A 75 3.51 -15.13 4.75
N ASN A 76 2.84 -15.48 5.81
CA ASN A 76 2.17 -14.43 6.64
C ASN A 76 3.22 -13.50 7.25
N LEU A 77 2.87 -12.25 7.47
CA LEU A 77 3.85 -11.30 8.05
C LEU A 77 3.61 -11.15 9.56
N GLU A 78 2.70 -11.92 10.10
CA GLU A 78 2.41 -11.80 11.56
C GLU A 78 3.61 -12.30 12.38
N ASN A 79 4.22 -13.38 11.96
CA ASN A 79 5.40 -13.90 12.71
C ASN A 79 6.53 -12.87 12.64
N LYS A 80 6.56 -12.09 11.60
CA LYS A 80 7.64 -11.06 11.47
C LYS A 80 7.23 -9.81 12.26
N LEU A 81 6.03 -9.35 12.08
CA LEU A 81 5.55 -8.14 12.81
C LEU A 81 4.26 -8.47 13.55
N LYS A 82 4.20 -8.20 14.82
CA LYS A 82 2.96 -8.50 15.59
C LYS A 82 1.92 -7.42 15.30
N LEU A 83 1.20 -7.54 14.22
CA LEU A 83 0.18 -6.51 13.88
C LEU A 83 -1.13 -6.78 14.65
N THR A 84 -1.72 -5.76 15.19
CA THR A 84 -2.99 -5.94 15.95
C THR A 84 -4.05 -5.00 15.39
N ASN A 85 -5.30 -5.27 15.65
CA ASN A 85 -6.39 -4.39 15.14
C ASN A 85 -6.27 -4.27 13.62
N ILE A 86 -6.17 -5.37 12.93
CA ILE A 86 -6.04 -5.32 11.45
C ILE A 86 -7.41 -5.07 10.80
N ILE A 87 -7.48 -4.13 9.89
CA ILE A 87 -8.78 -3.83 9.21
C ILE A 87 -8.64 -4.10 7.72
N MET A 88 -9.43 -5.01 7.19
CA MET A 88 -9.33 -5.32 5.72
C MET A 88 -10.71 -5.16 5.06
N ASP A 89 -10.88 -4.16 4.24
CA ASP A 89 -12.19 -3.95 3.56
C ASP A 89 -12.00 -4.16 2.05
N HIS A 90 -12.38 -5.30 1.54
CA HIS A 90 -12.21 -5.56 0.09
C HIS A 90 -13.20 -4.73 -0.74
N TYR A 91 -14.39 -4.53 -0.25
CA TYR A 91 -15.38 -3.73 -1.01
C TYR A 91 -14.84 -2.31 -1.23
N ASN A 92 -14.31 -1.70 -0.22
CA ASN A 92 -13.76 -0.33 -0.38
C ASN A 92 -12.30 -0.42 -0.82
N ASN A 93 -11.77 -1.60 -0.86
CA ASN A 93 -10.35 -1.78 -1.30
C ASN A 93 -9.42 -0.90 -0.46
N THR A 94 -9.55 -0.94 0.84
CA THR A 94 -8.67 -0.10 1.71
C THR A 94 -8.12 -0.97 2.85
N PHE A 95 -6.86 -0.84 3.16
CA PHE A 95 -6.26 -1.67 4.24
C PHE A 95 -5.60 -0.75 5.29
N TYR A 96 -5.76 -1.05 6.55
CA TYR A 96 -5.13 -0.20 7.61
C TYR A 96 -4.51 -1.11 8.67
N SER A 97 -3.41 -0.69 9.25
CA SER A 97 -2.77 -1.53 10.31
C SER A 97 -1.94 -0.62 11.23
N ARG A 98 -1.71 -1.04 12.45
CA ARG A 98 -0.91 -0.20 13.40
C ARG A 98 0.47 -0.80 13.61
N LEU A 99 1.47 0.01 13.66
CA LEU A 99 2.86 -0.50 13.86
C LEU A 99 3.23 -0.42 15.35
N PRO A 100 3.94 -1.39 15.88
CA PRO A 100 4.38 -1.37 17.30
C PRO A 100 4.94 0.00 17.68
N SER A 101 5.29 0.19 18.92
CA SER A 101 5.85 1.50 19.35
C SER A 101 7.35 1.56 19.06
N LEU A 102 7.94 0.46 18.69
CA LEU A 102 9.41 0.44 18.42
C LEU A 102 9.72 -0.41 17.18
N ILE A 103 10.49 0.12 16.27
CA ILE A 103 10.87 -0.65 15.05
C ILE A 103 12.28 -0.23 14.62
N SER A 104 13.27 -1.04 14.90
CA SER A 104 14.67 -0.68 14.50
C SER A 104 15.05 -1.43 13.23
N ASP A 105 14.19 -2.27 12.73
CA ASP A 105 14.51 -3.03 11.49
C ASP A 105 14.23 -2.16 10.26
N ASN A 106 14.95 -2.40 9.19
CA ASN A 106 14.75 -1.62 7.95
C ASN A 106 13.89 -2.43 6.98
N TRP A 107 12.99 -3.24 7.50
CA TRP A 107 12.14 -4.08 6.61
C TRP A 107 11.19 -3.20 5.79
N LYS A 108 10.68 -3.75 4.72
CA LYS A 108 9.75 -2.98 3.85
C LYS A 108 8.70 -3.93 3.28
N PHE A 109 7.57 -3.43 2.87
CA PHE A 109 6.52 -4.33 2.30
C PHE A 109 5.69 -3.54 1.29
N PHE A 110 4.96 -4.20 0.42
CA PHE A 110 4.15 -3.44 -0.56
C PHE A 110 2.91 -4.23 -1.02
N CYS A 111 1.94 -3.53 -1.53
CA CYS A 111 0.70 -4.18 -2.03
C CYS A 111 0.48 -3.74 -3.49
N VAL A 112 -0.23 -4.50 -4.27
CA VAL A 112 -0.42 -4.12 -5.70
C VAL A 112 -1.91 -4.15 -6.10
N CYS A 113 -2.31 -3.19 -6.90
CA CYS A 113 -3.71 -3.13 -7.41
C CYS A 113 -3.63 -3.08 -8.94
N SER A 114 -4.41 -3.87 -9.65
CA SER A 114 -4.29 -3.83 -11.13
C SER A 114 -5.43 -4.61 -11.81
N LYS A 115 -5.43 -4.60 -13.12
CA LYS A 115 -6.45 -5.33 -13.91
C LYS A 115 -5.83 -5.67 -15.27
N ASP A 116 -6.41 -6.58 -15.99
CA ASP A 116 -5.84 -6.93 -17.33
C ASP A 116 -5.80 -5.67 -18.20
N ASN A 117 -4.91 -5.61 -19.14
CA ASN A 117 -4.83 -4.41 -20.03
C ASN A 117 -4.95 -3.14 -19.17
N GLU A 118 -4.06 -2.94 -18.23
CA GLU A 118 -4.14 -1.71 -17.39
C GLU A 118 -2.82 -1.51 -16.63
N LYS A 119 -2.44 -0.28 -16.42
CA LYS A 119 -1.17 -0.02 -15.67
C LYS A 119 -1.33 -0.51 -14.23
N LYS A 120 -0.35 -1.21 -13.71
CA LYS A 120 -0.45 -1.73 -12.31
C LYS A 120 -0.04 -0.64 -11.32
N LEU A 121 -0.64 -0.65 -10.16
CA LEU A 121 -0.29 0.35 -9.11
C LEU A 121 0.43 -0.34 -7.96
N VAL A 122 1.61 0.11 -7.61
CA VAL A 122 2.35 -0.55 -6.48
C VAL A 122 2.39 0.36 -5.25
N PHE A 123 2.04 -0.17 -4.12
CA PHE A 123 2.07 0.63 -2.86
C PHE A 123 3.22 0.11 -1.99
N THR A 124 4.17 0.94 -1.65
CA THR A 124 5.32 0.43 -0.83
C THR A 124 5.72 1.39 0.30
N VAL A 125 6.09 0.84 1.42
CA VAL A 125 6.53 1.66 2.57
C VAL A 125 7.76 0.99 3.20
N GLU A 126 8.56 1.72 3.93
CA GLU A 126 9.77 1.11 4.56
C GLU A 126 9.89 1.55 6.03
N ALA A 127 10.55 0.77 6.83
CA ALA A 127 10.72 1.12 8.27
C ALA A 127 11.84 0.28 8.88
#